data_8EGM
#
_entry.id   8EGM
#
_cell.length_a   285.260
_cell.length_b   109.200
_cell.length_c   108.710
_cell.angle_alpha   90.000
_cell.angle_beta   112.403
_cell.angle_gamma   90.000
#
_symmetry.space_group_name_H-M   'C 1 2 1'
#
loop_
_entity.id
_entity.type
_entity.pdbx_description
1 polymer 'UDP-N-acetylmuramate--L-alanine ligase'
2 non-polymer '(2R)-2-({4-[(5-tert-butyl-1-methyl-1H-pyrazol-3-yl)amino]-1H-pyrazolo[3,4-d]pyrimidin-6-yl}amino)-2-phenylethyl (2-aminoethyl)carbamate'
3 non-polymer 'SULFATE ION'
4 water water
#
_entity_poly.entity_id   1
_entity_poly.type   'polypeptide(L)'
_entity_poly.pdbx_seq_one_letter_code
;MAHHHHHHMRRIHFVGIGGAGMCGIAEVLLNLGYEVSGSDLKASAVTERLEKFGAQIFIGHQAENADGADVLVVSSAINR
ANPEVASALERRIPVVPRAEMLAELMRYRHGIAVAGTHGKTTTTSLIASVFAAGGLDPTFVIGGRLNAAGTNAQLGASRY
LVAEADESDASFLHLQPMVAVVTNIDADHMATYGGDFNKLKKTFVEFLHNLPFYGLAVMCVDDPVVREILPQIARPTVTY
GLSEDADVRAINIRQEGMRTWFTVLRPEREPLDVSVNMPGLHNVLNSLATIVIATDEGISDEAIVQGLSGFQGVGR
;
_entity_poly.pdbx_strand_id   A,B,C,D,E,F,G,H
#
# COMPACT_ATOMS: atom_id res chain seq x y z
N MET A 9 -7.56 -13.43 -16.34
CA MET A 9 -6.19 -13.71 -15.92
C MET A 9 -5.22 -12.73 -16.58
N ARG A 10 -4.27 -12.20 -15.80
CA ARG A 10 -3.36 -11.17 -16.30
C ARG A 10 -1.89 -11.43 -15.98
N ARG A 11 -1.60 -12.17 -14.90
CA ARG A 11 -0.22 -12.41 -14.47
CA ARG A 11 -0.22 -12.41 -14.47
C ARG A 11 0.11 -13.89 -14.59
N ILE A 12 1.13 -14.20 -15.38
CA ILE A 12 1.58 -15.56 -15.64
C ILE A 12 2.92 -15.76 -14.96
N HIS A 13 3.06 -16.85 -14.21
CA HIS A 13 4.28 -17.15 -13.45
C HIS A 13 4.93 -18.41 -13.99
N PHE A 14 6.20 -18.31 -14.39
CA PHE A 14 6.95 -19.43 -14.94
C PHE A 14 7.85 -20.00 -13.85
N VAL A 15 7.70 -21.29 -13.57
CA VAL A 15 8.61 -21.96 -12.64
C VAL A 15 9.77 -22.53 -13.46
N GLY A 16 10.97 -21.98 -13.27
CA GLY A 16 12.09 -22.31 -14.12
C GLY A 16 12.12 -21.47 -15.39
N ILE A 17 11.92 -20.16 -15.24
CA ILE A 17 11.75 -19.30 -16.41
C ILE A 17 13.02 -19.21 -17.25
N GLY A 18 14.17 -19.55 -16.69
CA GLY A 18 15.37 -19.49 -17.49
C GLY A 18 15.58 -20.66 -18.43
N GLY A 19 14.75 -21.70 -18.31
CA GLY A 19 14.90 -22.86 -19.17
C GLY A 19 14.76 -22.51 -20.63
N ALA A 20 15.40 -23.32 -21.48
CA ALA A 20 15.50 -23.02 -22.92
C ALA A 20 14.15 -23.06 -23.60
N GLY A 21 13.24 -23.93 -23.14
CA GLY A 21 11.90 -23.95 -23.66
C GLY A 21 10.93 -22.99 -23.00
N MET A 22 11.33 -22.36 -21.90
CA MET A 22 10.43 -21.48 -21.15
C MET A 22 10.60 -20.00 -21.48
N CYS A 23 11.85 -19.52 -21.60
CA CYS A 23 12.07 -18.07 -21.75
C CYS A 23 11.39 -17.51 -22.98
N GLY A 24 11.38 -18.27 -24.07
CA GLY A 24 10.75 -17.80 -25.28
C GLY A 24 9.27 -17.55 -25.11
N ILE A 25 8.57 -18.46 -24.40
CA ILE A 25 7.13 -18.31 -24.16
C ILE A 25 6.87 -17.09 -23.30
N ALA A 26 7.68 -16.90 -22.27
CA ALA A 26 7.53 -15.72 -21.41
C ALA A 26 7.74 -14.44 -22.21
N GLU A 27 8.68 -14.45 -23.15
CA GLU A 27 8.93 -13.27 -23.95
C GLU A 27 7.74 -12.92 -24.85
N VAL A 28 7.09 -13.93 -25.45
CA VAL A 28 5.91 -13.64 -26.26
C VAL A 28 4.80 -13.06 -25.39
N LEU A 29 4.60 -13.62 -24.20
CA LEU A 29 3.55 -13.13 -23.33
C LEU A 29 3.81 -11.70 -22.90
N LEU A 30 5.07 -11.36 -22.67
CA LEU A 30 5.41 -9.95 -22.45
C LEU A 30 5.05 -9.13 -23.68
N ASN A 31 5.38 -9.64 -24.87
CA ASN A 31 5.06 -8.91 -26.09
C ASN A 31 3.56 -8.76 -26.26
N LEU A 32 2.78 -9.73 -25.78
CA LEU A 32 1.34 -9.65 -25.90
C LEU A 32 0.70 -8.71 -24.88
N GLY A 33 1.48 -8.21 -23.91
CA GLY A 33 0.96 -7.27 -22.93
C GLY A 33 0.64 -7.82 -21.55
N TYR A 34 0.98 -9.08 -21.26
CA TYR A 34 0.71 -9.70 -19.97
C TYR A 34 1.76 -9.31 -18.93
N GLU A 35 1.37 -9.37 -17.66
CA GLU A 35 2.35 -9.38 -16.57
C GLU A 35 2.98 -10.76 -16.49
N VAL A 36 4.31 -10.81 -16.49
CA VAL A 36 5.02 -12.07 -16.48
C VAL A 36 5.99 -12.07 -15.30
N SER A 37 5.94 -13.12 -14.49
CA SER A 37 6.93 -13.35 -13.46
C SER A 37 7.54 -14.73 -13.68
N GLY A 38 8.67 -14.97 -13.05
CA GLY A 38 9.28 -16.29 -13.18
C GLY A 38 10.34 -16.50 -12.13
N SER A 39 10.56 -17.75 -11.72
CA SER A 39 11.61 -18.08 -10.77
C SER A 39 12.66 -18.97 -11.42
N ASP A 40 13.88 -18.91 -10.90
CA ASP A 40 14.91 -19.83 -11.36
C ASP A 40 16.00 -19.95 -10.31
N LEU A 41 16.80 -21.00 -10.44
CA LEU A 41 17.88 -21.22 -9.48
C LEU A 41 19.04 -20.25 -9.67
N LYS A 42 19.30 -19.83 -10.90
CA LYS A 42 20.42 -18.94 -11.17
C LYS A 42 20.02 -17.81 -12.10
N ALA A 43 20.47 -16.60 -11.78
CA ALA A 43 20.37 -15.50 -12.74
C ALA A 43 21.28 -15.78 -13.90
N SER A 44 20.82 -15.45 -15.10
CA SER A 44 21.60 -15.65 -16.32
C SER A 44 21.30 -14.49 -17.26
N ALA A 45 22.03 -14.44 -18.38
CA ALA A 45 21.71 -13.46 -19.41
C ALA A 45 20.29 -13.63 -19.91
N VAL A 46 19.75 -14.84 -19.81
CA VAL A 46 18.38 -15.08 -20.24
C VAL A 46 17.40 -14.37 -19.32
N THR A 47 17.62 -14.47 -18.01
CA THR A 47 16.71 -13.81 -17.08
C THR A 47 16.92 -12.30 -17.06
N GLU A 48 18.14 -11.84 -17.31
CA GLU A 48 18.38 -10.41 -17.41
C GLU A 48 17.67 -9.84 -18.64
N ARG A 49 17.70 -10.57 -19.76
CA ARG A 49 16.99 -10.08 -20.93
C ARG A 49 15.50 -10.01 -20.67
N LEU A 50 14.94 -11.07 -20.09
CA LEU A 50 13.53 -11.07 -19.73
C LEU A 50 13.19 -9.94 -18.78
N GLU A 51 14.06 -9.66 -17.81
CA GLU A 51 13.79 -8.59 -16.87
C GLU A 51 13.82 -7.24 -17.57
N LYS A 52 14.76 -7.06 -18.52
CA LYS A 52 14.80 -5.83 -19.31
C LYS A 52 13.49 -5.61 -20.05
N PHE A 53 12.84 -6.69 -20.44
CA PHE A 53 11.58 -6.59 -21.18
C PHE A 53 10.36 -6.51 -20.27
N GLY A 54 10.55 -6.44 -18.94
CA GLY A 54 9.46 -6.25 -18.01
C GLY A 54 9.11 -7.45 -17.14
N ALA A 55 9.79 -8.57 -17.27
CA ALA A 55 9.49 -9.71 -16.43
C ALA A 55 9.97 -9.46 -15.01
N GLN A 56 9.23 -9.96 -14.03
CA GLN A 56 9.69 -9.96 -12.64
C GLN A 56 10.35 -11.30 -12.35
N ILE A 57 11.63 -11.27 -11.99
CA ILE A 57 12.45 -12.47 -11.84
C ILE A 57 12.71 -12.70 -10.36
N PHE A 58 12.48 -13.94 -9.91
CA PHE A 58 12.86 -14.39 -8.58
C PHE A 58 13.95 -15.46 -8.70
N ILE A 59 15.01 -15.33 -7.93
CA ILE A 59 16.05 -16.34 -7.88
C ILE A 59 15.80 -17.24 -6.68
N GLY A 60 15.76 -18.55 -6.91
CA GLY A 60 15.37 -19.44 -5.83
C GLY A 60 13.88 -19.71 -5.84
N HIS A 61 13.50 -20.87 -5.31
CA HIS A 61 12.10 -21.30 -5.29
C HIS A 61 11.55 -21.18 -3.87
N GLN A 62 10.52 -20.36 -3.71
CA GLN A 62 9.79 -20.28 -2.46
C GLN A 62 8.34 -19.98 -2.79
N ALA A 63 7.44 -20.42 -1.90
CA ALA A 63 6.01 -20.35 -2.18
C ALA A 63 5.57 -18.95 -2.56
N GLU A 64 6.16 -17.93 -1.92
CA GLU A 64 5.72 -16.56 -2.13
C GLU A 64 5.99 -16.07 -3.55
N ASN A 65 6.89 -16.73 -4.28
CA ASN A 65 7.14 -16.30 -5.66
C ASN A 65 5.90 -16.44 -6.52
N ALA A 66 4.99 -17.33 -6.15
CA ALA A 66 3.77 -17.57 -6.92
C ALA A 66 2.62 -16.69 -6.51
N ASP A 67 2.80 -15.85 -5.49
CA ASP A 67 1.72 -14.98 -5.02
C ASP A 67 1.31 -14.03 -6.13
N GLY A 68 0.01 -13.88 -6.32
CA GLY A 68 -0.51 -13.01 -7.35
C GLY A 68 -0.56 -13.60 -8.74
N ALA A 69 0.07 -14.74 -8.99
CA ALA A 69 0.03 -15.32 -10.33
C ALA A 69 -1.39 -15.78 -10.63
N ASP A 70 -1.82 -15.58 -11.87
CA ASP A 70 -3.13 -16.09 -12.27
C ASP A 70 -3.04 -17.49 -12.85
N VAL A 71 -1.88 -17.84 -13.41
CA VAL A 71 -1.63 -19.18 -13.93
C VAL A 71 -0.15 -19.43 -13.79
N LEU A 72 0.21 -20.70 -13.57
CA LEU A 72 1.60 -21.10 -13.52
C LEU A 72 1.92 -21.94 -14.75
N VAL A 73 3.13 -21.77 -15.25
CA VAL A 73 3.66 -22.60 -16.32
C VAL A 73 4.85 -23.34 -15.77
N VAL A 74 4.86 -24.67 -15.89
CA VAL A 74 5.92 -25.48 -15.30
C VAL A 74 6.59 -26.32 -16.36
N SER A 75 7.86 -26.65 -16.09
CA SER A 75 8.72 -27.32 -17.05
C SER A 75 8.23 -28.72 -17.34
N SER A 76 8.25 -29.09 -18.63
CA SER A 76 8.09 -30.46 -19.08
C SER A 76 8.50 -31.43 -17.98
N ALA A 77 7.49 -31.97 -17.28
CA ALA A 77 7.54 -32.76 -16.04
C ALA A 77 6.38 -32.32 -15.15
N ARG A 80 7.37 -31.01 -8.97
CA ARG A 80 5.96 -31.16 -8.63
C ARG A 80 5.75 -31.09 -7.11
N ALA A 81 6.79 -31.48 -6.36
CA ALA A 81 6.90 -31.12 -4.95
C ALA A 81 7.31 -29.67 -4.75
N ASN A 82 7.63 -28.97 -5.83
CA ASN A 82 8.09 -27.59 -5.79
C ASN A 82 7.13 -26.70 -5.00
N PRO A 83 7.63 -25.89 -4.07
CA PRO A 83 6.72 -25.12 -3.21
C PRO A 83 5.87 -24.09 -3.95
N GLU A 84 6.35 -23.58 -5.09
CA GLU A 84 5.51 -22.67 -5.88
C GLU A 84 4.35 -23.42 -6.49
N VAL A 85 4.63 -24.61 -7.05
CA VAL A 85 3.57 -25.43 -7.62
C VAL A 85 2.57 -25.85 -6.55
N ALA A 86 3.08 -26.43 -5.47
CA ALA A 86 2.20 -26.87 -4.39
C ALA A 86 1.36 -25.72 -3.87
N SER A 87 1.96 -24.54 -3.75
CA SER A 87 1.22 -23.38 -3.28
C SER A 87 0.11 -23.01 -4.28
N ALA A 88 0.41 -23.09 -5.57
CA ALA A 88 -0.59 -22.76 -6.59
C ALA A 88 -1.74 -23.75 -6.59
N LEU A 89 -1.45 -25.04 -6.43
CA LEU A 89 -2.52 -26.02 -6.40
C LEU A 89 -3.42 -25.82 -5.19
N GLU A 90 -2.82 -25.65 -4.01
CA GLU A 90 -3.61 -25.43 -2.81
C GLU A 90 -4.47 -24.18 -2.93
N ARG A 91 -4.03 -23.20 -3.71
CA ARG A 91 -4.78 -21.98 -3.90
C ARG A 91 -5.63 -22.03 -5.17
N ARG A 92 -5.71 -23.20 -5.80
CA ARG A 92 -6.55 -23.43 -6.99
C ARG A 92 -6.16 -22.54 -8.17
N ILE A 93 -4.89 -22.16 -8.23
CA ILE A 93 -4.34 -21.50 -9.41
C ILE A 93 -4.04 -22.56 -10.46
N PRO A 94 -4.52 -22.42 -11.70
CA PRO A 94 -4.23 -23.44 -12.71
C PRO A 94 -2.74 -23.51 -13.01
N VAL A 95 -2.25 -24.74 -13.16
CA VAL A 95 -0.87 -25.01 -13.46
C VAL A 95 -0.86 -25.68 -14.82
N VAL A 96 -0.32 -24.98 -15.81
CA VAL A 96 -0.37 -25.41 -17.21
CA VAL A 96 -0.38 -25.48 -17.17
C VAL A 96 1.01 -25.91 -17.63
N PRO A 97 1.12 -27.02 -18.35
CA PRO A 97 2.44 -27.44 -18.83
C PRO A 97 2.95 -26.52 -19.93
N ARG A 98 4.28 -26.47 -20.02
CA ARG A 98 4.96 -25.64 -21.01
C ARG A 98 4.37 -25.82 -22.41
N ALA A 99 4.16 -27.07 -22.83
CA ALA A 99 3.69 -27.33 -24.20
C ALA A 99 2.31 -26.75 -24.44
N GLU A 100 1.44 -26.74 -23.42
CA GLU A 100 0.12 -26.16 -23.62
CA GLU A 100 0.11 -26.15 -23.54
C GLU A 100 0.20 -24.66 -23.82
N MET A 101 1.01 -23.96 -23.02
CA MET A 101 1.09 -22.50 -23.15
C MET A 101 1.69 -22.13 -24.49
N LEU A 102 2.68 -22.91 -24.93
CA LEU A 102 3.28 -22.70 -26.25
C LEU A 102 2.21 -22.81 -27.35
N ALA A 103 1.40 -23.86 -27.31
CA ALA A 103 0.37 -24.05 -28.33
C ALA A 103 -0.64 -22.92 -28.33
N GLU A 104 -0.91 -22.38 -27.16
CA GLU A 104 -1.88 -21.32 -26.98
C GLU A 104 -1.43 -20.01 -27.64
N LEU A 105 -0.14 -19.82 -27.85
CA LEU A 105 0.33 -18.56 -28.42
C LEU A 105 -0.26 -18.33 -29.80
N MET A 106 -0.62 -19.39 -30.51
CA MET A 106 -1.17 -19.27 -31.85
C MET A 106 -2.52 -18.56 -31.89
N ARG A 107 -3.23 -18.52 -30.77
CA ARG A 107 -4.52 -17.83 -30.75
C ARG A 107 -4.39 -16.34 -30.93
N TYR A 108 -3.21 -15.78 -30.70
CA TYR A 108 -3.00 -14.34 -30.77
C TYR A 108 -2.42 -13.89 -32.09
N ARG A 109 -2.12 -14.81 -33.00
CA ARG A 109 -1.35 -14.47 -34.17
C ARG A 109 -1.95 -15.18 -35.36
N HIS A 110 -1.44 -14.86 -36.55
CA HIS A 110 -1.83 -15.59 -37.75
C HIS A 110 -1.01 -16.86 -37.77
N GLY A 111 -1.60 -17.94 -37.26
CA GLY A 111 -0.84 -19.16 -36.98
C GLY A 111 -0.77 -20.07 -38.18
N ILE A 112 0.44 -20.54 -38.48
CA ILE A 112 0.66 -21.55 -39.50
C ILE A 112 1.18 -22.80 -38.81
N ALA A 113 0.35 -23.85 -38.76
CA ALA A 113 0.70 -25.10 -38.09
C ALA A 113 1.25 -26.08 -39.13
N VAL A 114 2.49 -26.50 -38.94
CA VAL A 114 3.14 -27.43 -39.85
C VAL A 114 3.05 -28.81 -39.21
N ALA A 115 2.08 -29.61 -39.65
CA ALA A 115 1.83 -30.94 -39.13
C ALA A 115 2.32 -31.99 -40.11
N GLY A 116 2.31 -33.23 -39.64
CA GLY A 116 2.82 -34.35 -40.42
C GLY A 116 3.88 -35.09 -39.61
N THR A 117 4.09 -36.36 -39.91
CA THR A 117 5.03 -37.12 -39.07
C THR A 117 6.47 -36.74 -39.37
N HIS A 118 6.80 -36.51 -40.64
CA HIS A 118 8.16 -36.18 -41.03
C HIS A 118 8.20 -34.88 -41.81
N GLY A 119 9.28 -34.13 -41.63
CA GLY A 119 9.50 -32.91 -42.39
C GLY A 119 9.02 -31.62 -41.74
N LYS A 120 8.54 -31.67 -40.50
CA LYS A 120 8.00 -30.47 -39.88
C LYS A 120 9.08 -29.43 -39.66
N THR A 121 10.25 -29.87 -39.19
CA THR A 121 11.30 -28.92 -38.85
C THR A 121 11.81 -28.18 -40.08
N THR A 122 12.11 -28.92 -41.14
CA THR A 122 12.60 -28.27 -42.35
C THR A 122 11.53 -27.40 -42.99
N THR A 123 10.28 -27.88 -43.03
CA THR A 123 9.23 -27.08 -43.65
C THR A 123 8.98 -25.79 -42.87
N THR A 124 8.95 -25.88 -41.53
CA THR A 124 8.80 -24.69 -40.71
C THR A 124 9.93 -23.71 -41.00
N SER A 125 11.17 -24.20 -41.06
CA SER A 125 12.29 -23.32 -41.35
C SER A 125 12.20 -22.72 -42.74
N LEU A 126 11.78 -23.50 -43.74
CA LEU A 126 11.67 -22.95 -45.08
C LEU A 126 10.61 -21.87 -45.14
N ILE A 127 9.46 -22.10 -44.49
CA ILE A 127 8.41 -21.09 -44.40
C ILE A 127 8.93 -19.84 -43.73
N ALA A 128 9.58 -19.99 -42.56
CA ALA A 128 10.17 -18.83 -41.91
C ALA A 128 11.13 -18.10 -42.83
N SER A 129 11.90 -18.85 -43.62
CA SER A 129 12.92 -18.20 -44.46
C SER A 129 12.27 -17.40 -45.58
N VAL A 130 11.20 -17.91 -46.16
CA VAL A 130 10.50 -17.21 -47.23
C VAL A 130 9.75 -16.00 -46.67
N PHE A 131 9.05 -16.18 -45.56
CA PHE A 131 8.37 -15.06 -44.93
C PHE A 131 9.38 -13.99 -44.52
N ALA A 132 10.54 -14.38 -44.00
CA ALA A 132 11.56 -13.38 -43.69
C ALA A 132 11.99 -12.65 -44.96
N ALA A 133 12.18 -13.37 -46.05
CA ALA A 133 12.57 -12.73 -47.30
C ALA A 133 11.51 -11.74 -47.78
N GLY A 134 10.25 -11.99 -47.44
CA GLY A 134 9.22 -11.02 -47.76
C GLY A 134 9.06 -9.91 -46.75
N GLY A 135 9.95 -9.85 -45.75
CA GLY A 135 9.94 -8.75 -44.80
C GLY A 135 9.02 -8.93 -43.63
N LEU A 136 8.54 -10.16 -43.36
CA LEU A 136 7.51 -10.39 -42.36
C LEU A 136 8.05 -10.82 -41.01
N ASP A 137 9.36 -11.09 -40.89
CA ASP A 137 10.05 -11.40 -39.62
C ASP A 137 9.27 -12.37 -38.72
N PRO A 138 8.83 -13.52 -39.22
CA PRO A 138 7.95 -14.37 -38.41
C PRO A 138 8.65 -14.94 -37.19
N THR A 139 7.87 -15.14 -36.13
CA THR A 139 8.30 -16.00 -35.03
C THR A 139 7.97 -17.44 -35.40
N PHE A 140 8.89 -18.36 -35.11
CA PHE A 140 8.66 -19.75 -35.44
C PHE A 140 9.14 -20.69 -34.34
N VAL A 141 8.52 -21.87 -34.29
CA VAL A 141 8.75 -22.85 -33.23
C VAL A 141 9.28 -24.11 -33.87
N ILE A 142 10.54 -24.44 -33.60
CA ILE A 142 11.10 -25.71 -34.00
C ILE A 142 11.67 -26.37 -32.75
N GLY A 143 11.41 -27.67 -32.60
CA GLY A 143 11.89 -28.38 -31.42
C GLY A 143 11.44 -27.76 -30.12
N GLY A 144 10.22 -27.21 -30.07
CA GLY A 144 9.77 -26.57 -28.86
C GLY A 144 10.47 -25.27 -28.49
N ARG A 145 11.27 -24.69 -29.39
CA ARG A 145 11.98 -23.44 -29.13
C ARG A 145 11.47 -22.36 -30.06
N LEU A 146 11.11 -21.22 -29.48
CA LEU A 146 10.66 -20.06 -30.25
C LEU A 146 11.88 -19.32 -30.79
N ASN A 147 11.80 -18.94 -32.06
CA ASN A 147 12.86 -18.20 -32.75
C ASN A 147 12.24 -17.12 -33.61
N ALA A 148 13.06 -16.15 -33.95
CA ALA A 148 12.67 -15.17 -34.95
C ALA A 148 13.86 -14.83 -35.82
N ALA A 149 14.74 -15.80 -36.03
CA ALA A 149 15.92 -15.64 -36.88
C ALA A 149 16.70 -14.42 -36.41
N GLY A 150 17.23 -13.65 -37.35
CA GLY A 150 17.90 -12.45 -36.94
C GLY A 150 16.89 -11.35 -36.69
N THR A 151 16.20 -11.41 -35.56
CA THR A 151 15.21 -10.39 -35.26
C THR A 151 15.81 -9.34 -34.33
N ASN A 152 15.34 -8.11 -34.52
CA ASN A 152 15.70 -6.99 -33.65
C ASN A 152 14.58 -6.64 -32.67
N ALA A 153 13.75 -7.61 -32.29
CA ALA A 153 12.54 -7.32 -31.54
C ALA A 153 12.25 -8.48 -30.59
N GLN A 154 11.32 -8.24 -29.67
CA GLN A 154 10.81 -9.32 -28.85
C GLN A 154 10.21 -10.42 -29.73
N LEU A 155 10.40 -11.66 -29.33
CA LEU A 155 9.71 -12.77 -29.97
C LEU A 155 8.21 -12.51 -29.97
N GLY A 156 7.53 -12.96 -31.02
CA GLY A 156 6.11 -12.72 -31.13
C GLY A 156 5.72 -11.38 -31.72
N ALA A 157 6.67 -10.53 -32.10
CA ALA A 157 6.31 -9.20 -32.59
C ALA A 157 5.62 -9.27 -33.95
N SER A 158 6.03 -10.20 -34.80
CA SER A 158 5.41 -10.38 -36.11
C SER A 158 3.93 -10.76 -35.98
N ARG A 159 3.18 -10.46 -37.04
CA ARG A 159 1.81 -10.96 -37.16
C ARG A 159 1.75 -12.47 -37.26
N TYR A 160 2.84 -13.12 -37.68
CA TYR A 160 2.82 -14.53 -38.06
C TYR A 160 3.51 -15.37 -37.00
N LEU A 161 2.93 -16.54 -36.73
CA LEU A 161 3.54 -17.55 -35.88
C LEU A 161 3.51 -18.88 -36.61
N VAL A 162 4.68 -19.41 -36.95
CA VAL A 162 4.81 -20.67 -37.69
C VAL A 162 5.31 -21.72 -36.72
N ALA A 163 4.54 -22.80 -36.56
CA ALA A 163 4.90 -23.77 -35.52
C ALA A 163 4.71 -25.20 -35.98
N GLU A 164 5.67 -26.05 -35.61
CA GLU A 164 5.51 -27.47 -35.75
C GLU A 164 4.29 -27.93 -34.95
N ALA A 165 3.49 -28.81 -35.52
CA ALA A 165 2.38 -29.43 -34.83
C ALA A 165 2.62 -30.94 -34.78
N ASP A 166 3.01 -31.43 -33.61
CA ASP A 166 3.43 -32.81 -33.44
C ASP A 166 2.24 -33.62 -32.97
N GLU A 167 1.87 -34.65 -33.74
CA GLU A 167 0.69 -35.42 -33.35
C GLU A 167 0.90 -36.20 -32.06
N SER A 168 2.13 -36.30 -31.55
CA SER A 168 2.33 -36.96 -30.25
C SER A 168 2.20 -35.99 -29.10
N ASP A 169 2.09 -34.70 -29.40
CA ASP A 169 1.97 -33.69 -28.37
C ASP A 169 0.55 -33.68 -27.80
N ALA A 170 0.45 -33.60 -26.47
CA ALA A 170 -0.86 -33.54 -25.83
C ALA A 170 -1.70 -32.35 -26.30
N SER A 171 -1.08 -31.29 -26.79
CA SER A 171 -1.83 -30.12 -27.20
C SER A 171 -2.24 -30.12 -28.68
N PHE A 172 -1.99 -31.22 -29.39
CA PHE A 172 -2.24 -31.27 -30.83
C PHE A 172 -3.65 -30.78 -31.20
N LEU A 173 -4.67 -31.31 -30.53
CA LEU A 173 -6.04 -30.96 -30.91
C LEU A 173 -6.51 -29.66 -30.29
N HIS A 174 -5.60 -28.89 -29.71
CA HIS A 174 -5.93 -27.60 -29.16
C HIS A 174 -5.23 -26.46 -29.87
N LEU A 175 -4.47 -26.75 -30.93
CA LEU A 175 -3.90 -25.68 -31.72
C LEU A 175 -5.00 -25.00 -32.53
N GLN A 176 -4.92 -23.67 -32.65
CA GLN A 176 -5.91 -22.90 -33.40
C GLN A 176 -5.24 -22.15 -34.56
N PRO A 177 -4.77 -22.87 -35.56
CA PRO A 177 -4.08 -22.21 -36.68
C PRO A 177 -5.06 -21.60 -37.67
N MET A 178 -4.51 -20.71 -38.52
CA MET A 178 -5.21 -20.20 -39.69
C MET A 178 -4.92 -21.05 -40.91
N VAL A 179 -3.74 -21.66 -40.97
CA VAL A 179 -3.31 -22.52 -42.06
C VAL A 179 -2.63 -23.71 -41.44
N ALA A 180 -2.85 -24.89 -42.01
CA ALA A 180 -2.20 -26.10 -41.51
C ALA A 180 -1.67 -26.92 -42.68
N VAL A 181 -0.43 -27.39 -42.55
CA VAL A 181 0.16 -28.33 -43.49
C VAL A 181 0.07 -29.71 -42.88
N VAL A 182 -0.17 -30.71 -43.73
CA VAL A 182 0.04 -32.10 -43.38
C VAL A 182 1.00 -32.66 -44.41
N THR A 183 2.26 -32.87 -44.00
CA THR A 183 3.29 -33.33 -44.92
C THR A 183 3.11 -34.81 -45.25
N ASN A 184 2.70 -35.62 -44.27
CA ASN A 184 2.56 -37.07 -44.38
C ASN A 184 2.03 -37.61 -43.06
N ILE A 185 1.52 -38.84 -43.08
CA ILE A 185 0.96 -39.47 -41.89
C ILE A 185 1.59 -40.83 -41.73
N ASP A 186 2.51 -40.95 -40.79
CA ASP A 186 3.22 -42.20 -40.58
C ASP A 186 2.78 -42.77 -39.24
N ALA A 187 3.35 -43.93 -38.89
CA ALA A 187 2.92 -44.69 -37.73
C ALA A 187 3.82 -44.51 -36.52
N ASP A 188 4.79 -43.61 -36.57
CA ASP A 188 5.72 -43.41 -35.47
C ASP A 188 5.01 -43.31 -34.13
N HIS A 189 3.89 -42.59 -34.07
CA HIS A 189 3.25 -42.24 -32.82
C HIS A 189 1.94 -42.99 -32.61
N MET A 190 1.84 -44.21 -33.16
CA MET A 190 0.66 -45.03 -32.97
C MET A 190 0.35 -45.25 -31.49
N ALA A 191 1.38 -45.39 -30.66
CA ALA A 191 1.15 -45.64 -29.24
C ALA A 191 0.34 -44.52 -28.60
N THR A 192 0.51 -43.28 -29.08
CA THR A 192 -0.27 -42.17 -28.57
C THR A 192 -1.76 -42.41 -28.76
N TYR A 193 -2.14 -43.22 -29.74
CA TYR A 193 -3.54 -43.44 -30.05
C TYR A 193 -3.93 -44.91 -29.92
N GLY A 194 -3.56 -45.53 -28.80
CA GLY A 194 -3.94 -46.91 -28.53
C GLY A 194 -3.30 -47.92 -29.45
N GLY A 195 -2.20 -47.57 -30.09
CA GLY A 195 -1.56 -48.47 -31.03
C GLY A 195 -2.42 -48.80 -32.24
N ASP A 196 -3.26 -47.87 -32.68
CA ASP A 196 -4.16 -48.14 -33.80
C ASP A 196 -3.98 -47.05 -34.85
N PHE A 197 -3.44 -47.43 -36.02
CA PHE A 197 -3.16 -46.44 -37.05
C PHE A 197 -4.43 -45.75 -37.55
N ASN A 198 -5.56 -46.44 -37.55
CA ASN A 198 -6.79 -45.80 -38.00
C ASN A 198 -7.22 -44.67 -37.04
N LYS A 199 -7.02 -44.85 -35.74
CA LYS A 199 -7.30 -43.78 -34.77
C LYS A 199 -6.35 -42.60 -34.98
N LEU A 200 -5.09 -42.89 -35.27
CA LEU A 200 -4.16 -41.82 -35.59
C LEU A 200 -4.63 -41.04 -36.80
N LYS A 201 -5.12 -41.74 -37.84
CA LYS A 201 -5.60 -41.04 -39.03
C LYS A 201 -6.77 -40.11 -38.69
N LYS A 202 -7.73 -40.58 -37.89
CA LYS A 202 -8.87 -39.76 -37.51
C LYS A 202 -8.43 -38.52 -36.73
N THR A 203 -7.35 -38.62 -35.97
CA THR A 203 -6.86 -37.45 -35.24
C THR A 203 -6.41 -36.36 -36.20
N PHE A 204 -5.82 -36.74 -37.34
CA PHE A 204 -5.46 -35.72 -38.33
C PHE A 204 -6.70 -35.07 -38.93
N VAL A 205 -7.77 -35.83 -39.11
CA VAL A 205 -9.01 -35.22 -39.57
C VAL A 205 -9.54 -34.22 -38.53
N GLU A 206 -9.47 -34.57 -37.25
CA GLU A 206 -10.00 -33.67 -36.23
C GLU A 206 -9.12 -32.43 -36.13
N PHE A 207 -7.81 -32.63 -36.23
CA PHE A 207 -6.88 -31.53 -36.25
C PHE A 207 -7.24 -30.55 -37.36
N LEU A 208 -7.43 -31.05 -38.58
CA LEU A 208 -7.75 -30.14 -39.68
C LEU A 208 -9.10 -29.46 -39.50
N HIS A 209 -10.02 -30.06 -38.74
CA HIS A 209 -11.31 -29.43 -38.48
C HIS A 209 -11.23 -28.33 -37.43
N ASN A 210 -10.08 -28.14 -36.81
CA ASN A 210 -9.90 -26.97 -35.97
C ASN A 210 -9.64 -25.73 -36.78
N LEU A 211 -9.33 -25.87 -38.07
CA LEU A 211 -9.29 -24.72 -38.94
C LEU A 211 -10.67 -24.06 -38.99
N PRO A 212 -10.73 -22.75 -39.10
CA PRO A 212 -12.02 -22.11 -39.37
C PRO A 212 -12.39 -22.35 -40.83
N PHE A 213 -13.67 -22.11 -41.14
CA PHE A 213 -14.12 -22.32 -42.51
C PHE A 213 -13.34 -21.47 -43.52
N TYR A 214 -12.80 -20.33 -43.08
CA TYR A 214 -11.95 -19.49 -43.92
C TYR A 214 -10.49 -19.91 -43.89
N GLY A 215 -10.15 -20.96 -43.15
CA GLY A 215 -8.78 -21.41 -43.05
C GLY A 215 -8.34 -22.12 -44.31
N LEU A 216 -7.13 -22.66 -44.27
CA LEU A 216 -6.58 -23.35 -45.41
C LEU A 216 -5.86 -24.61 -44.94
N ALA A 217 -6.17 -25.74 -45.56
CA ALA A 217 -5.42 -26.98 -45.34
C ALA A 217 -4.53 -27.23 -46.55
N VAL A 218 -3.26 -27.50 -46.31
CA VAL A 218 -2.26 -27.72 -47.36
C VAL A 218 -1.81 -29.17 -47.25
N MET A 219 -2.19 -30.00 -48.22
CA MET A 219 -2.12 -31.45 -48.09
C MET A 219 -1.21 -32.06 -49.14
N CYS A 220 -0.28 -32.90 -48.69
CA CYS A 220 0.59 -33.59 -49.63
C CYS A 220 -0.12 -34.85 -50.11
N VAL A 221 -0.71 -34.81 -51.32
CA VAL A 221 -1.43 -35.97 -51.84
C VAL A 221 -0.53 -37.06 -52.41
N ASP A 222 0.79 -36.87 -52.41
CA ASP A 222 1.64 -38.00 -52.76
C ASP A 222 1.55 -39.10 -51.69
N ASP A 223 1.23 -38.72 -50.46
CA ASP A 223 1.05 -39.70 -49.38
C ASP A 223 -0.31 -40.36 -49.53
N PRO A 224 -0.39 -41.67 -49.69
CA PRO A 224 -1.70 -42.31 -49.85
C PRO A 224 -2.60 -42.13 -48.64
N VAL A 225 -2.04 -41.95 -47.45
CA VAL A 225 -2.88 -41.75 -46.26
C VAL A 225 -3.51 -40.37 -46.30
N VAL A 226 -2.75 -39.35 -46.71
CA VAL A 226 -3.32 -38.03 -46.87
C VAL A 226 -4.39 -38.04 -47.95
N ARG A 227 -4.12 -38.71 -49.06
CA ARG A 227 -5.10 -38.80 -50.13
C ARG A 227 -6.38 -39.46 -49.63
N GLU A 228 -6.24 -40.43 -48.71
CA GLU A 228 -7.40 -41.11 -48.14
C GLU A 228 -8.27 -40.16 -47.30
N ILE A 229 -7.67 -39.31 -46.48
CA ILE A 229 -8.50 -38.48 -45.60
C ILE A 229 -8.99 -37.22 -46.29
N LEU A 230 -8.44 -36.89 -47.45
CA LEU A 230 -8.77 -35.67 -48.17
C LEU A 230 -10.27 -35.41 -48.31
N PRO A 231 -11.11 -36.36 -48.74
CA PRO A 231 -12.55 -36.04 -48.87
C PRO A 231 -13.26 -35.77 -47.55
N GLN A 232 -12.65 -36.07 -46.40
CA GLN A 232 -13.27 -35.74 -45.14
C GLN A 232 -12.99 -34.33 -44.68
N ILE A 233 -12.05 -33.64 -45.31
CA ILE A 233 -11.69 -32.28 -44.86
C ILE A 233 -12.73 -31.34 -45.46
N ALA A 234 -13.65 -30.89 -44.63
CA ALA A 234 -14.62 -29.92 -45.11
C ALA A 234 -14.10 -28.50 -44.89
N ARG A 235 -12.87 -28.26 -45.32
CA ARG A 235 -12.19 -26.98 -45.21
C ARG A 235 -11.53 -26.67 -46.55
N PRO A 236 -11.26 -25.40 -46.85
CA PRO A 236 -10.53 -25.09 -48.09
C PRO A 236 -9.20 -25.80 -48.11
N THR A 237 -8.88 -26.40 -49.25
CA THR A 237 -7.74 -27.30 -49.40
C THR A 237 -6.95 -27.00 -50.66
N VAL A 238 -5.63 -26.97 -50.53
CA VAL A 238 -4.73 -26.97 -51.67
C VAL A 238 -3.80 -28.16 -51.52
N THR A 239 -3.72 -28.99 -52.55
CA THR A 239 -2.86 -30.17 -52.52
C THR A 239 -1.56 -29.87 -53.25
N TYR A 240 -0.52 -30.60 -52.88
CA TYR A 240 0.77 -30.42 -53.50
C TYR A 240 1.46 -31.77 -53.56
N GLY A 241 2.49 -31.85 -54.40
CA GLY A 241 3.29 -33.04 -54.49
C GLY A 241 3.81 -33.22 -55.89
N LEU A 242 4.39 -34.39 -56.12
CA LEU A 242 4.75 -34.75 -57.48
C LEU A 242 3.60 -35.38 -58.24
N SER A 243 2.54 -35.83 -57.54
CA SER A 243 1.39 -36.45 -58.21
C SER A 243 0.85 -35.58 -59.33
N GLU A 244 0.46 -36.22 -60.44
CA GLU A 244 -0.04 -35.47 -61.60
C GLU A 244 -1.29 -34.69 -61.28
N ASP A 245 -2.06 -35.09 -60.27
CA ASP A 245 -3.31 -34.42 -59.92
C ASP A 245 -3.17 -33.46 -58.73
N ALA A 246 -1.95 -33.21 -58.26
CA ALA A 246 -1.76 -32.23 -57.20
C ALA A 246 -1.98 -30.82 -57.73
N ASP A 247 -2.56 -29.94 -56.89
CA ASP A 247 -2.76 -28.55 -57.32
C ASP A 247 -1.42 -27.87 -57.60
N VAL A 248 -0.47 -28.01 -56.70
CA VAL A 248 0.84 -27.38 -56.81
C VAL A 248 1.86 -28.49 -56.97
N ARG A 249 2.56 -28.52 -58.11
CA ARG A 249 3.41 -29.65 -58.51
C ARG A 249 4.81 -29.19 -58.83
N ALA A 250 5.75 -30.11 -58.69
CA ALA A 250 7.12 -29.91 -59.09
C ALA A 250 7.40 -30.78 -60.31
N ILE A 251 8.00 -30.20 -61.35
CA ILE A 251 8.41 -30.97 -62.51
C ILE A 251 9.84 -30.57 -62.86
N ASN A 252 10.45 -31.37 -63.73
CA ASN A 252 11.78 -31.10 -64.28
C ASN A 252 12.82 -30.89 -63.19
N ILE A 253 12.89 -31.86 -62.29
CA ILE A 253 13.80 -31.83 -61.17
C ILE A 253 15.22 -32.14 -61.66
N ARG A 254 16.19 -31.32 -61.26
CA ARG A 254 17.58 -31.47 -61.68
C ARG A 254 18.48 -31.03 -60.53
N GLN A 255 19.77 -31.35 -60.68
CA GLN A 255 20.79 -30.96 -59.71
C GLN A 255 21.90 -30.21 -60.41
N GLU A 256 22.44 -29.19 -59.73
CA GLU A 256 23.65 -28.49 -60.13
C GLU A 256 24.44 -28.30 -58.83
N GLY A 257 25.32 -29.26 -58.54
CA GLY A 257 26.03 -29.26 -57.27
C GLY A 257 25.20 -29.86 -56.16
N MET A 258 25.32 -29.32 -54.94
CA MET A 258 24.45 -29.72 -53.83
C MET A 258 23.10 -29.04 -53.89
N ARG A 259 22.80 -28.37 -55.00
CA ARG A 259 21.59 -27.59 -55.17
C ARG A 259 20.62 -28.32 -56.08
N THR A 260 19.36 -28.38 -55.66
CA THR A 260 18.30 -29.01 -56.43
C THR A 260 17.43 -27.94 -57.06
N TRP A 261 17.24 -28.02 -58.37
CA TRP A 261 16.39 -27.10 -59.08
C TRP A 261 15.10 -27.82 -59.50
N PHE A 262 14.00 -27.07 -59.54
CA PHE A 262 12.79 -27.63 -60.11
C PHE A 262 11.85 -26.48 -60.50
N THR A 263 10.88 -26.82 -61.34
CA THR A 263 9.87 -25.89 -61.82
C THR A 263 8.58 -26.18 -61.07
N VAL A 264 7.99 -25.16 -60.44
CA VAL A 264 6.78 -25.34 -59.66
CA VAL A 264 6.77 -25.31 -59.65
C VAL A 264 5.59 -24.83 -60.47
N LEU A 265 4.57 -25.66 -60.58
CA LEU A 265 3.33 -25.33 -61.27
C LEU A 265 2.30 -24.98 -60.20
N ARG A 266 1.60 -23.87 -60.39
CA ARG A 266 0.58 -23.38 -59.48
C ARG A 266 -0.64 -22.98 -60.29
N PRO A 267 -1.84 -23.19 -59.74
CA PRO A 267 -3.06 -22.79 -60.46
C PRO A 267 -3.04 -21.30 -60.82
N GLU A 268 -3.38 -20.99 -62.07
CA GLU A 268 -3.51 -19.63 -62.56
C GLU A 268 -2.23 -18.81 -62.38
N ARG A 269 -1.06 -19.44 -62.34
CA ARG A 269 0.21 -18.73 -62.33
C ARG A 269 1.14 -19.32 -63.39
N GLU A 270 2.10 -18.51 -63.85
CA GLU A 270 3.12 -19.02 -64.75
C GLU A 270 4.08 -19.96 -64.01
N PRO A 271 4.66 -20.94 -64.71
CA PRO A 271 5.62 -21.84 -64.04
C PRO A 271 6.79 -21.05 -63.49
N LEU A 272 7.27 -21.45 -62.31
CA LEU A 272 8.31 -20.72 -61.60
C LEU A 272 9.46 -21.67 -61.30
N ASP A 273 10.66 -21.29 -61.75
CA ASP A 273 11.86 -22.07 -61.46
C ASP A 273 12.36 -21.69 -60.08
N VAL A 274 12.61 -22.68 -59.22
CA VAL A 274 13.15 -22.43 -57.90
C VAL A 274 14.30 -23.41 -57.66
N SER A 275 15.11 -23.10 -56.66
CA SER A 275 16.16 -24.01 -56.25
C SER A 275 16.19 -24.06 -54.74
N VAL A 276 16.72 -25.15 -54.20
CA VAL A 276 16.83 -25.35 -52.77
C VAL A 276 18.18 -26.00 -52.49
N ASN A 277 18.81 -25.59 -51.39
CA ASN A 277 20.20 -25.92 -51.15
C ASN A 277 20.38 -27.27 -50.48
N MET A 278 19.44 -28.19 -50.66
CA MET A 278 19.47 -29.47 -50.00
C MET A 278 18.90 -30.51 -50.95
N PRO A 279 19.44 -31.72 -50.94
CA PRO A 279 19.02 -32.74 -51.90
C PRO A 279 17.88 -33.61 -51.38
N GLY A 280 17.27 -34.33 -52.30
CA GLY A 280 16.27 -35.31 -52.00
C GLY A 280 14.88 -34.81 -52.34
N LEU A 281 14.03 -35.74 -52.80
CA LEU A 281 12.66 -35.36 -53.08
C LEU A 281 11.93 -34.89 -51.82
N HIS A 282 12.35 -35.34 -50.64
CA HIS A 282 11.63 -34.90 -49.44
C HIS A 282 11.81 -33.40 -49.25
N ASN A 283 12.94 -32.86 -49.64
CA ASN A 283 13.14 -31.41 -49.58
C ASN A 283 12.49 -30.67 -50.74
N VAL A 284 12.24 -31.34 -51.87
CA VAL A 284 11.37 -30.74 -52.89
C VAL A 284 9.95 -30.61 -52.33
N LEU A 285 9.48 -31.63 -51.62
CA LEU A 285 8.16 -31.59 -51.04
C LEU A 285 8.06 -30.54 -49.94
N ASN A 286 9.07 -30.44 -49.08
CA ASN A 286 9.09 -29.37 -48.09
C ASN A 286 9.01 -28.01 -48.75
N SER A 287 9.67 -27.85 -49.90
CA SER A 287 9.61 -26.56 -50.59
C SER A 287 8.23 -26.32 -51.18
N LEU A 288 7.62 -27.36 -51.76
CA LEU A 288 6.28 -27.21 -52.32
C LEU A 288 5.28 -26.77 -51.25
N ALA A 289 5.35 -27.36 -50.06
CA ALA A 289 4.49 -26.95 -48.95
C ALA A 289 4.67 -25.47 -48.66
N THR A 290 5.93 -25.04 -48.55
CA THR A 290 6.26 -23.64 -48.35
C THR A 290 5.68 -22.76 -49.45
N ILE A 291 5.81 -23.21 -50.70
CA ILE A 291 5.33 -22.41 -51.82
C ILE A 291 3.82 -22.23 -51.76
N VAL A 292 3.09 -23.29 -51.37
CA VAL A 292 1.64 -23.15 -51.25
C VAL A 292 1.29 -22.09 -50.20
N ILE A 293 1.95 -22.16 -49.04
CA ILE A 293 1.64 -21.21 -47.97
CA ILE A 293 1.68 -21.22 -47.95
C ILE A 293 1.99 -19.79 -48.37
N ALA A 294 3.18 -19.59 -48.95
CA ALA A 294 3.56 -18.23 -49.33
C ALA A 294 2.68 -17.73 -50.46
N THR A 295 2.35 -18.59 -51.42
CA THR A 295 1.45 -18.17 -52.49
C THR A 295 0.10 -17.73 -51.92
N ASP A 296 -0.47 -18.55 -51.04
CA ASP A 296 -1.77 -18.20 -50.47
C ASP A 296 -1.69 -16.91 -49.65
N GLU A 297 -0.54 -16.64 -49.04
CA GLU A 297 -0.39 -15.42 -48.27
C GLU A 297 -0.08 -14.21 -49.15
N GLY A 298 0.15 -14.40 -50.45
CA GLY A 298 0.40 -13.27 -51.31
C GLY A 298 1.85 -12.85 -51.44
N ILE A 299 2.78 -13.70 -51.05
CA ILE A 299 4.20 -13.31 -51.08
C ILE A 299 4.72 -13.39 -52.50
N SER A 300 5.59 -12.45 -52.87
CA SER A 300 6.06 -12.34 -54.25
C SER A 300 6.89 -13.54 -54.66
N ASP A 301 7.01 -13.74 -55.98
CA ASP A 301 7.88 -14.76 -56.53
C ASP A 301 9.33 -14.55 -56.11
N GLU A 302 9.78 -13.31 -56.05
CA GLU A 302 11.16 -13.02 -55.70
CA GLU A 302 11.18 -13.06 -55.72
C GLU A 302 11.48 -13.43 -54.28
N ALA A 303 10.57 -13.12 -53.35
CA ALA A 303 10.77 -13.51 -51.95
C ALA A 303 10.72 -15.03 -51.78
N ILE A 304 9.89 -15.70 -52.58
CA ILE A 304 9.85 -17.16 -52.56
C ILE A 304 11.19 -17.73 -53.03
N VAL A 305 11.67 -17.25 -54.19
CA VAL A 305 12.93 -17.74 -54.73
C VAL A 305 14.07 -17.42 -53.78
N GLN A 306 14.07 -16.20 -53.22
CA GLN A 306 15.13 -15.83 -52.31
C GLN A 306 15.10 -16.64 -51.02
N GLY A 307 13.90 -16.83 -50.44
CA GLY A 307 13.80 -17.59 -49.20
C GLY A 307 14.24 -19.05 -49.35
N LEU A 308 13.78 -19.71 -50.42
CA LEU A 308 14.15 -21.10 -50.64
C LEU A 308 15.64 -21.24 -50.96
N SER A 309 16.16 -20.38 -51.83
CA SER A 309 17.53 -20.48 -52.31
C SER A 309 18.55 -20.16 -51.23
N GLY A 310 18.18 -19.32 -50.27
CA GLY A 310 19.10 -18.92 -49.23
C GLY A 310 19.09 -19.76 -47.98
N PHE A 311 18.24 -20.79 -47.92
CA PHE A 311 18.16 -21.60 -46.71
C PHE A 311 19.32 -22.61 -46.66
N GLN A 312 20.11 -22.56 -45.59
CA GLN A 312 21.27 -23.44 -45.46
C GLN A 312 20.85 -24.86 -45.07
N GLY A 313 20.39 -25.05 -43.84
CA GLY A 313 19.96 -26.36 -43.37
C GLY A 313 20.13 -26.60 -41.88
N MET B 9 12.20 17.19 47.65
CA MET B 9 11.04 17.60 48.42
C MET B 9 9.93 16.53 48.34
N ARG B 10 9.31 16.22 49.48
CA ARG B 10 8.33 15.13 49.56
C ARG B 10 7.02 15.49 50.26
N ARG B 11 6.99 16.50 51.12
CA ARG B 11 5.77 16.87 51.86
CA ARG B 11 5.78 16.88 51.86
C ARG B 11 5.39 18.31 51.51
N ILE B 12 4.21 18.47 50.92
CA ILE B 12 3.65 19.77 50.54
C ILE B 12 2.55 20.14 51.52
N HIS B 13 2.60 21.34 52.08
CA HIS B 13 1.64 21.82 53.06
C HIS B 13 0.82 22.95 52.46
N PHE B 14 -0.51 22.80 52.46
CA PHE B 14 -1.43 23.78 51.90
C PHE B 14 -2.01 24.61 53.03
N VAL B 15 -1.84 25.94 52.96
CA VAL B 15 -2.46 26.83 53.93
C VAL B 15 -3.83 27.21 53.39
N GLY B 16 -4.88 26.75 54.08
CA GLY B 16 -6.23 26.89 53.55
C GLY B 16 -6.59 25.78 52.58
N ILE B 17 -6.27 24.52 52.94
CA ILE B 17 -6.42 23.40 52.01
C ILE B 17 -7.89 23.14 51.64
N GLY B 18 -8.84 23.61 52.43
CA GLY B 18 -10.22 23.38 52.07
C GLY B 18 -10.77 24.31 51.02
N GLY B 19 -10.03 25.37 50.67
CA GLY B 19 -10.50 26.31 49.67
C GLY B 19 -10.74 25.65 48.33
N ALA B 20 -11.62 26.28 47.54
CA ALA B 20 -12.08 25.68 46.30
C ALA B 20 -10.96 25.55 45.27
N GLY B 21 -9.99 26.45 45.26
CA GLY B 21 -8.89 26.28 44.35
C GLY B 21 -7.74 25.45 44.88
N MET B 22 -7.74 25.13 46.16
CA MET B 22 -6.62 24.41 46.77
C MET B 22 -6.85 22.91 46.83
N CYS B 23 -8.07 22.47 47.17
CA CYS B 23 -8.28 21.05 47.43
C CYS B 23 -7.97 20.19 46.22
N GLY B 24 -8.28 20.67 45.02
CA GLY B 24 -7.99 19.89 43.82
C GLY B 24 -6.51 19.66 43.60
N ILE B 25 -5.71 20.71 43.81
CA ILE B 25 -4.26 20.58 43.67
C ILE B 25 -3.72 19.59 44.69
N ALA B 26 -4.24 19.64 45.91
CA ALA B 26 -3.79 18.70 46.93
C ALA B 26 -4.15 17.27 46.55
N GLU B 27 -5.33 17.07 45.94
CA GLU B 27 -5.73 15.73 45.54
C GLU B 27 -4.81 15.18 44.46
N VAL B 28 -4.46 15.99 43.47
CA VAL B 28 -3.54 15.52 42.44
C VAL B 28 -2.20 15.16 43.04
N LEU B 29 -1.70 15.97 43.97
CA LEU B 29 -0.40 15.68 44.57
C LEU B 29 -0.46 14.39 45.36
N LEU B 30 -1.59 14.13 46.03
CA LEU B 30 -1.77 12.83 46.65
C LEU B 30 -1.73 11.72 45.61
N ASN B 31 -2.44 11.93 44.49
CA ASN B 31 -2.43 10.92 43.44
C ASN B 31 -1.03 10.73 42.87
N LEU B 32 -0.22 11.78 42.85
CA LEU B 32 1.15 11.64 42.36
C LEU B 32 2.07 10.95 43.35
N GLY B 33 1.61 10.69 44.58
CA GLY B 33 2.41 9.98 45.56
C GLY B 33 3.08 10.83 46.62
N TYR B 34 2.81 12.13 46.69
CA TYR B 34 3.45 12.97 47.68
C TYR B 34 2.74 12.85 49.03
N GLU B 35 3.49 13.15 50.09
CA GLU B 35 2.86 13.44 51.39
C GLU B 35 2.25 14.83 51.32
N VAL B 36 0.96 14.93 51.68
CA VAL B 36 0.23 16.19 51.59
C VAL B 36 -0.35 16.49 52.96
N SER B 37 -0.09 17.70 53.46
CA SER B 37 -0.75 18.20 54.65
C SER B 37 -1.40 19.54 54.32
N GLY B 38 -2.32 19.96 55.18
CA GLY B 38 -2.99 21.23 54.96
C GLY B 38 -3.72 21.68 56.21
N SER B 39 -3.85 22.99 56.37
CA SER B 39 -4.59 23.58 57.47
C SER B 39 -5.84 24.27 56.95
N ASP B 40 -6.83 24.39 57.83
CA ASP B 40 -8.00 25.19 57.50
C ASP B 40 -8.71 25.57 58.78
N LEU B 41 -9.57 26.58 58.67
CA LEU B 41 -10.30 27.04 59.84
C LEU B 41 -11.44 26.11 60.22
N LYS B 42 -12.03 25.38 59.27
CA LYS B 42 -13.15 24.49 59.55
C LYS B 42 -13.00 23.17 58.82
N ALA B 43 -13.32 22.09 59.52
CA ALA B 43 -13.46 20.79 58.86
C ALA B 43 -14.64 20.82 57.92
N SER B 44 -14.50 20.17 56.77
CA SER B 44 -15.60 20.09 55.82
C SER B 44 -15.54 18.75 55.10
N ALA B 45 -16.59 18.48 54.31
CA ALA B 45 -16.57 17.29 53.48
C ALA B 45 -15.37 17.29 52.55
N VAL B 46 -14.88 18.49 52.20
CA VAL B 46 -13.71 18.58 51.33
C VAL B 46 -12.45 18.10 52.05
N THR B 47 -12.26 18.54 53.29
CA THR B 47 -11.08 18.10 54.03
C THR B 47 -11.21 16.63 54.47
N GLU B 48 -12.43 16.16 54.69
CA GLU B 48 -12.62 14.74 55.02
C GLU B 48 -12.28 13.85 53.83
N ARG B 49 -12.69 14.27 52.63
CA ARG B 49 -12.33 13.50 51.44
C ARG B 49 -10.82 13.47 51.26
N LEU B 50 -10.16 14.62 51.41
CA LEU B 50 -8.71 14.67 51.33
C LEU B 50 -8.07 13.78 52.38
N GLU B 51 -8.64 13.78 53.59
CA GLU B 51 -8.10 12.94 54.65
C GLU B 51 -8.31 11.46 54.33
N LYS B 52 -9.47 11.12 53.76
CA LYS B 52 -9.71 9.74 53.32
C LYS B 52 -8.67 9.29 52.31
N PHE B 53 -8.17 10.21 51.49
CA PHE B 53 -7.18 9.95 50.46
C PHE B 53 -5.74 10.06 50.95
N GLY B 54 -5.52 10.28 52.25
CA GLY B 54 -4.19 10.26 52.80
C GLY B 54 -3.65 11.61 53.22
N ALA B 55 -4.39 12.70 53.04
CA ALA B 55 -3.92 14.00 53.49
C ALA B 55 -4.01 14.09 55.02
N GLN B 56 -3.06 14.80 55.61
CA GLN B 56 -3.09 15.14 57.02
C GLN B 56 -3.65 16.55 57.17
N ILE B 57 -4.75 16.67 57.91
CA ILE B 57 -5.52 17.91 58.01
C ILE B 57 -5.30 18.50 59.40
N PHE B 58 -4.98 19.79 59.47
CA PHE B 58 -4.92 20.51 60.74
C PHE B 58 -6.03 21.55 60.75
N ILE B 59 -6.78 21.61 61.84
CA ILE B 59 -7.82 22.63 62.01
C ILE B 59 -7.25 23.78 62.81
N GLY B 60 -7.33 24.99 62.26
CA GLY B 60 -6.71 26.15 62.86
C GLY B 60 -5.30 26.36 62.35
N HIS B 61 -4.84 27.61 62.43
CA HIS B 61 -3.52 27.98 61.93
C HIS B 61 -2.57 28.18 63.12
N GLN B 62 -1.52 27.39 63.16
CA GLN B 62 -0.44 27.57 64.13
C GLN B 62 0.85 27.14 63.47
N ALA B 63 1.96 27.76 63.90
CA ALA B 63 3.24 27.60 63.21
C ALA B 63 3.64 26.13 63.07
N GLU B 64 3.31 25.30 64.08
CA GLU B 64 3.72 23.91 64.07
C GLU B 64 3.06 23.10 62.95
N ASN B 65 1.96 23.59 62.36
CA ASN B 65 1.33 22.84 61.28
C ASN B 65 2.26 22.72 60.09
N ALA B 66 3.21 23.63 59.95
CA ALA B 66 4.16 23.64 58.85
C ALA B 66 5.41 22.82 59.15
N ASP B 67 5.49 22.20 60.34
CA ASP B 67 6.66 21.40 60.68
C ASP B 67 6.78 20.22 59.71
N GLY B 68 8.01 20.00 59.23
CA GLY B 68 8.29 18.93 58.29
C GLY B 68 7.97 19.22 56.84
N ALA B 69 7.23 20.29 56.54
CA ALA B 69 6.85 20.56 55.17
C ALA B 69 8.07 20.94 54.34
N ASP B 70 8.13 20.44 53.11
CA ASP B 70 9.20 20.81 52.21
C ASP B 70 8.85 22.02 51.35
N VAL B 71 7.56 22.28 51.15
CA VAL B 71 7.07 23.41 50.37
CA VAL B 71 7.10 23.46 50.43
C VAL B 71 5.70 23.77 50.93
N LEU B 72 5.38 25.06 50.98
CA LEU B 72 4.04 25.50 51.35
C LEU B 72 3.34 26.08 50.14
N VAL B 73 2.04 25.84 50.04
CA VAL B 73 1.20 26.42 49.00
C VAL B 73 0.16 27.29 49.69
N VAL B 74 0.08 28.56 49.28
CA VAL B 74 -0.78 29.51 49.97
C VAL B 74 -1.79 30.10 49.00
N SER B 75 -2.97 30.41 49.54
CA SER B 75 -4.13 30.79 48.74
C SER B 75 -3.87 32.16 48.12
N SER B 76 -3.52 32.16 46.83
CA SER B 76 -3.43 33.36 46.01
C SER B 76 -2.62 34.44 46.75
N ALA B 77 -1.48 34.02 47.29
CA ALA B 77 -0.63 34.84 48.15
C ALA B 77 -1.39 35.37 49.37
N ARG B 80 0.29 36.45 54.87
CA ARG B 80 1.75 36.49 55.01
C ARG B 80 2.14 36.70 56.47
N ALA B 81 1.25 37.33 57.23
CA ALA B 81 1.32 37.31 58.70
C ALA B 81 0.88 35.98 59.28
N ASN B 82 0.34 35.08 58.46
CA ASN B 82 -0.08 33.77 58.93
C ASN B 82 1.09 33.05 59.59
N PRO B 83 0.92 32.48 60.80
CA PRO B 83 2.07 31.91 61.51
C PRO B 83 2.72 30.73 60.80
N GLU B 84 1.97 29.99 59.99
CA GLU B 84 2.55 28.91 59.20
C GLU B 84 3.44 29.45 58.10
N VAL B 85 2.97 30.48 57.39
CA VAL B 85 3.79 31.14 56.38
C VAL B 85 5.01 31.77 57.02
N ALA B 86 4.82 32.52 58.10
CA ALA B 86 5.94 33.17 58.78
C ALA B 86 6.99 32.17 59.22
N SER B 87 6.56 31.04 59.80
CA SER B 87 7.51 30.01 60.22
C SER B 87 8.26 29.42 59.02
N ALA B 88 7.55 29.17 57.93
CA ALA B 88 8.19 28.61 56.75
C ALA B 88 9.23 29.56 56.19
N LEU B 89 8.90 30.86 56.14
CA LEU B 89 9.87 31.83 55.63
C LEU B 89 11.10 31.88 56.53
N GLU B 90 10.88 31.93 57.84
CA GLU B 90 12.01 31.95 58.78
C GLU B 90 12.90 30.73 58.60
N ARG B 91 12.34 29.61 58.17
CA ARG B 91 13.11 28.39 57.96
C ARG B 91 13.50 28.19 56.50
N ARG B 92 13.29 29.20 55.65
CA ARG B 92 13.72 29.14 54.26
C ARG B 92 13.08 27.99 53.51
N ILE B 93 11.88 27.62 53.94
CA ILE B 93 11.05 26.70 53.17
C ILE B 93 10.32 27.49 52.09
N PRO B 94 10.40 27.09 50.82
CA PRO B 94 9.76 27.86 49.77
C PRO B 94 8.25 27.92 49.95
N VAL B 95 7.68 29.07 49.63
CA VAL B 95 6.25 29.33 49.71
C VAL B 95 5.81 29.69 48.31
N VAL B 96 4.98 28.85 47.69
CA VAL B 96 4.61 29.12 46.31
C VAL B 96 3.11 29.40 46.23
N PRO B 97 2.67 30.28 45.35
CA PRO B 97 1.24 30.56 45.24
C PRO B 97 0.50 29.40 44.58
N ARG B 98 -0.79 29.33 44.90
CA ARG B 98 -1.67 28.32 44.35
C ARG B 98 -1.50 28.19 42.84
N ALA B 99 -1.50 29.32 42.14
CA ALA B 99 -1.44 29.27 40.68
C ALA B 99 -0.17 28.60 40.18
N GLU B 100 0.96 28.79 40.88
CA GLU B 100 2.21 28.21 40.41
CA GLU B 100 2.23 28.22 40.47
C GLU B 100 2.23 26.71 40.64
N MET B 101 1.69 26.23 41.76
CA MET B 101 1.64 24.79 41.97
C MET B 101 0.71 24.13 40.96
N LEU B 102 -0.39 24.80 40.64
CA LEU B 102 -1.34 24.30 39.65
C LEU B 102 -0.68 24.12 38.29
N ALA B 103 0.06 25.14 37.84
CA ALA B 103 0.72 25.06 36.54
C ALA B 103 1.75 23.93 36.52
N GLU B 104 2.39 23.69 37.66
CA GLU B 104 3.39 22.64 37.78
C GLU B 104 2.82 21.23 37.62
N LEU B 105 1.53 21.03 37.86
CA LEU B 105 1.00 19.68 37.76
C LEU B 105 1.18 19.12 36.35
N MET B 106 1.24 20.01 35.36
CA MET B 106 1.43 19.60 33.97
C MET B 106 2.74 18.89 33.71
N ARG B 107 3.76 19.07 34.56
CA ARG B 107 5.01 18.36 34.35
C ARG B 107 4.88 16.87 34.56
N TYR B 108 3.83 16.41 35.23
CA TYR B 108 3.68 15.01 35.56
C TYR B 108 2.79 14.25 34.60
N ARG B 109 2.18 14.93 33.64
CA ARG B 109 1.12 14.35 32.85
C ARG B 109 1.35 14.73 31.39
N HIS B 110 0.55 14.16 30.52
CA HIS B 110 0.57 14.58 29.13
C HIS B 110 -0.28 15.85 29.06
N GLY B 111 0.37 17.01 29.10
CA GLY B 111 -0.34 18.27 29.30
C GLY B 111 -0.80 18.85 27.99
N ILE B 112 -2.05 19.30 27.96
CA ILE B 112 -2.63 20.04 26.84
C ILE B 112 -2.97 21.44 27.34
N ALA B 113 -2.23 22.45 26.89
CA ALA B 113 -2.44 23.84 27.33
C ALA B 113 -3.31 24.55 26.30
N VAL B 114 -4.47 25.01 26.73
CA VAL B 114 -5.40 25.70 25.85
C VAL B 114 -5.20 27.20 26.08
N ALA B 115 -4.42 27.83 25.22
CA ALA B 115 -4.09 29.24 25.35
C ALA B 115 -4.87 30.03 24.32
N GLY B 116 -4.79 31.35 24.45
CA GLY B 116 -5.52 32.26 23.59
C GLY B 116 -6.36 33.19 24.46
N THR B 117 -6.72 34.38 23.97
CA THR B 117 -7.43 35.31 24.84
C THR B 117 -8.88 34.87 25.04
N HIS B 118 -9.54 34.36 24.01
CA HIS B 118 -10.95 33.97 24.09
C HIS B 118 -11.11 32.52 23.67
N GLY B 119 -12.07 31.85 24.29
CA GLY B 119 -12.42 30.49 23.95
C GLY B 119 -11.75 29.42 24.78
N LYS B 120 -10.97 29.78 25.80
CA LYS B 120 -10.23 28.78 26.55
C LYS B 120 -11.17 27.83 27.30
N THR B 121 -12.19 28.37 27.97
CA THR B 121 -13.06 27.55 28.80
C THR B 121 -13.83 26.54 27.97
N THR B 122 -14.44 27.00 26.89
CA THR B 122 -15.21 26.10 26.03
C THR B 122 -14.32 25.09 25.34
N THR B 123 -13.18 25.53 24.82
CA THR B 123 -12.30 24.61 24.12
C THR B 123 -11.75 23.56 25.08
N THR B 124 -11.36 23.99 26.29
CA THR B 124 -10.94 23.02 27.30
C THR B 124 -12.06 22.02 27.57
N SER B 125 -13.28 22.52 27.78
CA SER B 125 -14.40 21.61 28.09
C SER B 125 -14.69 20.66 26.94
N LEU B 126 -14.59 21.15 25.70
CA LEU B 126 -14.84 20.29 24.55
C LEU B 126 -13.77 19.21 24.45
N ILE B 127 -12.52 19.59 24.68
CA ILE B 127 -11.45 18.61 24.69
C ILE B 127 -11.69 17.55 25.74
N ALA B 128 -11.93 17.97 26.99
CA ALA B 128 -12.24 16.99 28.02
C ALA B 128 -13.39 16.10 27.61
N SER B 129 -14.39 16.68 26.94
CA SER B 129 -15.59 15.93 26.59
C SER B 129 -15.30 14.87 25.53
N VAL B 130 -14.46 15.21 24.54
CA VAL B 130 -14.08 14.27 23.51
C VAL B 130 -13.16 13.20 24.09
N PHE B 131 -12.17 13.61 24.89
CA PHE B 131 -11.30 12.64 25.54
C PHE B 131 -12.10 11.72 26.44
N ALA B 132 -13.07 12.26 27.18
CA ALA B 132 -13.91 11.39 28.01
C ALA B 132 -14.68 10.40 27.16
N ALA B 133 -15.25 10.85 26.03
CA ALA B 133 -15.98 9.94 25.17
C ALA B 133 -15.08 8.83 24.64
N GLY B 134 -13.78 9.11 24.47
CA GLY B 134 -12.85 8.08 24.07
C GLY B 134 -12.31 7.24 25.20
N GLY B 135 -12.86 7.40 26.41
CA GLY B 135 -12.51 6.56 27.54
C GLY B 135 -11.29 6.98 28.32
N LEU B 136 -10.82 8.23 28.16
CA LEU B 136 -9.55 8.67 28.74
C LEU B 136 -9.71 9.42 30.06
N ASP B 137 -10.94 9.73 30.49
CA ASP B 137 -11.25 10.34 31.79
C ASP B 137 -10.28 11.45 32.19
N PRO B 138 -10.04 12.43 31.33
CA PRO B 138 -8.99 13.41 31.62
C PRO B 138 -9.33 14.28 32.82
N THR B 139 -8.29 14.73 33.53
CA THR B 139 -8.44 15.83 34.49
C THR B 139 -8.29 17.16 33.74
N PHE B 140 -9.15 18.12 34.04
CA PHE B 140 -9.06 19.38 33.34
C PHE B 140 -9.27 20.55 34.31
N VAL B 141 -8.71 21.71 33.92
CA VAL B 141 -8.66 22.91 34.75
C VAL B 141 -9.40 24.01 34.03
N ILE B 142 -10.54 24.41 34.56
CA ILE B 142 -11.23 25.60 34.06
C ILE B 142 -11.50 26.53 35.24
N GLY B 143 -11.26 27.82 35.02
CA GLY B 143 -11.44 28.78 36.09
C GLY B 143 -10.57 28.49 37.30
N GLY B 144 -9.37 27.97 37.09
CA GLY B 144 -8.52 27.63 38.20
C GLY B 144 -8.99 26.49 39.05
N ARG B 145 -9.98 25.71 38.61
CA ARG B 145 -10.48 24.60 39.39
C ARG B 145 -10.27 23.30 38.63
N LEU B 146 -9.68 22.31 39.29
CA LEU B 146 -9.45 21.00 38.70
C LEU B 146 -10.72 20.16 38.72
N ASN B 147 -11.01 19.49 37.60
CA ASN B 147 -12.18 18.65 37.44
C ASN B 147 -11.82 17.37 36.73
N ALA B 148 -12.65 16.36 36.91
CA ALA B 148 -12.57 15.18 36.06
C ALA B 148 -13.97 14.68 35.76
N ALA B 149 -14.92 15.60 35.78
CA ALA B 149 -16.31 15.32 35.48
C ALA B 149 -16.81 14.16 36.34
N GLY B 150 -17.58 13.27 35.73
CA GLY B 150 -18.03 12.13 36.49
C GLY B 150 -16.90 11.13 36.55
N THR B 151 -15.93 11.41 37.39
CA THR B 151 -14.80 10.51 37.58
C THR B 151 -15.07 9.70 38.84
N ASN B 152 -14.63 8.44 38.83
CA ASN B 152 -14.68 7.58 40.00
C ASN B 152 -13.32 7.47 40.68
N ALA B 153 -12.48 8.50 40.54
CA ALA B 153 -11.08 8.39 40.92
C ALA B 153 -10.60 9.73 41.48
N GLN B 154 -9.43 9.68 42.10
CA GLN B 154 -8.74 10.90 42.47
C GLN B 154 -8.47 11.72 41.21
N LEU B 155 -8.57 13.03 41.35
CA LEU B 155 -8.11 13.92 40.30
C LEU B 155 -6.68 13.58 39.92
N GLY B 156 -6.34 13.77 38.64
CA GLY B 156 -5.00 13.46 38.19
C GLY B 156 -4.74 12.02 37.83
N ALA B 157 -5.72 11.13 37.95
CA ALA B 157 -5.44 9.72 37.68
C ALA B 157 -5.19 9.47 36.19
N SER B 158 -5.88 10.19 35.33
CA SER B 158 -5.69 10.06 33.89
C SER B 158 -4.27 10.42 33.49
N ARG B 159 -3.85 9.89 32.35
CA ARG B 159 -2.59 10.32 31.76
C ARG B 159 -2.63 11.78 31.30
N TYR B 160 -3.81 12.35 31.06
CA TYR B 160 -3.97 13.63 30.39
C TYR B 160 -4.36 14.70 31.40
N LEU B 161 -3.78 15.89 31.22
CA LEU B 161 -4.17 17.08 31.98
C LEU B 161 -4.42 18.21 30.98
N VAL B 162 -5.65 18.70 30.90
CA VAL B 162 -6.05 19.74 29.96
C VAL B 162 -6.30 21.01 30.76
N ALA B 163 -5.58 22.09 30.45
CA ALA B 163 -5.66 23.28 31.29
C ALA B 163 -5.71 24.55 30.47
N GLU B 164 -6.57 25.47 30.89
CA GLU B 164 -6.52 26.83 30.36
C GLU B 164 -5.17 27.41 30.66
N ALA B 165 -4.59 28.09 29.68
CA ALA B 165 -3.33 28.80 29.87
C ALA B 165 -3.59 30.28 29.61
N ASP B 166 -3.64 31.05 30.68
CA ASP B 166 -4.05 32.45 30.66
C ASP B 166 -2.81 33.33 30.54
N GLU B 167 -2.76 34.17 29.51
CA GLU B 167 -1.57 35.00 29.34
C GLU B 167 -1.42 36.05 30.42
N SER B 168 -2.44 36.28 31.25
CA SER B 168 -2.28 37.19 32.38
C SER B 168 -1.76 36.48 33.62
N ASP B 169 -1.67 35.16 33.59
CA ASP B 169 -1.21 34.41 34.74
C ASP B 169 0.30 34.52 34.86
N ALA B 170 0.79 34.77 36.08
CA ALA B 170 2.22 34.85 36.32
C ALA B 170 2.96 33.57 35.93
N SER B 171 2.29 32.43 35.87
CA SER B 171 2.97 31.17 35.55
C SER B 171 2.91 30.81 34.07
N PHE B 172 2.38 31.71 33.22
CA PHE B 172 2.17 31.43 31.80
C PHE B 172 3.39 30.80 31.15
N LEU B 173 4.56 31.42 31.32
CA LEU B 173 5.79 30.95 30.68
C LEU B 173 6.49 29.85 31.49
N HIS B 174 5.83 29.27 32.49
CA HIS B 174 6.41 28.14 33.20
C HIS B 174 5.61 26.86 32.99
N LEU B 175 4.56 26.92 32.19
CA LEU B 175 3.82 25.72 31.81
C LEU B 175 4.67 24.87 30.88
N GLN B 176 4.61 23.55 31.07
CA GLN B 176 5.37 22.60 30.27
C GLN B 176 4.42 21.62 29.56
N PRO B 177 3.64 22.10 28.59
CA PRO B 177 2.68 21.24 27.92
C PRO B 177 3.34 20.36 26.87
N MET B 178 2.62 19.31 26.49
CA MET B 178 2.99 18.52 25.33
C MET B 178 2.35 19.07 24.07
N VAL B 179 1.19 19.67 24.21
CA VAL B 179 0.40 20.24 23.14
C VAL B 179 -0.08 21.60 23.61
N ALA B 180 -0.08 22.58 22.71
CA ALA B 180 -0.57 23.88 23.10
C ALA B 180 -1.46 24.41 21.99
N VAL B 181 -2.63 24.93 22.35
CA VAL B 181 -3.50 25.64 21.42
C VAL B 181 -3.31 27.13 21.63
N VAL B 182 -3.38 27.89 20.55
CA VAL B 182 -3.56 29.33 20.62
C VAL B 182 -4.79 29.66 19.79
N THR B 183 -5.90 29.98 20.49
CA THR B 183 -7.15 30.24 19.79
C THR B 183 -7.14 31.60 19.11
N ASN B 184 -6.50 32.60 19.75
CA ASN B 184 -6.48 33.96 19.23
C ASN B 184 -5.64 34.82 20.17
N ILE B 185 -5.20 35.98 19.68
CA ILE B 185 -4.39 36.88 20.48
C ILE B 185 -5.05 38.25 20.47
N ASP B 186 -5.69 38.60 21.56
CA ASP B 186 -6.41 39.85 21.68
C ASP B 186 -5.68 40.71 22.71
N ALA B 187 -6.25 41.87 22.97
CA ALA B 187 -5.61 42.90 23.78
C ALA B 187 -6.14 43.01 25.20
N ASP B 188 -7.03 42.09 25.62
CA ASP B 188 -7.63 42.19 26.94
C ASP B 188 -6.58 42.40 28.04
N HIS B 189 -5.44 41.72 27.95
CA HIS B 189 -4.45 41.70 29.02
C HIS B 189 -3.17 42.45 28.66
N MET B 190 -3.28 43.51 27.85
CA MET B 190 -2.10 44.31 27.55
C MET B 190 -1.44 44.85 28.80
N ALA B 191 -2.23 45.19 29.83
CA ALA B 191 -1.67 45.75 31.06
C ALA B 191 -0.62 44.81 31.66
N THR B 192 -0.83 43.50 31.55
CA THR B 192 0.17 42.57 32.05
C THR B 192 1.52 42.80 31.38
N TYR B 193 1.50 43.34 30.16
CA TYR B 193 2.71 43.50 29.37
C TYR B 193 2.99 44.96 29.07
N GLY B 194 2.88 45.81 30.08
CA GLY B 194 3.21 47.21 29.96
C GLY B 194 2.31 47.98 29.02
N GLY B 195 1.12 47.46 28.75
CA GLY B 195 0.25 48.10 27.79
C GLY B 195 0.80 48.13 26.37
N ASP B 196 1.54 47.10 25.98
CA ASP B 196 2.19 47.07 24.67
C ASP B 196 1.77 45.79 23.98
N PHE B 197 0.95 45.92 22.92
CA PHE B 197 0.47 44.72 22.25
C PHE B 197 1.62 43.94 21.60
N ASN B 198 2.66 44.63 21.15
CA ASN B 198 3.76 43.92 20.53
C ASN B 198 4.51 43.06 21.53
N LYS B 199 4.65 43.53 22.78
CA LYS B 199 5.25 42.68 23.81
C LYS B 199 4.37 41.47 24.12
N LEU B 200 3.05 41.67 24.13
CA LEU B 200 2.12 40.57 24.36
C LEU B 200 2.27 39.50 23.27
N LYS B 201 2.36 39.92 22.01
CA LYS B 201 2.55 38.94 20.92
C LYS B 201 3.82 38.14 21.13
N LYS B 202 4.93 38.80 21.51
CA LYS B 202 6.18 38.08 21.71
C LYS B 202 6.07 37.05 22.82
N THR B 203 5.29 37.33 23.85
CA THR B 203 5.10 36.36 24.93
C THR B 203 4.43 35.08 24.43
N PHE B 204 3.51 35.19 23.47
CA PHE B 204 2.91 33.98 22.89
C PHE B 204 3.94 33.18 22.11
N VAL B 205 4.87 33.86 21.46
CA VAL B 205 5.95 33.15 20.79
C VAL B 205 6.80 32.40 21.81
N GLU B 206 7.21 33.09 22.90
CA GLU B 206 8.02 32.42 23.91
CA GLU B 206 8.01 32.43 23.94
C GLU B 206 7.26 31.27 24.56
N PHE B 207 5.96 31.46 24.81
CA PHE B 207 5.13 30.38 25.33
C PHE B 207 5.19 29.16 24.43
N LEU B 208 5.00 29.35 23.13
CA LEU B 208 5.01 28.19 22.25
C LEU B 208 6.38 27.53 22.19
N HIS B 209 7.45 28.29 22.43
CA HIS B 209 8.78 27.71 22.43
C HIS B 209 9.10 26.94 23.70
N ASN B 210 8.19 26.94 24.68
CA ASN B 210 8.35 26.03 25.81
C ASN B 210 7.89 24.62 25.46
N LEU B 211 7.19 24.44 24.34
CA LEU B 211 6.98 23.10 23.83
C LEU B 211 8.32 22.44 23.50
N PRO B 212 8.44 21.14 23.68
CA PRO B 212 9.61 20.44 23.17
C PRO B 212 9.52 20.25 21.66
N PHE B 213 10.66 19.93 21.04
CA PHE B 213 10.66 19.75 19.59
C PHE B 213 9.68 18.67 19.14
N TYR B 214 9.38 17.69 19.99
CA TYR B 214 8.36 16.68 19.69
C TYR B 214 6.96 17.15 20.05
N GLY B 215 6.79 18.36 20.56
CA GLY B 215 5.49 18.88 20.95
C GLY B 215 4.64 19.26 19.75
N LEU B 216 3.47 19.85 20.04
CA LEU B 216 2.58 20.26 18.97
C LEU B 216 1.94 21.60 19.28
N ALA B 217 2.01 22.51 18.32
CA ALA B 217 1.31 23.79 18.40
C ALA B 217 0.09 23.74 17.49
N VAL B 218 -1.06 24.13 18.02
CA VAL B 218 -2.33 24.11 17.31
C VAL B 218 -2.77 25.57 17.18
N MET B 219 -2.74 26.12 15.96
CA MET B 219 -2.81 27.56 15.76
C MET B 219 -4.02 27.92 14.93
N CYS B 220 -4.83 28.84 15.43
CA CYS B 220 -5.97 29.30 14.66
C CYS B 220 -5.50 30.39 13.71
N VAL B 221 -5.26 30.04 12.43
CA VAL B 221 -4.77 31.02 11.46
C VAL B 221 -5.84 31.97 10.96
N ASP B 222 -7.10 31.84 11.40
CA ASP B 222 -8.07 32.89 11.07
C ASP B 222 -7.75 34.20 11.77
N ASP B 223 -7.07 34.14 12.91
CA ASP B 223 -6.63 35.34 13.60
C ASP B 223 -5.41 35.89 12.88
N PRO B 224 -5.43 37.12 12.40
CA PRO B 224 -4.23 37.63 11.70
C PRO B 224 -3.02 37.73 12.61
N VAL B 225 -3.21 37.89 13.91
CA VAL B 225 -2.06 37.97 14.81
C VAL B 225 -1.40 36.60 14.95
N VAL B 226 -2.22 35.55 15.05
CA VAL B 226 -1.66 34.20 15.06
C VAL B 226 -0.97 33.91 13.75
N ARG B 227 -1.57 34.32 12.64
CA ARG B 227 -0.95 34.11 11.34
C ARG B 227 0.39 34.81 11.26
N GLU B 228 0.50 35.99 11.89
CA GLU B 228 1.76 36.74 11.90
C GLU B 228 2.88 35.99 12.61
N ILE B 229 2.61 35.37 13.76
CA ILE B 229 3.70 34.74 14.49
C ILE B 229 3.99 33.33 14.02
N LEU B 230 3.11 32.75 13.20
CA LEU B 230 3.27 31.37 12.75
C LEU B 230 4.66 31.03 12.22
N PRO B 231 5.28 31.82 11.32
CA PRO B 231 6.61 31.44 10.85
C PRO B 231 7.69 31.49 11.92
N GLN B 232 7.41 32.08 13.09
CA GLN B 232 8.41 32.08 14.14
C GLN B 232 8.35 30.85 15.01
N ILE B 233 7.30 30.04 14.89
CA ILE B 233 7.14 28.89 15.76
C ILE B 233 8.01 27.79 15.17
N ALA B 234 9.16 27.56 15.78
CA ALA B 234 10.02 26.49 15.29
C ALA B 234 9.68 25.17 15.98
N ARG B 235 8.39 24.84 15.97
CA ARG B 235 7.86 23.62 16.56
C ARG B 235 6.85 23.03 15.58
N PRO B 236 6.57 21.72 15.67
CA PRO B 236 5.53 21.15 14.82
C PRO B 236 4.21 21.86 15.04
N THR B 237 3.54 22.18 13.94
CA THR B 237 2.35 23.03 13.96
C THR B 237 1.25 22.44 13.10
N VAL B 238 0.01 22.50 13.58
CA VAL B 238 -1.16 22.26 12.74
C VAL B 238 -2.07 23.48 12.88
N THR B 239 -2.46 24.07 11.74
CA THR B 239 -3.32 25.25 11.74
C THR B 239 -4.76 24.86 11.52
N TYR B 240 -5.67 25.72 11.98
CA TYR B 240 -7.09 25.44 11.79
C TYR B 240 -7.85 26.74 11.64
N GLY B 241 -9.05 26.63 11.10
CA GLY B 241 -9.92 27.78 10.96
C GLY B 241 -10.82 27.61 9.75
N LEU B 242 -11.49 28.70 9.41
CA LEU B 242 -12.25 28.73 8.18
C LEU B 242 -11.38 29.12 7.00
N SER B 243 -10.20 29.70 7.24
CA SER B 243 -9.31 30.10 6.16
C SER B 243 -9.08 28.94 5.19
N GLU B 244 -9.06 29.27 3.89
CA GLU B 244 -8.90 28.24 2.87
C GLU B 244 -7.58 27.51 2.99
N ASP B 245 -6.57 28.13 3.59
CA ASP B 245 -5.25 27.54 3.69
C ASP B 245 -4.99 26.88 5.06
N ALA B 246 -6.01 26.76 5.90
CA ALA B 246 -5.83 26.09 7.18
C ALA B 246 -5.68 24.58 6.97
N ASP B 247 -4.85 23.92 7.80
CA ASP B 247 -4.69 22.47 7.69
C ASP B 247 -6.01 21.74 7.95
N VAL B 248 -6.70 22.12 9.01
CA VAL B 248 -7.96 21.52 9.44
C VAL B 248 -9.02 22.61 9.33
N ARG B 249 -10.02 22.38 8.48
CA ARG B 249 -10.99 23.42 8.10
C ARG B 249 -12.41 22.93 8.30
N ALA B 250 -13.32 23.90 8.47
CA ALA B 250 -14.75 23.69 8.52
C ALA B 250 -15.41 24.21 7.25
N ILE B 251 -16.25 23.40 6.63
CA ILE B 251 -17.04 23.82 5.48
C ILE B 251 -18.47 23.33 5.71
N ASN B 252 -19.37 23.79 4.84
CA ASN B 252 -20.77 23.36 4.84
C ASN B 252 -21.42 23.63 6.20
N ILE B 253 -21.28 24.86 6.68
CA ILE B 253 -21.81 25.19 8.00
C ILE B 253 -23.31 25.39 7.90
N ARG B 254 -24.06 24.76 8.81
CA ARG B 254 -25.53 24.81 8.78
C ARG B 254 -26.06 24.81 10.19
N GLN B 255 -27.34 25.13 10.32
CA GLN B 255 -28.04 25.08 11.60
C GLN B 255 -29.27 24.21 11.45
N GLU B 256 -29.54 23.42 12.50
CA GLU B 256 -30.79 22.67 12.65
C GLU B 256 -31.18 22.83 14.13
N GLY B 257 -31.99 23.87 14.42
CA GLY B 257 -32.31 24.19 15.79
C GLY B 257 -31.22 24.99 16.46
N MET B 258 -30.98 24.74 17.75
CA MET B 258 -29.84 25.33 18.44
C MET B 258 -28.55 24.58 18.15
N ARG B 259 -28.58 23.67 17.17
CA ARG B 259 -27.45 22.83 16.84
C ARG B 259 -26.77 23.32 15.56
N THR B 260 -25.46 23.42 15.59
CA THR B 260 -24.66 23.82 14.44
C THR B 260 -23.98 22.58 13.86
N TRP B 261 -24.14 22.36 12.56
CA TRP B 261 -23.52 21.26 11.86
C TRP B 261 -22.43 21.76 10.93
N PHE B 262 -21.37 20.96 10.76
CA PHE B 262 -20.38 21.31 9.76
C PHE B 262 -19.55 20.08 9.41
N THR B 263 -18.87 20.19 8.27
CA THR B 263 -17.98 19.16 7.77
C THR B 263 -16.55 19.61 8.04
N VAL B 264 -15.76 18.78 8.72
CA VAL B 264 -14.36 19.10 9.01
CA VAL B 264 -14.36 19.08 9.03
C VAL B 264 -13.47 18.32 8.07
N LEU B 265 -12.52 19.04 7.47
CA LEU B 265 -11.55 18.47 6.54
C LEU B 265 -10.22 18.35 7.27
N ARG B 266 -9.57 17.19 7.17
CA ARG B 266 -8.31 16.99 7.86
C ARG B 266 -7.29 16.38 6.90
N PRO B 267 -6.02 16.73 7.02
CA PRO B 267 -5.03 16.16 6.11
C PRO B 267 -5.08 14.64 6.15
N GLU B 268 -5.10 14.04 4.97
CA GLU B 268 -5.08 12.59 4.80
C GLU B 268 -6.23 11.88 5.52
N ARG B 269 -7.37 12.53 5.71
CA ARG B 269 -8.56 11.86 6.22
C ARG B 269 -9.76 12.20 5.33
N GLU B 270 -10.76 11.32 5.36
CA GLU B 270 -12.04 11.61 4.71
C GLU B 270 -12.79 12.69 5.49
N PRO B 271 -13.63 13.48 4.82
CA PRO B 271 -14.38 14.52 5.53
C PRO B 271 -15.31 13.92 6.56
N LEU B 272 -15.46 14.60 7.69
CA LEU B 272 -16.25 14.12 8.81
C LEU B 272 -17.30 15.15 9.17
N ASP B 273 -18.57 14.72 9.16
CA ASP B 273 -19.67 15.58 9.61
C ASP B 273 -19.75 15.58 11.12
N VAL B 274 -19.79 16.76 11.71
CA VAL B 274 -19.92 16.87 13.16
C VAL B 274 -20.99 17.91 13.47
N SER B 275 -21.46 17.89 14.71
CA SER B 275 -22.41 18.88 15.17
C SER B 275 -22.03 19.30 16.58
N VAL B 276 -22.46 20.50 16.94
CA VAL B 276 -22.19 21.04 18.27
C VAL B 276 -23.43 21.79 18.72
N ASN B 277 -23.72 21.73 20.02
CA ASN B 277 -24.97 22.26 20.55
C ASN B 277 -24.89 23.72 20.94
N MET B 278 -23.95 24.45 20.38
CA MET B 278 -23.87 25.86 20.65
C MET B 278 -23.72 26.60 19.34
N PRO B 279 -24.31 27.79 19.22
CA PRO B 279 -24.27 28.50 17.94
C PRO B 279 -23.04 29.40 17.85
N GLY B 280 -22.76 29.81 16.63
CA GLY B 280 -21.74 30.82 16.41
C GLY B 280 -20.48 30.23 15.83
N LEU B 281 -19.85 31.00 14.94
CA LEU B 281 -18.60 30.54 14.36
C LEU B 281 -17.53 30.35 15.42
N HIS B 282 -17.59 31.09 16.54
CA HIS B 282 -16.56 30.90 17.55
C HIS B 282 -16.63 29.50 18.13
N ASN B 283 -17.83 28.93 18.21
CA ASN B 283 -17.90 27.55 18.68
C ASN B 283 -17.54 26.55 17.59
N VAL B 284 -17.68 26.92 16.31
CA VAL B 284 -17.07 26.09 15.26
C VAL B 284 -15.57 26.07 15.44
N LEU B 285 -14.98 27.24 15.72
CA LEU B 285 -13.54 27.28 15.92
C LEU B 285 -13.12 26.50 17.17
N ASN B 286 -13.87 26.64 18.27
CA ASN B 286 -13.57 25.86 19.47
C ASN B 286 -13.62 24.37 19.14
N SER B 287 -14.57 23.98 18.28
CA SER B 287 -14.65 22.57 17.91
C SER B 287 -13.47 22.16 17.04
N LEU B 288 -13.06 23.01 16.10
CA LEU B 288 -11.91 22.70 15.25
C LEU B 288 -10.66 22.49 16.08
N ALA B 289 -10.42 23.35 17.07
CA ALA B 289 -9.26 23.16 17.94
C ALA B 289 -9.31 21.79 18.60
N THR B 290 -10.47 21.43 19.15
CA THR B 290 -10.65 20.12 19.78
C THR B 290 -10.36 18.99 18.82
N ILE B 291 -10.87 19.11 17.58
CA ILE B 291 -10.70 18.05 16.59
C ILE B 291 -9.23 17.89 16.25
N VAL B 292 -8.50 19.01 16.12
CA VAL B 292 -7.06 18.87 15.86
C VAL B 292 -6.39 18.10 16.98
N ILE B 293 -6.71 18.44 18.23
CA ILE B 293 -6.09 17.78 19.39
CA ILE B 293 -6.06 17.77 19.35
C ILE B 293 -6.46 16.30 19.41
N ALA B 294 -7.76 16.01 19.26
CA ALA B 294 -8.21 14.63 19.34
C ALA B 294 -7.62 13.80 18.21
N THR B 295 -7.56 14.38 17.00
CA THR B 295 -6.98 13.68 15.86
C THR B 295 -5.53 13.32 16.11
N ASP B 296 -4.75 14.31 16.54
CA ASP B 296 -3.34 14.07 16.79
C ASP B 296 -3.14 13.04 17.88
N GLU B 297 -4.06 13.00 18.84
CA GLU B 297 -3.94 12.01 19.90
C GLU B 297 -4.43 10.63 19.47
N GLY B 298 -5.01 10.50 18.29
CA GLY B 298 -5.41 9.18 17.80
C GLY B 298 -6.82 8.75 18.15
N ILE B 299 -7.66 9.68 18.57
CA ILE B 299 -9.01 9.37 19.03
C ILE B 299 -9.93 9.16 17.83
N SER B 300 -10.83 8.19 17.95
CA SER B 300 -11.66 7.79 16.82
C SER B 300 -12.64 8.89 16.45
N ASP B 301 -13.15 8.80 15.20
CA ASP B 301 -14.21 9.70 14.75
C ASP B 301 -15.43 9.60 15.64
N GLU B 302 -15.78 8.37 16.03
CA GLU B 302 -16.99 8.15 16.83
CA GLU B 302 -17.00 8.19 16.80
C GLU B 302 -16.91 8.91 18.15
N ALA B 303 -15.76 8.85 18.81
CA ALA B 303 -15.57 9.58 20.07
C ALA B 303 -15.55 11.09 19.86
N ILE B 304 -14.99 11.54 18.74
CA ILE B 304 -15.01 12.96 18.39
C ILE B 304 -16.45 13.44 18.22
N VAL B 305 -17.22 12.72 17.41
CA VAL B 305 -18.61 13.06 17.15
C VAL B 305 -19.42 13.06 18.44
N GLN B 306 -19.24 12.01 19.25
CA GLN B 306 -19.99 11.89 20.50
C GLN B 306 -19.59 12.97 21.51
N GLY B 307 -18.29 13.21 21.67
CA GLY B 307 -17.88 14.26 22.61
C GLY B 307 -18.39 15.64 22.23
N LEU B 308 -18.30 16.00 20.95
CA LEU B 308 -18.75 17.32 20.53
C LEU B 308 -20.25 17.46 20.63
N SER B 309 -20.99 16.43 20.20
CA SER B 309 -22.43 16.51 20.13
C SER B 309 -23.06 16.49 21.52
N GLY B 310 -22.42 15.86 22.49
CA GLY B 310 -23.00 15.76 23.80
C GLY B 310 -22.65 16.86 24.76
N PHE B 311 -21.81 17.81 24.36
CA PHE B 311 -21.44 18.90 25.26
C PHE B 311 -22.55 19.95 25.30
N GLN B 312 -23.06 20.25 26.50
CA GLN B 312 -24.16 21.21 26.64
C GLN B 312 -23.64 22.65 26.55
N GLY B 313 -22.96 23.12 27.58
CA GLY B 313 -22.44 24.47 27.59
C GLY B 313 -22.32 25.08 28.97
N MET C 9 10.41 -3.28 50.39
CA MET C 9 11.78 -3.51 50.84
C MET C 9 12.73 -2.48 50.21
N ARG C 10 13.66 -1.96 51.01
CA ARG C 10 14.57 -0.91 50.56
C ARG C 10 16.04 -1.19 50.88
N ARG C 11 16.33 -1.91 51.96
CA ARG C 11 17.71 -2.20 52.37
C ARG C 11 18.00 -3.69 52.24
N ILE C 12 18.96 -4.02 51.38
CA ILE C 12 19.40 -5.39 51.14
C ILE C 12 20.76 -5.60 51.80
N HIS C 13 20.90 -6.68 52.57
CA HIS C 13 22.12 -6.99 53.29
C HIS C 13 22.77 -8.27 52.74
N PHE C 14 24.03 -8.17 52.33
CA PHE C 14 24.78 -9.29 51.78
C PHE C 14 25.68 -9.87 52.86
N VAL C 15 25.55 -11.16 53.14
CA VAL C 15 26.46 -11.82 54.06
C VAL C 15 27.60 -12.40 53.24
N GLY C 16 28.80 -11.87 53.44
CA GLY C 16 29.92 -12.16 52.57
C GLY C 16 29.95 -11.29 51.33
N ILE C 17 29.76 -9.97 51.50
CA ILE C 17 29.58 -9.10 50.34
C ILE C 17 30.83 -8.99 49.47
N GLY C 18 32.00 -9.33 50.00
CA GLY C 18 33.20 -9.26 49.18
C GLY C 18 33.39 -10.42 48.23
N GLY C 19 32.56 -11.46 48.33
CA GLY C 19 32.72 -12.61 47.46
C GLY C 19 32.58 -12.24 46.00
N ALA C 20 33.21 -13.06 45.15
CA ALA C 20 33.29 -12.73 43.72
C ALA C 20 31.92 -12.74 43.06
N GLY C 21 31.01 -13.60 43.53
CA GLY C 21 29.66 -13.59 43.01
C GLY C 21 28.71 -12.64 43.72
N MET C 22 29.13 -12.06 44.84
CA MET C 22 28.27 -11.20 45.64
C MET C 22 28.46 -9.73 45.32
N CYS C 23 29.70 -9.28 45.14
CA CYS C 23 29.96 -7.86 45.00
C CYS C 23 29.24 -7.29 43.78
N GLY C 24 29.21 -8.05 42.68
CA GLY C 24 28.56 -7.56 41.47
C GLY C 24 27.06 -7.33 41.66
N ILE C 25 26.39 -8.25 42.37
CA ILE C 25 24.97 -8.08 42.61
C ILE C 25 24.72 -6.86 43.47
N ALA C 26 25.55 -6.65 44.49
CA ALA C 26 25.39 -5.47 45.34
C ALA C 26 25.59 -4.19 44.56
N GLU C 27 26.53 -4.18 43.61
CA GLU C 27 26.78 -2.99 42.81
C GLU C 27 25.58 -2.65 41.94
N VAL C 28 24.96 -3.66 41.31
CA VAL C 28 23.77 -3.38 40.50
C VAL C 28 22.66 -2.84 41.38
N LEU C 29 22.46 -3.41 42.56
CA LEU C 29 21.39 -2.94 43.42
C LEU C 29 21.65 -1.50 43.86
N LEU C 30 22.92 -1.14 44.10
CA LEU C 30 23.24 0.26 44.33
C LEU C 30 22.87 1.10 43.12
N ASN C 31 23.22 0.62 41.92
CA ASN C 31 22.89 1.37 40.72
C ASN C 31 21.40 1.54 40.55
N LEU C 32 20.61 0.57 41.03
CA LEU C 32 19.16 0.65 40.91
C LEU C 32 18.55 1.58 41.96
N GLY C 33 19.32 2.09 42.92
CA GLY C 33 18.82 3.01 43.93
C GLY C 33 18.52 2.42 45.29
N TYR C 34 18.85 1.15 45.54
CA TYR C 34 18.58 0.52 46.82
C TYR C 34 19.63 0.89 47.85
N GLU C 35 19.23 0.84 49.14
CA GLU C 35 20.21 0.82 50.22
C GLU C 35 20.83 -0.56 50.29
N VAL C 36 22.16 -0.61 50.29
CA VAL C 36 22.87 -1.88 50.30
C VAL C 36 23.84 -1.88 51.48
N SER C 37 23.78 -2.93 52.29
CA SER C 37 24.77 -3.20 53.32
C SER C 37 25.34 -4.59 53.08
N GLY C 38 26.46 -4.86 53.71
CA GLY C 38 27.08 -6.16 53.58
C GLY C 38 28.14 -6.37 54.63
N SER C 39 28.36 -7.62 55.03
CA SER C 39 29.41 -7.96 55.97
C SER C 39 30.45 -8.84 55.28
N ASP C 40 31.68 -8.81 55.77
CA ASP C 40 32.70 -9.70 55.26
C ASP C 40 33.78 -9.88 56.31
N LEU C 41 34.56 -10.94 56.13
CA LEU C 41 35.62 -11.23 57.09
C LEU C 41 36.81 -10.31 56.90
N LYS C 42 37.04 -9.81 55.69
CA LYS C 42 38.20 -8.97 55.39
C LYS C 42 37.79 -7.77 54.56
N ALA C 43 38.29 -6.60 54.93
CA ALA C 43 38.20 -5.46 54.05
C ALA C 43 39.09 -5.71 52.85
N SER C 44 38.63 -5.31 51.67
CA SER C 44 39.40 -5.45 50.46
C SER C 44 39.09 -4.28 49.53
N ALA C 45 39.83 -4.20 48.43
CA ALA C 45 39.51 -3.21 47.41
C ALA C 45 38.10 -3.39 46.90
N VAL C 46 37.58 -4.62 46.97
CA VAL C 46 36.22 -4.87 46.52
C VAL C 46 35.23 -4.19 47.46
N THR C 47 35.44 -4.31 48.76
CA THR C 47 34.54 -3.65 49.70
C THR C 47 34.75 -2.14 49.71
N GLU C 48 35.98 -1.67 49.47
CA GLU C 48 36.20 -0.23 49.38
C GLU C 48 35.50 0.37 48.18
N ARG C 49 35.52 -0.33 47.04
CA ARG C 49 34.77 0.15 45.88
C ARG C 49 33.27 0.19 46.17
N LEU C 50 32.73 -0.86 46.77
CA LEU C 50 31.32 -0.87 47.13
C LEU C 50 30.99 0.27 48.09
N GLU C 51 31.88 0.56 49.04
CA GLU C 51 31.62 1.66 49.98
C GLU C 51 31.65 3.01 49.28
N LYS C 52 32.58 3.20 48.34
CA LYS C 52 32.60 4.42 47.54
C LYS C 52 31.30 4.61 46.78
N PHE C 53 30.67 3.53 46.37
CA PHE C 53 29.42 3.60 45.63
C PHE C 53 28.21 3.68 46.54
N GLY C 54 28.40 3.75 47.86
CA GLY C 54 27.30 3.95 48.79
C GLY C 54 26.96 2.76 49.66
N ALA C 55 27.63 1.62 49.52
CA ALA C 55 27.33 0.49 50.39
C ALA C 55 27.83 0.76 51.80
N GLN C 56 27.11 0.23 52.78
CA GLN C 56 27.58 0.21 54.16
C GLN C 56 28.21 -1.14 54.46
N ILE C 57 29.49 -1.14 54.82
CA ILE C 57 30.28 -2.37 54.95
C ILE C 57 30.54 -2.63 56.42
N PHE C 58 30.32 -3.87 56.86
CA PHE C 58 30.71 -4.33 58.20
C PHE C 58 31.78 -5.39 58.06
N ILE C 59 32.86 -5.27 58.85
CA ILE C 59 33.89 -6.31 58.89
C ILE C 59 33.59 -7.20 60.09
N GLY C 60 33.53 -8.50 59.86
CA GLY C 60 33.12 -9.42 60.91
C GLY C 60 31.63 -9.69 60.88
N HIS C 61 31.25 -10.85 61.38
CA HIS C 61 29.85 -11.25 61.40
C HIS C 61 29.33 -11.17 62.83
N GLN C 62 28.33 -10.32 63.04
CA GLN C 62 27.63 -10.25 64.31
C GLN C 62 26.17 -9.91 64.03
N ALA C 63 25.29 -10.36 64.93
CA ALA C 63 23.85 -10.30 64.68
C ALA C 63 23.39 -8.90 64.30
N GLU C 64 23.98 -7.87 64.93
CA GLU C 64 23.53 -6.50 64.70
C GLU C 64 23.80 -6.00 63.28
N ASN C 65 24.69 -6.65 62.53
CA ASN C 65 24.93 -6.20 61.16
C ASN C 65 23.69 -6.33 60.30
N ALA C 66 22.76 -7.21 60.67
CA ALA C 66 21.54 -7.39 59.88
C ALA C 66 20.42 -6.47 60.31
N ASP C 67 20.62 -5.64 61.33
CA ASP C 67 19.56 -4.75 61.79
C ASP C 67 19.14 -3.81 60.67
N GLY C 68 17.83 -3.64 60.53
CA GLY C 68 17.29 -2.79 59.51
C GLY C 68 17.21 -3.40 58.12
N ALA C 69 17.83 -4.56 57.89
CA ALA C 69 17.78 -5.14 56.57
C ALA C 69 16.36 -5.60 56.24
N ASP C 70 15.94 -5.37 55.01
CA ASP C 70 14.64 -5.89 54.60
C ASP C 70 14.77 -7.27 53.97
N VAL C 71 15.94 -7.61 53.44
CA VAL C 71 16.17 -8.93 52.88
C VAL C 71 17.66 -9.20 53.03
N LEU C 72 18.00 -10.47 53.20
CA LEU C 72 19.39 -10.92 53.24
C LEU C 72 19.72 -11.72 51.99
N VAL C 73 20.93 -11.56 51.50
CA VAL C 73 21.45 -12.38 50.41
C VAL C 73 22.66 -13.12 50.96
N VAL C 74 22.64 -14.45 50.83
CA VAL C 74 23.70 -15.27 51.38
C VAL C 74 24.33 -16.09 50.28
N SER C 75 25.63 -16.34 50.42
CA SER C 75 26.41 -16.99 49.38
C SER C 75 26.04 -18.46 49.27
N SER C 76 25.91 -18.92 48.02
CA SER C 76 25.83 -20.33 47.64
C SER C 76 26.12 -21.29 48.79
N ALA C 77 25.05 -21.71 49.49
CA ALA C 77 24.99 -22.50 50.74
C ALA C 77 23.90 -21.89 51.60
N ARG C 80 25.09 -20.87 57.61
CA ARG C 80 23.66 -20.85 57.93
C ARG C 80 23.44 -20.75 59.44
N ALA C 81 24.42 -21.22 60.20
CA ALA C 81 24.54 -20.90 61.62
C ALA C 81 25.05 -19.49 61.85
N ASN C 82 25.41 -18.78 60.78
CA ASN C 82 25.93 -17.42 60.86
C ASN C 82 24.96 -16.53 61.65
N PRO C 83 25.45 -15.75 62.63
CA PRO C 83 24.52 -14.99 63.49
C PRO C 83 23.72 -13.94 62.74
N GLU C 84 24.20 -13.43 61.61
CA GLU C 84 23.36 -12.53 60.83
C GLU C 84 22.18 -13.27 60.22
N VAL C 85 22.43 -14.47 59.67
CA VAL C 85 21.34 -15.26 59.12
C VAL C 85 20.35 -15.65 60.21
N ALA C 86 20.87 -16.22 61.30
CA ALA C 86 19.99 -16.65 62.39
C ALA C 86 19.16 -15.49 62.92
N SER C 87 19.78 -14.31 63.06
CA SER C 87 19.01 -13.15 63.50
C SER C 87 17.92 -12.81 62.51
N ALA C 88 18.22 -12.88 61.21
CA ALA C 88 17.21 -12.54 60.20
C ALA C 88 16.06 -13.53 60.22
N LEU C 89 16.36 -14.82 60.36
CA LEU C 89 15.30 -15.82 60.40
C LEU C 89 14.41 -15.62 61.62
N GLU C 90 15.03 -15.42 62.79
CA GLU C 90 14.25 -15.20 64.00
C GLU C 90 13.33 -14.00 63.85
N ARG C 91 13.72 -13.00 63.05
CA ARG C 91 12.91 -11.81 62.82
C ARG C 91 12.08 -11.89 61.55
N ARG C 92 12.06 -13.04 60.88
CA ARG C 92 11.26 -13.26 59.68
C ARG C 92 11.67 -12.34 58.53
N ILE C 93 12.93 -11.95 58.50
CA ILE C 93 13.48 -11.30 57.32
C ILE C 93 13.79 -12.37 56.28
N PRO C 94 13.32 -12.23 55.05
CA PRO C 94 13.59 -13.25 54.03
C PRO C 94 15.08 -13.34 53.75
N VAL C 95 15.54 -14.57 53.55
CA VAL C 95 16.92 -14.86 53.24
C VAL C 95 16.91 -15.54 51.88
N VAL C 96 17.48 -14.87 50.88
CA VAL C 96 17.44 -15.41 49.51
C VAL C 96 18.85 -15.82 49.12
N PRO C 97 19.01 -16.91 48.38
CA PRO C 97 20.34 -17.28 47.91
C PRO C 97 20.83 -16.33 46.84
N ARG C 98 22.16 -16.23 46.75
CA ARG C 98 22.81 -15.38 45.76
C ARG C 98 22.20 -15.56 44.38
N ALA C 99 22.02 -16.82 43.95
CA ALA C 99 21.56 -17.08 42.57
C ALA C 99 20.17 -16.51 42.32
N GLU C 100 19.29 -16.50 43.35
CA GLU C 100 17.96 -15.92 43.16
C GLU C 100 18.04 -14.41 43.01
N MET C 101 18.87 -13.74 43.79
CA MET C 101 18.96 -12.29 43.65
C MET C 101 19.56 -11.94 42.30
N LEU C 102 20.54 -12.72 41.84
CA LEU C 102 21.11 -12.48 40.51
C LEU C 102 20.05 -12.58 39.42
N ALA C 103 19.23 -13.64 39.46
CA ALA C 103 18.19 -13.81 38.44
C ALA C 103 17.19 -12.67 38.44
N GLU C 104 16.92 -12.13 39.63
CA GLU C 104 15.97 -11.06 39.79
C GLU C 104 16.41 -9.75 39.14
N LEU C 105 17.70 -9.56 38.93
CA LEU C 105 18.15 -8.30 38.35
C LEU C 105 17.55 -8.05 36.97
N MET C 106 17.22 -9.12 36.24
CA MET C 106 16.66 -9.01 34.91
C MET C 106 15.31 -8.32 34.89
N ARG C 107 14.58 -8.28 36.02
CA ARG C 107 13.30 -7.60 36.05
C ARG C 107 13.42 -6.10 35.88
N TYR C 108 14.59 -5.52 36.12
CA TYR C 108 14.80 -4.08 36.06
C TYR C 108 15.39 -3.60 34.74
N ARG C 109 15.71 -4.51 33.83
CA ARG C 109 16.51 -4.18 32.66
C ARG C 109 15.90 -4.88 31.44
N HIS C 110 16.44 -4.58 30.28
CA HIS C 110 16.08 -5.31 29.07
C HIS C 110 16.90 -6.58 29.05
N GLY C 111 16.30 -7.67 29.53
CA GLY C 111 17.07 -8.88 29.80
C GLY C 111 17.13 -9.79 28.59
N ILE C 112 18.33 -10.25 28.28
CA ILE C 112 18.57 -11.25 27.25
C ILE C 112 19.09 -12.50 27.94
N ALA C 113 18.29 -13.56 27.96
CA ALA C 113 18.62 -14.82 28.62
C ALA C 113 19.21 -15.80 27.61
N VAL C 114 20.46 -16.21 27.81
CA VAL C 114 21.11 -17.15 26.90
C VAL C 114 21.02 -18.52 27.55
N ALA C 115 20.06 -19.31 27.12
CA ALA C 115 19.82 -20.64 27.66
C ALA C 115 20.28 -21.66 26.65
N GLY C 116 20.29 -22.91 27.08
CA GLY C 116 20.79 -24.00 26.27
C GLY C 116 21.85 -24.74 27.06
N THR C 117 22.07 -26.01 26.75
CA THR C 117 22.99 -26.76 27.59
C THR C 117 24.44 -26.39 27.28
N HIS C 118 24.77 -26.17 26.01
CA HIS C 118 26.14 -25.85 25.62
C HIS C 118 26.15 -24.55 24.83
N GLY C 119 27.23 -23.78 25.00
CA GLY C 119 27.44 -22.55 24.25
C GLY C 119 26.96 -21.29 24.94
N LYS C 120 26.54 -21.36 26.19
CA LYS C 120 26.00 -20.17 26.86
C LYS C 120 27.09 -19.11 27.05
N THR C 121 28.27 -19.54 27.50
CA THR C 121 29.32 -18.57 27.82
C THR C 121 29.80 -17.84 26.57
N THR C 122 30.08 -18.58 25.50
CA THR C 122 30.56 -17.93 24.27
C THR C 122 29.48 -17.06 23.65
N THR C 123 28.24 -17.54 23.60
CA THR C 123 27.17 -16.76 22.99
C THR C 123 26.91 -15.49 23.77
N THR C 124 26.89 -15.57 25.12
CA THR C 124 26.79 -14.36 25.93
C THR C 124 27.93 -13.39 25.63
N SER C 125 29.16 -13.88 25.58
CA SER C 125 30.29 -13.00 25.31
C SER C 125 30.21 -12.36 23.92
N LEU C 126 29.75 -13.11 22.92
CA LEU C 126 29.62 -12.53 21.58
C LEU C 126 28.55 -11.45 21.56
N ILE C 127 27.42 -11.72 22.22
CA ILE C 127 26.36 -10.72 22.33
C ILE C 127 26.90 -9.47 23.01
N ALA C 128 27.52 -9.63 24.17
CA ALA C 128 28.12 -8.49 24.84
C ALA C 128 29.09 -7.77 23.92
N SER C 129 29.84 -8.54 23.12
CA SER C 129 30.85 -7.90 22.28
C SER C 129 30.21 -7.10 21.16
N VAL C 130 29.12 -7.61 20.59
CA VAL C 130 28.43 -6.91 19.52
C VAL C 130 27.68 -5.70 20.06
N PHE C 131 26.97 -5.87 21.18
CA PHE C 131 26.29 -4.74 21.80
C PHE C 131 27.28 -3.66 22.20
N ALA C 132 28.45 -4.04 22.71
CA ALA C 132 29.48 -3.05 23.00
C ALA C 132 29.89 -2.29 21.75
N ALA C 133 30.07 -3.01 20.63
CA ALA C 133 30.48 -2.34 19.39
C ALA C 133 29.43 -1.34 18.90
N GLY C 134 28.14 -1.57 19.19
CA GLY C 134 27.10 -0.61 18.90
C GLY C 134 26.90 0.46 19.96
N GLY C 135 27.77 0.51 20.97
CA GLY C 135 27.78 1.57 21.96
C GLY C 135 26.87 1.38 23.15
N LEU C 136 26.37 0.16 23.40
CA LEU C 136 25.36 -0.06 24.42
C LEU C 136 25.90 -0.50 25.77
N ASP C 137 27.20 -0.78 25.87
CA ASP C 137 27.89 -1.11 27.14
C ASP C 137 27.13 -2.06 28.04
N PRO C 138 26.68 -3.22 27.56
CA PRO C 138 25.81 -4.06 28.39
C PRO C 138 26.52 -4.62 29.59
N THR C 139 25.76 -4.83 30.67
CA THR C 139 26.21 -5.68 31.76
C THR C 139 25.89 -7.14 31.41
N PHE C 140 26.82 -8.04 31.68
CA PHE C 140 26.56 -9.43 31.32
C PHE C 140 27.04 -10.36 32.43
N VAL C 141 26.44 -11.55 32.46
CA VAL C 141 26.68 -12.53 33.51
C VAL C 141 27.21 -13.79 32.85
N ILE C 142 28.48 -14.11 33.10
CA ILE C 142 29.03 -15.40 32.73
C ILE C 142 29.64 -16.04 33.96
N GLY C 143 29.38 -17.33 34.14
CA GLY C 143 29.88 -18.02 35.32
C GLY C 143 29.40 -17.41 36.61
N GLY C 144 28.18 -16.89 36.64
CA GLY C 144 27.67 -16.26 37.84
C GLY C 144 28.34 -14.96 38.24
N ARG C 145 29.18 -14.39 37.39
CA ARG C 145 29.88 -13.16 37.70
C ARG C 145 29.38 -12.07 36.77
N LEU C 146 29.01 -10.93 37.35
CA LEU C 146 28.58 -9.78 36.57
C LEU C 146 29.79 -9.02 36.05
N ASN C 147 29.73 -8.65 34.77
CA ASN C 147 30.77 -7.88 34.10
C ASN C 147 30.13 -6.82 33.24
N ALA C 148 30.93 -5.83 32.91
CA ALA C 148 30.57 -4.87 31.89
C ALA C 148 31.82 -4.54 31.08
N ALA C 149 32.74 -5.50 31.01
CA ALA C 149 33.96 -5.37 30.25
C ALA C 149 34.65 -4.07 30.64
N GLY C 150 35.17 -3.35 29.66
CA GLY C 150 35.77 -2.08 29.96
C GLY C 150 34.70 -1.04 30.13
N THR C 151 34.05 -1.05 31.29
CA THR C 151 33.05 -0.05 31.60
C THR C 151 33.66 0.99 32.54
N ASN C 152 33.20 2.23 32.37
CA ASN C 152 33.56 3.34 33.24
C ASN C 152 32.43 3.66 34.23
N ALA C 153 31.64 2.66 34.61
CA ALA C 153 30.40 2.91 35.34
C ALA C 153 30.15 1.78 36.32
N GLN C 154 29.18 1.99 37.20
CA GLN C 154 28.65 0.91 38.00
C GLN C 154 28.07 -0.17 37.09
N LEU C 155 28.25 -1.43 37.49
CA LEU C 155 27.56 -2.52 36.83
C LEU C 155 26.06 -2.24 36.82
N GLY C 156 25.39 -2.64 35.74
CA GLY C 156 23.96 -2.41 35.62
C GLY C 156 23.55 -1.06 35.06
N ALA C 157 24.49 -0.19 34.70
CA ALA C 157 24.08 1.14 34.24
C ALA C 157 23.38 1.07 32.90
N SER C 158 23.81 0.15 32.04
CA SER C 158 23.21 -0.06 30.73
C SER C 158 21.74 -0.46 30.83
N ARG C 159 20.99 -0.19 29.76
CA ARG C 159 19.63 -0.71 29.63
C ARG C 159 19.62 -2.24 29.55
N TYR C 160 20.72 -2.85 29.14
CA TYR C 160 20.75 -4.25 28.77
C TYR C 160 21.44 -5.08 29.82
N LEU C 161 20.86 -6.25 30.08
CA LEU C 161 21.46 -7.28 30.92
C LEU C 161 21.41 -8.60 30.18
N VAL C 162 22.59 -9.15 29.87
CA VAL C 162 22.73 -10.38 29.11
C VAL C 162 23.23 -11.44 30.07
N ALA C 163 22.48 -12.54 30.22
CA ALA C 163 22.85 -13.50 31.24
C ALA C 163 22.69 -14.92 30.75
N GLU C 164 23.66 -15.76 31.12
CA GLU C 164 23.50 -17.20 30.99
C GLU C 164 22.30 -17.64 31.79
N ALA C 165 21.49 -18.53 31.22
CA ALA C 165 20.37 -19.15 31.93
C ALA C 165 20.60 -20.66 31.95
N ASP C 166 20.98 -21.18 33.11
CA ASP C 166 21.38 -22.57 33.27
C ASP C 166 20.19 -23.39 33.73
N GLU C 167 19.84 -24.43 32.99
CA GLU C 167 18.68 -25.20 33.38
C GLU C 167 18.88 -25.96 34.68
N SER C 168 20.11 -26.06 35.20
CA SER C 168 20.33 -26.70 36.50
C SER C 168 20.19 -25.71 37.65
N ASP C 169 20.08 -24.43 37.35
CA ASP C 169 19.96 -23.42 38.38
C ASP C 169 18.56 -23.43 38.97
N ALA C 170 18.48 -23.36 40.30
CA ALA C 170 17.20 -23.32 40.97
C ALA C 170 16.33 -22.14 40.52
N SER C 171 16.94 -21.06 40.02
CA SER C 171 16.19 -19.88 39.60
C SER C 171 15.84 -19.86 38.13
N PHE C 172 16.09 -20.95 37.40
CA PHE C 172 15.86 -20.99 35.96
C PHE C 172 14.47 -20.47 35.58
N LEU C 173 13.44 -21.00 36.22
CA LEU C 173 12.06 -20.66 35.87
C LEU C 173 11.59 -19.36 36.52
N HIS C 174 12.49 -18.57 37.08
CA HIS C 174 12.13 -17.28 37.63
C HIS C 174 12.82 -16.15 36.88
N LEU C 175 13.55 -16.45 35.83
CA LEU C 175 14.11 -15.39 34.99
C LEU C 175 13.00 -14.74 34.20
N GLN C 176 13.05 -13.41 34.08
CA GLN C 176 12.02 -12.66 33.35
C GLN C 176 12.65 -11.90 32.20
N PRO C 177 13.14 -12.60 31.18
CA PRO C 177 13.83 -11.95 30.08
C PRO C 177 12.86 -11.36 29.08
N MET C 178 13.38 -10.44 28.27
CA MET C 178 12.69 -9.92 27.10
C MET C 178 12.98 -10.75 25.87
N VAL C 179 14.16 -11.34 25.81
CA VAL C 179 14.61 -12.18 24.71
C VAL C 179 15.29 -13.39 25.31
N ALA C 180 15.08 -14.55 24.71
CA ALA C 180 15.72 -15.77 25.20
C ALA C 180 16.26 -16.58 24.05
N VAL C 181 17.50 -17.07 24.20
CA VAL C 181 18.11 -18.02 23.27
C VAL C 181 18.01 -19.41 23.86
N VAL C 182 17.81 -20.40 23.00
CA VAL C 182 18.01 -21.81 23.34
C VAL C 182 18.95 -22.37 22.29
N THR C 183 20.22 -22.55 22.66
CA THR C 183 21.21 -23.02 21.71
C THR C 183 21.06 -24.50 21.41
N ASN C 184 20.64 -25.29 22.41
CA ASN C 184 20.52 -26.74 22.31
C ASN C 184 20.00 -27.26 23.64
N ILE C 185 19.49 -28.47 23.63
CA ILE C 185 18.93 -29.10 24.82
C ILE C 185 19.58 -30.47 24.96
N ASP C 186 20.49 -30.60 25.92
CA ASP C 186 21.20 -31.86 26.11
C ASP C 186 20.81 -32.48 27.46
N ALA C 187 21.37 -33.63 27.77
CA ALA C 187 20.94 -34.40 28.93
C ALA C 187 21.84 -34.21 30.15
N ASP C 188 22.83 -33.31 30.06
CA ASP C 188 23.76 -33.10 31.15
C ASP C 188 23.07 -32.95 32.50
N HIS C 189 21.94 -32.24 32.55
CA HIS C 189 21.30 -31.90 33.82
C HIS C 189 20.00 -32.65 34.05
N MET C 190 19.90 -33.87 33.53
CA MET C 190 18.73 -34.70 33.78
C MET C 190 18.48 -34.91 35.27
N ALA C 191 19.54 -35.02 36.07
CA ALA C 191 19.34 -35.26 37.51
C ALA C 191 18.50 -34.15 38.15
N THR C 192 18.65 -32.91 37.67
CA THR C 192 17.82 -31.83 38.19
C THR C 192 16.34 -32.10 37.98
N TYR C 193 16.01 -32.91 36.97
CA TYR C 193 14.61 -33.12 36.63
C TYR C 193 14.27 -34.61 36.78
N GLY C 194 14.67 -35.19 37.91
CA GLY C 194 14.34 -36.58 38.20
C GLY C 194 14.98 -37.57 37.26
N GLY C 195 16.06 -37.19 36.58
CA GLY C 195 16.66 -38.09 35.61
C GLY C 195 15.74 -38.44 34.47
N ASP C 196 14.89 -37.52 34.05
CA ASP C 196 13.91 -37.79 32.99
C ASP C 196 14.07 -36.72 31.94
N PHE C 197 14.56 -37.11 30.76
CA PHE C 197 14.83 -36.13 29.71
C PHE C 197 13.55 -35.43 29.27
N ASN C 198 12.41 -36.11 29.31
CA ASN C 198 11.16 -35.49 28.90
C ASN C 198 10.75 -34.37 29.86
N LYS C 199 11.01 -34.55 31.16
CA LYS C 199 10.77 -33.47 32.12
C LYS C 199 11.71 -32.31 31.88
N LEU C 200 12.97 -32.59 31.53
CA LEU C 200 13.89 -31.52 31.18
C LEU C 200 13.39 -30.73 29.97
N LYS C 201 12.95 -31.43 28.91
CA LYS C 201 12.44 -30.73 27.73
C LYS C 201 11.26 -29.84 28.07
N LYS C 202 10.32 -30.34 28.88
CA LYS C 202 9.16 -29.55 29.27
C LYS C 202 9.57 -28.30 30.03
N THR C 203 10.63 -28.38 30.83
CA THR C 203 11.10 -27.19 31.54
C THR C 203 11.54 -26.09 30.59
N PHE C 204 12.13 -26.46 29.44
CA PHE C 204 12.50 -25.44 28.47
C PHE C 204 11.25 -24.78 27.88
N VAL C 205 10.17 -25.54 27.69
CA VAL C 205 8.93 -24.94 27.24
C VAL C 205 8.40 -23.96 28.27
N GLU C 206 8.38 -24.36 29.55
CA GLU C 206 7.91 -23.44 30.59
CA GLU C 206 7.93 -23.47 30.61
C GLU C 206 8.82 -22.22 30.70
N PHE C 207 10.13 -22.40 30.51
CA PHE C 207 11.05 -21.26 30.55
C PHE C 207 10.70 -20.23 29.48
N LEU C 208 10.54 -20.69 28.23
CA LEU C 208 10.22 -19.79 27.13
C LEU C 208 8.86 -19.14 27.32
N HIS C 209 7.97 -19.78 28.07
CA HIS C 209 6.68 -19.14 28.32
C HIS C 209 6.76 -18.04 29.37
N ASN C 210 7.93 -17.83 29.97
CA ASN C 210 8.11 -16.65 30.82
C ASN C 210 8.38 -15.41 30.00
N LEU C 211 8.68 -15.55 28.72
CA LEU C 211 8.70 -14.41 27.85
C LEU C 211 7.31 -13.78 27.81
N PRO C 212 7.22 -12.47 27.70
CA PRO C 212 5.93 -11.83 27.42
C PRO C 212 5.55 -12.03 25.96
N PHE C 213 4.26 -11.78 25.66
CA PHE C 213 3.79 -11.98 24.29
C PHE C 213 4.56 -11.13 23.30
N TYR C 214 5.13 -10.00 23.73
CA TYR C 214 6.00 -9.18 22.88
C TYR C 214 7.46 -9.60 22.92
N GLY C 215 7.80 -10.64 23.68
CA GLY C 215 9.18 -11.08 23.78
C GLY C 215 9.61 -11.81 22.51
N LEU C 216 10.81 -12.34 22.55
CA LEU C 216 11.37 -13.04 21.40
C LEU C 216 12.08 -14.30 21.88
N ALA C 217 11.76 -15.43 21.27
CA ALA C 217 12.51 -16.67 21.47
C ALA C 217 13.39 -16.91 20.26
N VAL C 218 14.66 -17.18 20.49
CA VAL C 218 15.66 -17.38 19.44
C VAL C 218 16.09 -18.84 19.53
N MET C 219 15.70 -19.66 18.55
CA MET C 219 15.76 -21.12 18.67
C MET C 219 16.69 -21.73 17.64
N CYS C 220 17.63 -22.56 18.10
CA CYS C 220 18.51 -23.25 17.17
C CYS C 220 17.81 -24.50 16.67
N VAL C 221 17.22 -24.45 15.46
CA VAL C 221 16.47 -25.60 14.96
C VAL C 221 17.34 -26.72 14.40
N ASP C 222 18.67 -26.55 14.39
CA ASP C 222 19.52 -27.69 14.01
C ASP C 222 19.45 -28.79 15.07
N ASP C 223 19.13 -28.42 16.30
CA ASP C 223 18.96 -29.41 17.37
C ASP C 223 17.60 -30.07 17.19
N PRO C 224 17.51 -31.39 17.05
CA PRO C 224 16.18 -31.99 16.91
C PRO C 224 15.30 -31.79 18.14
N VAL C 225 15.89 -31.61 19.33
CA VAL C 225 15.08 -31.40 20.52
C VAL C 225 14.46 -30.01 20.50
N VAL C 226 15.21 -29.00 20.07
CA VAL C 226 14.64 -27.67 19.92
C VAL C 226 13.53 -27.69 18.87
N ARG C 227 13.78 -28.38 17.77
CA ARG C 227 12.77 -28.48 16.72
C ARG C 227 11.51 -29.16 17.23
N GLU C 228 11.65 -30.12 18.15
CA GLU C 228 10.50 -30.80 18.71
C GLU C 228 9.61 -29.85 19.50
N ILE C 229 10.19 -28.99 20.33
CA ILE C 229 9.36 -28.15 21.19
C ILE C 229 8.89 -26.89 20.50
N LEU C 230 9.44 -26.58 19.34
CA LEU C 230 9.10 -25.35 18.63
C LEU C 230 7.61 -25.09 18.50
N PRO C 231 6.77 -26.04 18.08
CA PRO C 231 5.33 -25.71 17.97
C PRO C 231 4.66 -25.44 19.30
N GLN C 232 5.29 -25.72 20.43
CA GLN C 232 4.68 -25.40 21.71
C GLN C 232 4.98 -24.00 22.19
N ILE C 233 5.94 -23.32 21.58
CA ILE C 233 6.32 -21.99 22.00
C ILE C 233 5.27 -21.05 21.41
N ALA C 234 4.34 -20.62 22.23
CA ALA C 234 3.33 -19.68 21.74
C ALA C 234 3.80 -18.24 21.96
N ARG C 235 5.03 -17.96 21.54
CA ARG C 235 5.68 -16.67 21.62
C ARG C 235 6.34 -16.38 20.28
N PRO C 236 6.60 -15.11 19.97
CA PRO C 236 7.32 -14.81 18.72
C PRO C 236 8.67 -15.52 18.73
N THR C 237 9.00 -16.12 17.58
CA THR C 237 10.14 -17.00 17.43
C THR C 237 10.92 -16.68 16.16
N VAL C 238 12.24 -16.66 16.26
CA VAL C 238 13.14 -16.63 15.11
C VAL C 238 14.07 -17.83 15.23
N THR C 239 14.14 -18.65 14.18
CA THR C 239 14.99 -19.82 14.21
C THR C 239 16.31 -19.54 13.48
N TYR C 240 17.35 -20.27 13.86
CA TYR C 240 18.65 -20.10 13.22
C TYR C 240 19.37 -21.43 13.17
N GLY C 241 20.36 -21.50 12.30
CA GLY C 241 21.18 -22.68 12.20
C GLY C 241 21.64 -22.87 10.77
N LEU C 242 22.20 -24.05 10.53
CA LEU C 242 22.55 -24.46 9.18
C LEU C 242 21.39 -25.10 8.44
N SER C 243 20.35 -25.52 9.15
CA SER C 243 19.20 -26.12 8.50
C SER C 243 18.67 -25.23 7.38
N GLU C 244 18.27 -25.84 6.27
CA GLU C 244 17.79 -25.08 5.11
C GLU C 244 16.53 -24.30 5.41
N ASP C 245 15.76 -24.72 6.41
CA ASP C 245 14.50 -24.08 6.77
C ASP C 245 14.64 -23.12 7.96
N ALA C 246 15.87 -22.86 8.41
CA ALA C 246 16.09 -21.89 9.48
C ALA C 246 15.89 -20.47 8.97
N ASP C 247 15.34 -19.59 9.82
CA ASP C 247 15.13 -18.19 9.43
C ASP C 247 16.44 -17.50 9.13
N VAL C 248 17.42 -17.66 10.01
CA VAL C 248 18.72 -17.03 9.89
C VAL C 248 19.75 -18.13 9.72
N ARG C 249 20.44 -18.13 8.58
CA ARG C 249 21.29 -19.26 8.22
C ARG C 249 22.70 -18.80 7.90
N ALA C 250 23.63 -19.74 8.04
CA ALA C 250 25.02 -19.59 7.62
C ALA C 250 25.24 -20.43 6.37
N ILE C 251 25.84 -19.84 5.35
CA ILE C 251 26.20 -20.59 4.15
C ILE C 251 27.64 -20.20 3.77
N ASN C 252 28.20 -20.98 2.85
CA ASN C 252 29.52 -20.68 2.29
C ASN C 252 30.57 -20.52 3.38
N ILE C 253 30.63 -21.52 4.26
CA ILE C 253 31.56 -21.49 5.39
C ILE C 253 32.96 -21.82 4.87
N ARG C 254 33.95 -21.02 5.26
CA ARG C 254 35.33 -21.15 4.80
C ARG C 254 36.26 -20.75 5.93
N GLN C 255 37.54 -21.06 5.75
CA GLN C 255 38.59 -20.67 6.68
C GLN C 255 39.68 -19.91 5.94
N GLU C 256 40.24 -18.91 6.62
CA GLU C 256 41.44 -18.20 6.17
C GLU C 256 42.29 -18.04 7.43
N GLY C 257 43.21 -18.99 7.66
CA GLY C 257 43.96 -19.02 8.90
C GLY C 257 43.16 -19.69 9.99
N MET C 258 43.29 -19.22 11.23
CA MET C 258 42.41 -19.67 12.31
C MET C 258 41.08 -18.95 12.34
N ARG C 259 40.76 -18.21 11.29
CA ARG C 259 39.55 -17.39 11.25
C ARG C 259 38.50 -18.07 10.38
N THR C 260 37.26 -18.10 10.86
CA THR C 260 36.15 -18.71 10.13
C THR C 260 35.28 -17.63 9.51
N TRP C 261 35.05 -17.74 8.21
CA TRP C 261 34.21 -16.83 7.47
C TRP C 261 32.91 -17.53 7.08
N PHE C 262 31.81 -16.78 7.04
CA PHE C 262 30.59 -17.34 6.50
C PHE C 262 29.65 -16.20 6.13
N THR C 263 28.66 -16.53 5.31
CA THR C 263 27.65 -15.60 4.87
C THR C 263 26.37 -15.87 5.63
N VAL C 264 25.81 -14.85 6.27
CA VAL C 264 24.59 -15.01 7.05
CA VAL C 264 24.59 -14.97 7.06
C VAL C 264 23.41 -14.49 6.23
N LEU C 265 22.38 -15.33 6.14
CA LEU C 265 21.15 -14.98 5.47
C LEU C 265 20.11 -14.61 6.51
N ARG C 266 19.45 -13.47 6.32
CA ARG C 266 18.43 -13.01 7.24
C ARG C 266 17.21 -12.60 6.45
N PRO C 267 16.00 -12.84 6.98
CA PRO C 267 14.78 -12.43 6.27
C PRO C 267 14.81 -10.94 5.96
N GLU C 268 14.50 -10.61 4.71
CA GLU C 268 14.39 -9.23 4.22
C GLU C 268 15.66 -8.41 4.42
N ARG C 269 16.83 -9.04 4.45
CA ARG C 269 18.09 -8.33 4.44
C ARG C 269 18.97 -8.93 3.37
N GLU C 270 19.94 -8.14 2.91
CA GLU C 270 20.96 -8.64 1.99
C GLU C 270 21.89 -9.60 2.73
N PRO C 271 22.50 -10.55 2.03
CA PRO C 271 23.44 -11.46 2.70
C PRO C 271 24.62 -10.67 3.27
N LEU C 272 25.10 -11.08 4.45
CA LEU C 272 26.14 -10.36 5.16
C LEU C 272 27.30 -11.29 5.45
N ASP C 273 28.49 -10.94 4.98
CA ASP C 273 29.68 -11.73 5.27
C ASP C 273 30.22 -11.38 6.64
N VAL C 274 30.45 -12.39 7.49
CA VAL C 274 31.03 -12.15 8.80
C VAL C 274 32.17 -13.14 8.99
N SER C 275 33.00 -12.86 9.99
CA SER C 275 34.05 -13.77 10.39
C SER C 275 34.13 -13.79 11.91
N VAL C 276 34.68 -14.86 12.44
CA VAL C 276 34.87 -15.00 13.87
C VAL C 276 36.20 -15.70 14.10
N ASN C 277 36.93 -15.24 15.12
CA ASN C 277 38.33 -15.65 15.28
C ASN C 277 38.46 -16.95 16.06
N MET C 278 37.56 -17.91 15.83
CA MET C 278 37.54 -19.20 16.50
C MET C 278 36.99 -20.24 15.53
N PRO C 279 37.47 -21.48 15.59
CA PRO C 279 37.02 -22.50 14.64
C PRO C 279 35.82 -23.31 15.13
N GLY C 280 35.20 -24.01 14.18
CA GLY C 280 34.19 -24.98 14.52
C GLY C 280 32.79 -24.51 14.22
N LEU C 281 31.92 -25.41 13.79
CA LEU C 281 30.54 -25.02 13.51
C LEU C 281 29.84 -24.52 14.76
N HIS C 282 30.24 -24.97 15.94
CA HIS C 282 29.55 -24.50 17.14
C HIS C 282 29.75 -23.01 17.34
N ASN C 283 30.90 -22.47 16.94
CA ASN C 283 31.09 -21.02 17.01
C ASN C 283 30.38 -20.28 15.87
N VAL C 284 30.12 -20.93 14.74
CA VAL C 284 29.21 -20.36 13.74
C VAL C 284 27.80 -20.23 14.32
N LEU C 285 27.37 -21.26 15.04
CA LEU C 285 26.04 -21.24 15.64
C LEU C 285 25.96 -20.18 16.73
N ASN C 286 27.00 -20.08 17.57
CA ASN C 286 27.05 -19.02 18.56
C ASN C 286 26.95 -17.65 17.90
N SER C 287 27.58 -17.48 16.73
CA SER C 287 27.51 -16.19 16.07
C SER C 287 26.12 -15.94 15.49
N LEU C 288 25.51 -16.98 14.92
CA LEU C 288 24.15 -16.83 14.38
C LEU C 288 23.17 -16.40 15.45
N ALA C 289 23.25 -17.02 16.63
CA ALA C 289 22.40 -16.59 17.74
C ALA C 289 22.63 -15.11 18.04
N THR C 290 23.90 -14.70 18.13
CA THR C 290 24.22 -13.30 18.36
C THR C 290 23.63 -12.40 17.29
N ILE C 291 23.74 -12.82 16.02
CA ILE C 291 23.25 -12.03 14.92
C ILE C 291 21.74 -11.88 14.99
N VAL C 292 21.03 -12.95 15.36
CA VAL C 292 19.57 -12.84 15.51
C VAL C 292 19.23 -11.79 16.55
N ILE C 293 19.87 -11.87 17.73
CA ILE C 293 19.56 -10.91 18.79
CA ILE C 293 19.61 -10.91 18.81
C ILE C 293 19.94 -9.50 18.35
N ALA C 294 21.15 -9.32 17.81
CA ALA C 294 21.56 -7.99 17.42
C ALA C 294 20.64 -7.44 16.33
N THR C 295 20.27 -8.27 15.36
CA THR C 295 19.36 -7.83 14.31
C THR C 295 18.02 -7.38 14.89
N ASP C 296 17.44 -8.19 15.76
CA ASP C 296 16.16 -7.84 16.40
C ASP C 296 16.28 -6.56 17.22
N GLU C 297 17.45 -6.28 17.79
CA GLU C 297 17.61 -5.04 18.56
C GLU C 297 17.91 -3.82 17.69
N GLY C 298 18.09 -3.99 16.39
CA GLY C 298 18.30 -2.83 15.53
C GLY C 298 19.75 -2.41 15.37
N ILE C 299 20.69 -3.27 15.73
CA ILE C 299 22.11 -2.94 15.70
C ILE C 299 22.62 -3.03 14.28
N SER C 300 23.49 -2.10 13.90
CA SER C 300 23.94 -2.01 12.52
C SER C 300 24.79 -3.21 12.13
N ASP C 301 24.89 -3.42 10.81
CA ASP C 301 25.78 -4.44 10.28
C ASP C 301 27.22 -4.19 10.70
N GLU C 302 27.63 -2.94 10.72
CA GLU C 302 29.01 -2.61 11.08
C GLU C 302 29.31 -3.06 12.50
N ALA C 303 28.39 -2.81 13.43
CA ALA C 303 28.63 -3.20 14.81
C ALA C 303 28.59 -4.71 14.96
N ILE C 304 27.74 -5.39 14.20
CA ILE C 304 27.73 -6.84 14.18
C ILE C 304 29.07 -7.38 13.69
N VAL C 305 29.51 -6.91 12.52
CA VAL C 305 30.77 -7.39 11.96
C VAL C 305 31.92 -7.11 12.92
N GLN C 306 31.95 -5.88 13.47
CA GLN C 306 33.04 -5.53 14.39
C GLN C 306 32.99 -6.34 15.68
N GLY C 307 31.80 -6.49 16.27
CA GLY C 307 31.71 -7.25 17.50
C GLY C 307 32.15 -8.69 17.33
N LEU C 308 31.69 -9.34 16.26
CA LEU C 308 32.05 -10.74 16.03
C LEU C 308 33.54 -10.87 15.70
N SER C 309 34.06 -9.98 14.84
CA SER C 309 35.42 -10.11 14.33
C SER C 309 36.47 -9.81 15.39
N GLY C 310 36.15 -8.96 16.35
CA GLY C 310 37.12 -8.59 17.35
C GLY C 310 37.12 -9.45 18.58
N PHE C 311 36.25 -10.44 18.65
CA PHE C 311 36.19 -11.26 19.86
C PHE C 311 37.36 -12.22 19.89
N GLN C 312 38.13 -12.17 20.99
CA GLN C 312 39.34 -12.98 21.12
C GLN C 312 38.98 -14.45 21.40
N GLY C 313 38.46 -14.72 22.59
CA GLY C 313 38.07 -16.08 22.95
C GLY C 313 38.14 -16.39 24.43
N MET D 9 6.48 -6.92 19.11
CA MET D 9 5.13 -7.17 18.60
C MET D 9 4.18 -6.05 19.04
N ARG D 10 3.29 -5.62 18.14
CA ARG D 10 2.46 -4.45 18.42
C ARG D 10 0.97 -4.59 18.07
N ARG D 11 0.56 -5.51 17.20
CA ARG D 11 -0.84 -5.66 16.84
CA ARG D 11 -0.84 -5.67 16.84
C ARG D 11 -1.34 -7.01 17.34
N ILE D 12 -2.38 -6.99 18.17
CA ILE D 12 -3.00 -8.18 18.74
C ILE D 12 -4.37 -8.35 18.13
N HIS D 13 -4.64 -9.52 17.56
CA HIS D 13 -5.92 -9.84 16.93
C HIS D 13 -6.71 -10.84 17.76
N PHE D 14 -7.95 -10.52 18.10
CA PHE D 14 -8.82 -11.38 18.90
C PHE D 14 -9.83 -12.09 18.00
N VAL D 15 -9.89 -13.42 18.10
CA VAL D 15 -10.92 -14.18 17.39
C VAL D 15 -12.12 -14.31 18.30
N GLY D 16 -13.23 -13.67 17.94
CA GLY D 16 -14.38 -13.63 18.82
C GLY D 16 -14.29 -12.51 19.83
N ILE D 17 -13.83 -11.33 19.39
CA ILE D 17 -13.55 -10.22 20.29
C ILE D 17 -14.78 -9.76 21.04
N GLY D 18 -15.98 -10.04 20.53
CA GLY D 18 -17.15 -9.58 21.25
C GLY D 18 -17.53 -10.43 22.44
N GLY D 19 -16.88 -11.59 22.60
CA GLY D 19 -17.18 -12.45 23.72
C GLY D 19 -16.90 -11.76 25.05
N ALA D 20 -17.60 -12.23 26.09
CA ALA D 20 -17.59 -11.55 27.38
C ALA D 20 -16.24 -11.68 28.08
N GLY D 21 -15.51 -12.78 27.87
CA GLY D 21 -14.17 -12.85 28.39
C GLY D 21 -13.14 -12.11 27.55
N MET D 22 -13.43 -11.88 26.28
CA MET D 22 -12.47 -11.31 25.34
C MET D 22 -12.49 -9.78 25.37
N CYS D 23 -13.68 -9.17 25.39
CA CYS D 23 -13.74 -7.73 25.16
C CYS D 23 -12.96 -6.95 26.21
N GLY D 24 -12.97 -7.43 27.45
CA GLY D 24 -12.24 -6.72 28.49
C GLY D 24 -10.74 -6.71 28.26
N ILE D 25 -10.19 -7.85 27.82
CA ILE D 25 -8.76 -7.93 27.57
C ILE D 25 -8.36 -6.98 26.45
N ALA D 26 -9.15 -6.96 25.39
CA ALA D 26 -8.86 -6.09 24.26
C ALA D 26 -8.89 -4.63 24.69
N GLU D 27 -9.80 -4.27 25.60
CA GLU D 27 -9.88 -2.89 26.09
C GLU D 27 -8.63 -2.50 26.88
N VAL D 28 -8.15 -3.37 27.77
CA VAL D 28 -6.93 -3.05 28.50
C VAL D 28 -5.76 -2.86 27.53
N LEU D 29 -5.68 -3.72 26.51
CA LEU D 29 -4.56 -3.60 25.57
C LEU D 29 -4.66 -2.31 24.77
N LEU D 30 -5.87 -1.87 24.41
CA LEU D 30 -6.00 -0.54 23.84
C LEU D 30 -5.50 0.50 24.82
N ASN D 31 -5.91 0.37 26.09
CA ASN D 31 -5.46 1.34 27.09
C ASN D 31 -3.95 1.33 27.23
N LEU D 32 -3.31 0.19 27.05
CA LEU D 32 -1.86 0.15 27.17
C LEU D 32 -1.13 0.69 25.93
N GLY D 33 -1.84 1.05 24.86
CA GLY D 33 -1.22 1.66 23.69
C GLY D 33 -1.04 0.74 22.49
N TYR D 34 -1.53 -0.51 22.53
CA TYR D 34 -1.34 -1.45 21.43
C TYR D 34 -2.38 -1.25 20.33
N GLU D 35 -2.02 -1.67 19.11
CA GLU D 35 -3.00 -1.85 18.04
C GLU D 35 -3.79 -3.11 18.31
N VAL D 36 -5.10 -2.99 18.36
CA VAL D 36 -5.98 -4.13 18.64
C VAL D 36 -6.94 -4.27 17.47
N SER D 37 -7.02 -5.47 16.93
CA SER D 37 -8.06 -5.83 16.00
C SER D 37 -8.79 -7.05 16.55
N GLY D 38 -9.96 -7.32 15.99
CA GLY D 38 -10.69 -8.50 16.38
C GLY D 38 -11.78 -8.80 15.40
N SER D 39 -12.21 -10.06 15.37
CA SER D 39 -13.33 -10.48 14.55
C SER D 39 -14.45 -11.00 15.43
N ASP D 40 -15.66 -10.96 14.90
CA ASP D 40 -16.79 -11.57 15.57
C ASP D 40 -17.84 -11.88 14.52
N LEU D 41 -18.73 -12.82 14.87
CA LEU D 41 -19.81 -13.14 13.93
C LEU D 41 -20.85 -12.03 13.87
N LYS D 42 -21.10 -11.34 14.99
CA LYS D 42 -22.16 -10.34 15.04
C LYS D 42 -21.60 -9.02 15.60
N ALA D 43 -22.00 -7.93 14.96
CA ALA D 43 -21.73 -6.63 15.52
C ALA D 43 -22.62 -6.39 16.74
N SER D 44 -22.10 -5.65 17.71
CA SER D 44 -22.87 -5.41 18.94
C SER D 44 -22.38 -4.13 19.58
N ALA D 45 -23.07 -3.72 20.65
CA ALA D 45 -22.62 -2.56 21.42
C ALA D 45 -21.25 -2.81 22.00
N VAL D 46 -20.91 -4.08 22.26
CA VAL D 46 -19.57 -4.41 22.75
C VAL D 46 -18.53 -4.08 21.69
N THR D 47 -18.77 -4.49 20.45
CA THR D 47 -17.80 -4.19 19.40
C THR D 47 -17.78 -2.70 19.04
N GLU D 48 -18.92 -2.03 19.15
CA GLU D 48 -18.95 -0.60 18.88
C GLU D 48 -18.14 0.17 19.93
N ARG D 49 -18.24 -0.22 21.20
CA ARG D 49 -17.46 0.46 22.23
C ARG D 49 -15.97 0.25 21.98
N LEU D 50 -15.57 -0.98 21.62
CA LEU D 50 -14.17 -1.24 21.31
C LEU D 50 -13.70 -0.44 20.11
N GLU D 51 -14.57 -0.30 19.09
CA GLU D 51 -14.21 0.49 17.92
C GLU D 51 -14.04 1.96 18.29
N LYS D 52 -14.95 2.50 19.11
CA LYS D 52 -14.81 3.86 19.60
C LYS D 52 -13.49 4.09 20.28
N PHE D 53 -12.97 3.06 20.96
CA PHE D 53 -11.69 3.15 21.66
C PHE D 53 -10.50 2.84 20.76
N GLY D 54 -10.70 2.63 19.46
CA GLY D 54 -9.60 2.43 18.54
C GLY D 54 -9.40 1.02 18.02
N ALA D 55 -10.19 0.04 18.44
CA ALA D 55 -10.04 -1.30 17.89
C ALA D 55 -10.57 -1.34 16.47
N GLN D 56 -9.95 -2.18 15.65
CA GLN D 56 -10.41 -2.43 14.29
C GLN D 56 -11.21 -3.74 14.28
N ILE D 57 -12.47 -3.67 13.86
CA ILE D 57 -13.43 -4.75 14.02
C ILE D 57 -13.75 -5.35 12.66
N PHE D 58 -13.68 -6.67 12.55
CA PHE D 58 -14.13 -7.40 11.37
C PHE D 58 -15.35 -8.24 11.74
N ILE D 59 -16.35 -8.26 10.86
CA ILE D 59 -17.56 -9.05 11.08
C ILE D 59 -17.46 -10.29 10.22
N GLY D 60 -17.56 -11.47 10.84
CA GLY D 60 -17.33 -12.70 10.12
C GLY D 60 -15.86 -13.07 10.09
N HIS D 61 -15.60 -14.35 9.84
CA HIS D 61 -14.26 -14.90 9.91
C HIS D 61 -13.76 -15.19 8.52
N GLN D 62 -12.63 -14.57 8.16
CA GLN D 62 -11.91 -14.82 6.92
C GLN D 62 -10.43 -14.68 7.22
N ALA D 63 -9.62 -15.49 6.55
CA ALA D 63 -8.19 -15.58 6.88
C ALA D 63 -7.51 -14.22 6.84
N GLU D 64 -7.99 -13.31 6.00
CA GLU D 64 -7.35 -12.00 5.87
C GLU D 64 -7.53 -11.12 7.10
N ASN D 65 -8.50 -11.41 7.96
CA ASN D 65 -8.67 -10.60 9.17
C ASN D 65 -7.44 -10.64 10.05
N ALA D 66 -6.61 -11.68 9.94
CA ALA D 66 -5.42 -11.83 10.76
C ALA D 66 -4.19 -11.21 10.12
N ASP D 67 -4.31 -10.70 8.89
CA ASP D 67 -3.19 -10.03 8.23
C ASP D 67 -2.64 -8.94 9.13
N GLY D 68 -1.32 -8.95 9.31
CA GLY D 68 -0.65 -7.95 10.09
C GLY D 68 -0.64 -8.18 11.59
N ALA D 69 -1.42 -9.13 12.10
CA ALA D 69 -1.43 -9.39 13.52
C ALA D 69 -0.10 -9.97 13.94
N ASP D 70 0.43 -9.48 15.06
CA ASP D 70 1.64 -10.06 15.63
C ASP D 70 1.34 -11.22 16.57
N VAL D 71 0.15 -11.27 17.16
CA VAL D 71 -0.27 -12.34 18.07
CA VAL D 71 -0.25 -12.37 18.01
C VAL D 71 -1.76 -12.52 17.90
N LEU D 72 -2.24 -13.76 17.99
CA LEU D 72 -3.68 -14.01 18.00
C LEU D 72 -4.10 -14.44 19.40
N VAL D 73 -5.27 -13.99 19.82
CA VAL D 73 -5.87 -14.42 21.08
C VAL D 73 -7.18 -15.10 20.72
N VAL D 74 -7.34 -16.36 21.16
CA VAL D 74 -8.51 -17.15 20.79
C VAL D 74 -9.23 -17.63 22.04
N SER D 75 -10.53 -17.84 21.90
CA SER D 75 -11.39 -18.09 23.03
C SER D 75 -11.06 -19.42 23.69
N SER D 76 -11.40 -19.50 24.98
CA SER D 76 -11.39 -20.75 25.72
C SER D 76 -12.02 -21.84 24.85
N ALA D 77 -11.18 -22.49 24.03
CA ALA D 77 -11.58 -23.59 23.16
C ALA D 77 -10.32 -24.17 22.52
N ARG D 80 -9.92 -24.40 16.18
CA ARG D 80 -8.62 -24.49 15.52
C ARG D 80 -8.79 -24.69 14.02
N ALA D 81 -10.01 -25.05 13.61
CA ALA D 81 -10.38 -25.05 12.20
C ALA D 81 -10.67 -23.67 11.66
N ASN D 82 -10.75 -22.67 12.53
CA ASN D 82 -11.07 -21.30 12.12
C ASN D 82 -10.02 -20.80 11.13
N PRO D 83 -10.43 -20.10 10.06
CA PRO D 83 -9.46 -19.70 9.04
C PRO D 83 -8.51 -18.61 9.51
N GLU D 84 -8.90 -17.78 10.46
CA GLU D 84 -7.94 -16.84 11.03
C GLU D 84 -6.88 -17.57 11.83
N VAL D 85 -7.31 -18.54 12.64
CA VAL D 85 -6.36 -19.36 13.40
C VAL D 85 -5.43 -20.12 12.48
N ALA D 86 -5.99 -20.78 11.46
CA ALA D 86 -5.18 -21.60 10.57
C ALA D 86 -4.21 -20.76 9.76
N SER D 87 -4.63 -19.56 9.33
CA SER D 87 -3.70 -18.66 8.66
C SER D 87 -2.57 -18.24 9.60
N ALA D 88 -2.88 -18.02 10.87
CA ALA D 88 -1.85 -17.59 11.82
C ALA D 88 -0.84 -18.69 12.08
N LEU D 89 -1.31 -19.93 12.25
CA LEU D 89 -0.40 -21.04 12.53
C LEU D 89 0.53 -21.28 11.36
N GLU D 90 -0.02 -21.30 10.14
CA GLU D 90 0.83 -21.51 8.97
C GLU D 90 1.85 -20.40 8.82
N ARG D 91 1.55 -19.20 9.31
CA ARG D 91 2.49 -18.08 9.26
C ARG D 91 3.37 -17.98 10.50
N ARG D 92 3.29 -18.93 11.43
CA ARG D 92 4.04 -18.90 12.69
C ARG D 92 3.74 -17.64 13.51
N ILE D 93 2.51 -17.15 13.43
CA ILE D 93 2.02 -16.12 14.36
C ILE D 93 1.57 -16.83 15.62
N PRO D 94 2.14 -16.52 16.78
CA PRO D 94 1.72 -17.21 18.01
C PRO D 94 0.23 -17.01 18.27
N VAL D 95 -0.43 -18.09 18.66
CA VAL D 95 -1.83 -18.07 19.02
C VAL D 95 -1.88 -18.35 20.52
N VAL D 96 -2.39 -17.38 21.28
CA VAL D 96 -2.36 -17.43 22.75
CA VAL D 96 -2.36 -17.52 22.74
C VAL D 96 -3.78 -17.63 23.26
N PRO D 97 -4.00 -18.45 24.28
CA PRO D 97 -5.35 -18.59 24.82
C PRO D 97 -5.77 -17.37 25.64
N ARG D 98 -7.09 -17.14 25.65
CA ARG D 98 -7.66 -16.02 26.38
C ARG D 98 -7.09 -15.91 27.78
N ALA D 99 -7.04 -17.05 28.49
CA ALA D 99 -6.61 -17.03 29.89
C ALA D 99 -5.16 -16.57 30.04
N GLU D 100 -4.29 -16.90 29.08
CA GLU D 100 -2.89 -16.51 29.19
C GLU D 100 -2.71 -15.02 28.96
N MET D 101 -3.41 -14.46 27.97
CA MET D 101 -3.31 -13.02 27.72
C MET D 101 -3.86 -12.24 28.91
N LEU D 102 -4.91 -12.75 29.52
CA LEU D 102 -5.46 -12.14 30.72
C LEU D 102 -4.42 -12.08 31.83
N ALA D 103 -3.80 -13.22 32.13
CA ALA D 103 -2.77 -13.29 33.17
C ALA D 103 -1.64 -12.31 32.90
N GLU D 104 -1.33 -12.10 31.63
CA GLU D 104 -0.23 -11.28 31.19
C GLU D 104 -0.44 -9.80 31.49
N LEU D 105 -1.67 -9.36 31.63
CA LEU D 105 -1.92 -7.94 31.85
C LEU D 105 -1.30 -7.44 33.14
N MET D 106 -1.11 -8.33 34.11
CA MET D 106 -0.57 -7.96 35.40
C MET D 106 0.86 -7.46 35.32
N ARG D 107 1.59 -7.78 34.24
CA ARG D 107 2.94 -7.28 34.05
C ARG D 107 3.00 -5.78 33.85
N TYR D 108 1.91 -5.16 33.43
CA TYR D 108 1.93 -3.72 33.13
C TYR D 108 1.44 -2.87 34.28
N ARG D 109 0.99 -3.48 35.37
CA ARG D 109 0.31 -2.77 36.43
C ARG D 109 0.88 -3.20 37.77
N HIS D 110 0.42 -2.55 38.83
CA HIS D 110 0.73 -3.01 40.19
C HIS D 110 -0.23 -4.14 40.50
N GLY D 111 0.20 -5.37 40.28
CA GLY D 111 -0.72 -6.50 40.32
C GLY D 111 -0.86 -7.09 41.70
N ILE D 112 -2.10 -7.33 42.10
CA ILE D 112 -2.45 -7.99 43.35
C ILE D 112 -3.14 -9.30 42.99
N ALA D 113 -2.46 -10.43 43.18
CA ALA D 113 -3.00 -11.74 42.84
C ALA D 113 -3.67 -12.34 44.06
N VAL D 114 -4.96 -12.64 43.98
CA VAL D 114 -5.69 -13.22 45.09
C VAL D 114 -5.79 -14.72 44.84
N ALA D 115 -4.95 -15.49 45.51
CA ALA D 115 -4.86 -16.94 45.35
C ALA D 115 -5.42 -17.65 46.58
N GLY D 116 -5.63 -18.95 46.46
CA GLY D 116 -6.26 -19.73 47.50
C GLY D 116 -7.39 -20.49 46.84
N THR D 117 -7.75 -21.63 47.42
CA THR D 117 -8.78 -22.44 46.77
C THR D 117 -10.15 -21.82 46.96
N HIS D 118 -10.44 -21.26 48.13
CA HIS D 118 -11.74 -20.69 48.44
C HIS D 118 -11.61 -19.23 48.84
N GLY D 119 -12.58 -18.42 48.43
CA GLY D 119 -12.63 -17.04 48.82
C GLY D 119 -12.02 -16.04 47.84
N LYS D 120 -11.59 -16.48 46.66
CA LYS D 120 -10.91 -15.57 45.76
C LYS D 120 -11.86 -14.49 45.26
N THR D 121 -13.11 -14.85 44.94
CA THR D 121 -14.02 -13.88 44.36
C THR D 121 -14.39 -12.81 45.37
N THR D 122 -14.73 -13.22 46.60
CA THR D 122 -15.13 -12.24 47.60
C THR D 122 -13.95 -11.38 48.04
N THR D 123 -12.77 -11.99 48.18
CA THR D 123 -11.61 -11.22 48.61
C THR D 123 -11.19 -10.23 47.52
N THR D 124 -11.24 -10.65 46.26
CA THR D 124 -10.94 -9.71 45.17
C THR D 124 -11.93 -8.54 45.18
N SER D 125 -13.22 -8.83 45.35
CA SER D 125 -14.23 -7.78 45.34
C SER D 125 -14.09 -6.85 46.53
N LEU D 126 -13.74 -7.40 47.71
CA LEU D 126 -13.53 -6.54 48.87
C LEU D 126 -12.33 -5.64 48.66
N ILE D 127 -11.26 -6.18 48.05
CA ILE D 127 -10.08 -5.38 47.75
C ILE D 127 -10.42 -4.27 46.76
N ALA D 128 -11.07 -4.61 45.63
CA ALA D 128 -11.55 -3.58 44.72
C ALA D 128 -12.40 -2.56 45.45
N SER D 129 -13.26 -3.02 46.36
CA SER D 129 -14.17 -2.09 47.01
C SER D 129 -13.42 -1.10 47.90
N VAL D 130 -12.38 -1.56 48.61
CA VAL D 130 -11.60 -0.68 49.48
C VAL D 130 -10.70 0.24 48.66
N PHE D 131 -10.02 -0.28 47.64
CA PHE D 131 -9.21 0.59 46.79
C PHE D 131 -10.09 1.64 46.14
N ALA D 132 -11.29 1.27 45.70
CA ALA D 132 -12.19 2.26 45.12
C ALA D 132 -12.53 3.35 46.11
N ALA D 133 -12.82 2.97 47.35
CA ALA D 133 -13.17 3.98 48.35
C ALA D 133 -11.99 4.89 48.69
N GLY D 134 -10.77 4.46 48.42
CA GLY D 134 -9.61 5.31 48.54
C GLY D 134 -9.27 6.06 47.28
N GLY D 135 -10.13 6.00 46.26
CA GLY D 135 -10.00 6.84 45.09
C GLY D 135 -9.13 6.27 43.99
N LEU D 136 -8.83 4.96 44.01
CA LEU D 136 -7.86 4.35 43.12
C LEU D 136 -8.48 3.62 41.93
N ASP D 137 -9.82 3.50 41.89
CA ASP D 137 -10.54 2.99 40.71
C ASP D 137 -9.92 1.74 40.07
N PRO D 138 -9.63 0.71 40.84
CA PRO D 138 -8.84 -0.41 40.30
C PRO D 138 -9.62 -1.21 39.27
N THR D 139 -8.90 -1.76 38.31
CA THR D 139 -9.46 -2.81 37.47
C THR D 139 -9.32 -4.14 38.21
N PHE D 140 -10.37 -4.98 38.15
CA PHE D 140 -10.29 -6.25 38.82
C PHE D 140 -10.90 -7.35 37.96
N VAL D 141 -10.47 -8.58 38.23
CA VAL D 141 -10.82 -9.75 37.45
C VAL D 141 -11.50 -10.74 38.38
N ILE D 142 -12.78 -10.99 38.15
CA ILE D 142 -13.49 -12.06 38.84
C ILE D 142 -14.20 -12.89 37.78
N GLY D 143 -14.17 -14.21 37.95
CA GLY D 143 -14.78 -15.10 36.97
C GLY D 143 -14.20 -14.96 35.58
N GLY D 144 -12.95 -14.56 35.47
CA GLY D 144 -12.36 -14.30 34.17
C GLY D 144 -12.88 -13.10 33.43
N ARG D 145 -13.63 -12.22 34.08
CA ARG D 145 -14.14 -11.01 33.47
C ARG D 145 -13.49 -9.80 34.11
N LEU D 146 -12.96 -8.90 33.29
CA LEU D 146 -12.37 -7.66 33.78
C LEU D 146 -13.45 -6.65 34.10
N ASN D 147 -13.30 -5.99 35.26
CA ASN D 147 -14.25 -4.98 35.71
C ASN D 147 -13.52 -3.81 36.32
N ALA D 148 -14.22 -2.69 36.38
CA ALA D 148 -13.76 -1.56 37.17
C ALA D 148 -14.96 -0.87 37.82
N ALA D 149 -16.07 -1.58 37.97
CA ALA D 149 -17.25 -1.13 38.71
C ALA D 149 -17.67 0.23 38.14
N GLY D 150 -17.90 1.24 38.97
CA GLY D 150 -18.40 2.50 38.48
C GLY D 150 -17.32 3.33 37.81
N THR D 151 -16.44 2.68 37.05
CA THR D 151 -15.41 3.43 36.33
C THR D 151 -16.05 4.30 35.25
N ASN D 152 -15.36 5.40 34.94
CA ASN D 152 -15.67 6.25 33.81
C ASN D 152 -14.50 6.29 32.82
N ALA D 153 -13.76 5.19 32.70
CA ALA D 153 -12.58 5.11 31.86
C ALA D 153 -12.52 3.76 31.17
N GLN D 154 -11.57 3.61 30.26
CA GLN D 154 -11.22 2.30 29.75
C GLN D 154 -10.77 1.41 30.90
N LEU D 155 -11.04 0.12 30.77
CA LEU D 155 -10.47 -0.86 31.69
C LEU D 155 -8.94 -0.74 31.67
N GLY D 156 -8.32 -1.03 32.81
CA GLY D 156 -6.89 -0.91 32.93
C GLY D 156 -6.34 0.49 33.14
N ALA D 157 -7.19 1.51 33.28
CA ALA D 157 -6.61 2.84 33.42
C ALA D 157 -5.94 3.03 34.79
N SER D 158 -6.48 2.40 35.82
CA SER D 158 -5.88 2.45 37.15
C SER D 158 -4.44 1.89 37.13
N ARG D 159 -3.65 2.33 38.12
CA ARG D 159 -2.35 1.74 38.37
C ARG D 159 -2.46 0.29 38.84
N TYR D 160 -3.61 -0.10 39.40
CA TYR D 160 -3.76 -1.36 40.11
C TYR D 160 -4.58 -2.35 39.29
N LEU D 161 -4.15 -3.60 39.31
CA LEU D 161 -4.91 -4.72 38.74
C LEU D 161 -5.03 -5.81 39.79
N VAL D 162 -6.26 -6.08 40.23
CA VAL D 162 -6.56 -7.08 41.25
C VAL D 162 -7.20 -8.27 40.55
N ALA D 163 -6.60 -9.46 40.70
CA ALA D 163 -7.09 -10.61 39.94
C ALA D 163 -7.06 -11.90 40.75
N GLU D 164 -8.10 -12.72 40.56
CA GLU D 164 -8.11 -14.07 41.07
C GLU D 164 -6.97 -14.86 40.44
N ALA D 165 -6.26 -15.62 41.27
CA ALA D 165 -5.25 -16.55 40.78
C ALA D 165 -5.69 -17.97 41.12
N ASP D 166 -6.09 -18.71 40.11
CA ASP D 166 -6.69 -20.03 40.24
C ASP D 166 -5.64 -21.09 40.03
N GLU D 167 -5.39 -21.92 41.05
CA GLU D 167 -4.31 -22.91 40.91
C GLU D 167 -4.61 -23.99 39.87
N SER D 168 -5.81 -24.02 39.29
CA SER D 168 -6.08 -24.95 38.20
C SER D 168 -5.88 -24.30 36.83
N ASP D 169 -5.68 -22.99 36.80
CA ASP D 169 -5.45 -22.30 35.55
C ASP D 169 -4.05 -22.59 35.02
N ALA D 170 -3.96 -22.86 33.72
CA ALA D 170 -2.67 -23.12 33.08
C ALA D 170 -1.68 -21.99 33.25
N SER D 171 -2.16 -20.77 33.47
CA SER D 171 -1.29 -19.60 33.60
C SER D 171 -0.87 -19.32 35.05
N PHE D 172 -1.25 -20.19 36.00
CA PHE D 172 -1.06 -19.87 37.41
C PHE D 172 0.37 -19.47 37.71
N LEU D 173 1.34 -20.25 37.26
CA LEU D 173 2.76 -20.01 37.54
C LEU D 173 3.39 -19.00 36.59
N HIS D 174 2.60 -18.29 35.79
CA HIS D 174 3.11 -17.23 34.94
C HIS D 174 2.57 -15.86 35.33
N LEU D 175 1.78 -15.76 36.39
CA LEU D 175 1.38 -14.46 36.90
C LEU D 175 2.58 -13.76 37.52
N GLN D 176 2.66 -12.44 37.32
CA GLN D 176 3.75 -11.62 37.86
C GLN D 176 3.20 -10.52 38.78
N PRO D 177 2.72 -10.89 39.96
CA PRO D 177 2.12 -9.91 40.86
C PRO D 177 3.15 -9.18 41.70
N MET D 178 2.73 -8.03 42.24
CA MET D 178 3.49 -7.34 43.28
C MET D 178 3.13 -7.83 44.65
N VAL D 179 1.89 -8.28 44.83
CA VAL D 179 1.36 -8.75 46.11
C VAL D 179 0.52 -9.96 45.81
N ALA D 180 0.60 -10.98 46.66
CA ALA D 180 -0.19 -12.19 46.46
C ALA D 180 -0.79 -12.62 47.78
N VAL D 181 -2.09 -12.93 47.76
CA VAL D 181 -2.79 -13.51 48.90
C VAL D 181 -2.87 -15.00 48.68
N VAL D 182 -2.75 -15.76 49.77
CA VAL D 182 -3.10 -17.17 49.76
C VAL D 182 -4.13 -17.34 50.88
N THR D 183 -5.40 -17.47 50.50
CA THR D 183 -6.46 -17.56 51.51
C THR D 183 -6.47 -18.92 52.21
N ASN D 184 -6.16 -19.99 51.46
CA ASN D 184 -6.20 -21.36 51.97
C ASN D 184 -5.77 -22.29 50.85
N ILE D 185 -5.41 -23.52 51.19
CA ILE D 185 -4.97 -24.50 50.21
C ILE D 185 -5.78 -25.77 50.40
N ASP D 186 -6.74 -26.01 49.53
CA ASP D 186 -7.62 -27.16 49.64
C ASP D 186 -7.26 -28.13 48.51
N ALA D 187 -7.96 -29.25 48.46
CA ALA D 187 -7.58 -30.32 47.55
C ALA D 187 -8.45 -30.40 46.31
N ASP D 188 -9.40 -29.48 46.15
CA ASP D 188 -10.31 -29.45 45.01
C ASP D 188 -9.64 -29.78 43.67
N HIS D 189 -8.46 -29.21 43.40
CA HIS D 189 -7.81 -29.34 42.09
C HIS D 189 -6.59 -30.23 42.13
N MET D 190 -6.61 -31.27 42.95
CA MET D 190 -5.52 -32.24 42.92
C MET D 190 -5.31 -32.84 41.53
N ALA D 191 -6.38 -32.99 40.75
CA ALA D 191 -6.26 -33.58 39.41
C ALA D 191 -5.31 -32.78 38.53
N THR D 192 -5.30 -31.45 38.69
CA THR D 192 -4.36 -30.62 37.94
C THR D 192 -2.92 -30.99 38.23
N TYR D 193 -2.64 -31.60 39.37
CA TYR D 193 -1.27 -31.89 39.78
C TYR D 193 -1.09 -33.38 40.03
N GLY D 194 -1.57 -34.20 39.10
CA GLY D 194 -1.42 -35.64 39.20
C GLY D 194 -2.12 -36.24 40.39
N GLY D 195 -3.18 -35.61 40.88
CA GLY D 195 -3.88 -36.14 42.04
C GLY D 195 -3.01 -36.30 43.27
N ASP D 196 -2.06 -35.40 43.47
CA ASP D 196 -1.15 -35.48 44.61
C ASP D 196 -1.15 -34.17 45.37
N PHE D 197 -1.68 -34.18 46.59
CA PHE D 197 -1.80 -32.96 47.36
C PHE D 197 -0.44 -32.34 47.66
N ASN D 198 0.59 -33.16 47.85
CA ASN D 198 1.91 -32.60 48.15
C ASN D 198 2.46 -31.83 46.95
N LYS D 199 2.21 -32.32 45.73
CA LYS D 199 2.61 -31.57 44.54
C LYS D 199 1.81 -30.27 44.41
N LEU D 200 0.54 -30.31 44.78
CA LEU D 200 -0.26 -29.09 44.78
C LEU D 200 0.30 -28.06 45.76
N LYS D 201 0.72 -28.51 46.95
CA LYS D 201 1.33 -27.59 47.91
C LYS D 201 2.59 -26.95 47.35
N LYS D 202 3.46 -27.74 46.72
CA LYS D 202 4.70 -27.17 46.18
C LYS D 202 4.42 -26.13 45.10
N THR D 203 3.30 -26.25 44.40
CA THR D 203 2.96 -25.28 43.36
C THR D 203 2.63 -23.92 43.96
N PHE D 204 1.97 -23.90 45.14
CA PHE D 204 1.79 -22.64 45.85
C PHE D 204 3.12 -22.05 46.30
N VAL D 205 4.10 -22.88 46.65
CA VAL D 205 5.41 -22.33 46.99
C VAL D 205 6.04 -21.71 45.77
N GLU D 206 6.00 -22.41 44.63
CA GLU D 206 6.59 -21.85 43.41
CA GLU D 206 6.56 -21.87 43.40
C GLU D 206 5.85 -20.59 42.99
N PHE D 207 4.53 -20.56 43.15
CA PHE D 207 3.75 -19.37 42.85
C PHE D 207 4.23 -18.18 43.67
N LEU D 208 4.41 -18.35 44.98
CA LEU D 208 4.81 -17.21 45.79
C LEU D 208 6.23 -16.75 45.49
N HIS D 209 7.06 -17.62 44.92
CA HIS D 209 8.40 -17.20 44.51
C HIS D 209 8.41 -16.43 43.21
N ASN D 210 7.28 -16.34 42.51
CA ASN D 210 7.16 -15.38 41.42
C ASN D 210 7.04 -13.95 41.91
N LEU D 211 6.77 -13.74 43.20
CA LEU D 211 6.92 -12.41 43.75
C LEU D 211 8.37 -11.97 43.64
N PRO D 212 8.61 -10.69 43.40
CA PRO D 212 9.97 -10.17 43.51
C PRO D 212 10.33 -10.01 44.98
N PHE D 213 11.63 -9.88 45.24
CA PHE D 213 12.08 -9.82 46.62
C PHE D 213 11.45 -8.65 47.36
N TYR D 214 11.06 -7.58 46.64
CA TYR D 214 10.32 -6.46 47.23
C TYR D 214 8.80 -6.70 47.28
N GLY D 215 8.32 -7.86 46.86
CA GLY D 215 6.89 -8.12 46.85
C GLY D 215 6.37 -8.42 48.24
N LEU D 216 5.10 -8.79 48.31
CA LEU D 216 4.52 -9.11 49.61
C LEU D 216 3.66 -10.34 49.46
N ALA D 217 3.84 -11.31 50.36
CA ALA D 217 2.96 -12.46 50.46
C ALA D 217 2.05 -12.28 51.68
N VAL D 218 0.75 -12.45 51.47
CA VAL D 218 -0.27 -12.23 52.49
C VAL D 218 -0.91 -13.59 52.76
N MET D 219 -0.63 -14.18 53.92
CA MET D 219 -0.87 -15.59 54.14
C MET D 219 -1.82 -15.80 55.31
N CYS D 220 -2.84 -16.63 55.10
CA CYS D 220 -3.79 -16.95 56.16
C CYS D 220 -3.21 -18.08 56.98
N VAL D 221 -2.65 -17.78 58.15
CA VAL D 221 -2.04 -18.84 58.94
C VAL D 221 -3.06 -19.65 59.72
N ASP D 222 -4.34 -19.32 59.63
CA ASP D 222 -5.33 -20.22 60.24
C ASP D 222 -5.37 -21.57 59.51
N ASP D 223 -5.01 -21.59 58.23
CA ASP D 223 -4.95 -22.84 57.46
C ASP D 223 -3.66 -23.58 57.78
N PRO D 224 -3.72 -24.81 58.28
CA PRO D 224 -2.46 -25.51 58.62
C PRO D 224 -1.59 -25.79 57.40
N VAL D 225 -2.19 -25.93 56.22
CA VAL D 225 -1.39 -26.11 55.02
C VAL D 225 -0.61 -24.84 54.71
N VAL D 226 -1.23 -23.66 54.87
CA VAL D 226 -0.49 -22.41 54.69
C VAL D 226 0.60 -22.29 55.75
N ARG D 227 0.27 -22.63 57.00
CA ARG D 227 1.25 -22.57 58.07
C ARG D 227 2.43 -23.48 57.77
N GLU D 228 2.20 -24.58 57.04
CA GLU D 228 3.27 -25.51 56.72
C GLU D 228 4.25 -24.93 55.70
N ILE D 229 3.74 -24.25 54.66
CA ILE D 229 4.66 -23.77 53.65
C ILE D 229 5.30 -22.44 54.02
N LEU D 230 4.81 -21.79 55.07
CA LEU D 230 5.28 -20.46 55.46
C LEU D 230 6.79 -20.37 55.58
N PRO D 231 7.50 -21.29 56.24
CA PRO D 231 8.96 -21.14 56.33
C PRO D 231 9.68 -21.24 54.98
N GLN D 232 9.02 -21.69 53.92
CA GLN D 232 9.67 -21.81 52.62
C GLN D 232 9.57 -20.55 51.77
N ILE D 233 8.73 -19.60 52.16
CA ILE D 233 8.51 -18.39 51.38
C ILE D 233 9.65 -17.45 51.73
N ALA D 234 10.64 -17.35 50.86
CA ALA D 234 11.72 -16.40 51.09
C ALA D 234 11.37 -15.04 50.50
N ARG D 235 10.20 -14.52 50.86
CA ARG D 235 9.67 -13.24 50.42
C ARG D 235 9.07 -12.53 51.62
N PRO D 236 8.98 -11.20 51.59
CA PRO D 236 8.31 -10.50 52.70
C PRO D 236 6.90 -11.03 52.88
N THR D 237 6.53 -11.29 54.13
CA THR D 237 5.27 -11.96 54.46
C THR D 237 4.56 -11.26 55.60
N VAL D 238 3.25 -11.09 55.46
CA VAL D 238 2.38 -10.71 56.57
C VAL D 238 1.31 -11.78 56.70
N THR D 239 1.17 -12.35 57.90
CA THR D 239 0.17 -13.37 58.14
C THR D 239 -1.09 -12.75 58.73
N TYR D 240 -2.22 -13.44 58.54
CA TYR D 240 -3.48 -12.95 59.09
C TYR D 240 -4.33 -14.13 59.49
N GLY D 241 -5.33 -13.87 60.33
CA GLY D 241 -6.27 -14.91 60.71
C GLY D 241 -6.82 -14.64 62.10
N LEU D 242 -7.50 -15.64 62.64
CA LEU D 242 -7.87 -15.60 64.04
C LEU D 242 -6.79 -16.18 64.93
N SER D 243 -5.85 -16.93 64.35
CA SER D 243 -4.76 -17.51 65.13
C SER D 243 -4.10 -16.43 65.98
N GLU D 244 -3.79 -16.78 67.22
CA GLU D 244 -3.23 -15.83 68.17
C GLU D 244 -1.87 -15.31 67.73
N ASP D 245 -1.18 -16.05 66.87
CA ASP D 245 0.15 -15.65 66.42
C ASP D 245 0.11 -14.97 65.06
N ALA D 246 -1.08 -14.66 64.54
CA ALA D 246 -1.17 -13.98 63.24
C ALA D 246 -0.75 -12.52 63.38
N ASP D 247 -0.05 -11.98 62.37
CA ASP D 247 0.34 -10.57 62.39
C ASP D 247 -0.89 -9.67 62.45
N VAL D 248 -1.90 -9.95 61.64
CA VAL D 248 -3.13 -9.16 61.57
C VAL D 248 -4.29 -10.07 61.98
N ARG D 249 -4.95 -9.72 63.09
CA ARG D 249 -5.93 -10.57 63.74
C ARG D 249 -7.27 -9.86 63.88
N ALA D 250 -8.34 -10.65 63.94
CA ALA D 250 -9.67 -10.16 64.28
C ALA D 250 -10.04 -10.67 65.67
N ILE D 251 -10.57 -9.79 66.51
CA ILE D 251 -11.05 -10.19 67.83
C ILE D 251 -12.40 -9.54 68.05
N ASN D 252 -13.10 -10.02 69.09
CA ASN D 252 -14.38 -9.46 69.53
C ASN D 252 -15.37 -9.39 68.38
N ILE D 253 -15.56 -10.55 67.74
CA ILE D 253 -16.48 -10.66 66.63
C ILE D 253 -17.91 -10.64 67.16
N ARG D 254 -18.77 -9.85 66.52
CA ARG D 254 -20.14 -9.79 66.97
C ARG D 254 -21.03 -9.56 65.75
N GLN D 255 -22.34 -9.61 65.98
CA GLN D 255 -23.29 -9.45 64.90
C GLN D 255 -24.38 -8.46 65.31
N GLU D 256 -24.88 -7.74 64.31
CA GLU D 256 -26.02 -6.84 64.46
C GLU D 256 -26.75 -6.87 63.12
N GLY D 257 -27.71 -7.79 63.02
CA GLY D 257 -28.40 -8.04 61.76
C GLY D 257 -27.63 -8.96 60.83
N MET D 258 -27.64 -8.68 59.53
CA MET D 258 -26.80 -9.39 58.58
C MET D 258 -25.37 -8.88 58.55
N ARG D 259 -25.04 -7.96 59.44
CA ARG D 259 -23.73 -7.31 59.49
C ARG D 259 -22.88 -7.91 60.60
N THR D 260 -21.60 -8.11 60.31
CA THR D 260 -20.66 -8.64 61.28
C THR D 260 -19.64 -7.57 61.64
N TRP D 261 -19.47 -7.33 62.94
CA TRP D 261 -18.49 -6.39 63.44
C TRP D 261 -17.29 -7.13 64.02
N PHE D 262 -16.12 -6.50 63.95
CA PHE D 262 -14.96 -7.04 64.66
C PHE D 262 -13.88 -5.97 64.76
N THR D 263 -12.94 -6.20 65.68
CA THR D 263 -11.80 -5.31 65.88
C THR D 263 -10.58 -5.96 65.24
N VAL D 264 -9.88 -5.21 64.38
CA VAL D 264 -8.69 -5.74 63.71
CA VAL D 264 -8.69 -5.72 63.69
C VAL D 264 -7.45 -5.15 64.37
N LEU D 265 -6.50 -6.02 64.68
CA LEU D 265 -5.23 -5.65 65.27
C LEU D 265 -4.18 -5.75 64.20
N ARG D 266 -3.31 -4.74 64.12
CA ARG D 266 -2.27 -4.65 63.11
C ARG D 266 -0.99 -4.23 63.81
N PRO D 267 0.17 -4.73 63.38
CA PRO D 267 1.42 -4.29 64.00
C PRO D 267 1.58 -2.77 63.93
N GLU D 268 2.03 -2.19 65.04
CA GLU D 268 2.32 -0.76 65.14
C GLU D 268 1.14 0.12 64.74
N ARG D 269 -0.10 -0.35 64.94
CA ARG D 269 -1.28 0.49 64.74
C ARG D 269 -2.23 0.32 65.92
N GLU D 270 -3.15 1.25 66.04
CA GLU D 270 -4.17 1.08 67.07
C GLU D 270 -5.25 0.12 66.58
N PRO D 271 -5.96 -0.54 67.50
CA PRO D 271 -7.04 -1.43 67.06
C PRO D 271 -8.10 -0.64 66.31
N LEU D 272 -8.72 -1.28 65.32
CA LEU D 272 -9.64 -0.62 64.40
C LEU D 272 -10.91 -1.44 64.28
N ASP D 273 -12.06 -0.83 64.60
CA ASP D 273 -13.34 -1.50 64.46
C ASP D 273 -13.87 -1.38 63.04
N VAL D 274 -14.23 -2.52 62.44
CA VAL D 274 -14.76 -2.58 61.09
C VAL D 274 -15.99 -3.46 61.09
N SER D 275 -16.79 -3.35 60.03
CA SER D 275 -17.91 -4.26 59.82
C SER D 275 -18.00 -4.63 58.35
N VAL D 276 -18.62 -5.78 58.10
CA VAL D 276 -18.83 -6.26 56.75
C VAL D 276 -20.26 -6.77 56.64
N ASN D 277 -20.91 -6.49 55.50
CA ASN D 277 -22.35 -6.80 55.36
CA ASN D 277 -22.32 -6.78 55.27
C ASN D 277 -22.59 -8.22 54.88
N MET D 278 -21.85 -9.18 55.42
CA MET D 278 -22.02 -10.60 55.10
C MET D 278 -21.61 -11.41 56.31
N PRO D 279 -22.26 -12.53 56.56
CA PRO D 279 -21.99 -13.29 57.78
C PRO D 279 -20.95 -14.38 57.55
N GLY D 280 -20.47 -14.94 58.65
CA GLY D 280 -19.55 -16.06 58.58
C GLY D 280 -18.12 -15.68 58.87
N LEU D 281 -17.38 -16.58 59.53
CA LEU D 281 -15.98 -16.30 59.77
C LEU D 281 -15.20 -16.20 58.48
N HIS D 282 -15.61 -16.91 57.44
CA HIS D 282 -14.86 -16.86 56.20
C HIS D 282 -14.86 -15.44 55.63
N ASN D 283 -15.92 -14.68 55.87
CA ASN D 283 -15.92 -13.29 55.43
C ASN D 283 -15.17 -12.37 56.38
N VAL D 284 -15.03 -12.75 57.66
CA VAL D 284 -14.07 -12.06 58.51
C VAL D 284 -12.67 -12.25 57.97
N LEU D 285 -12.36 -13.47 57.51
CA LEU D 285 -11.04 -13.74 56.95
C LEU D 285 -10.83 -13.03 55.60
N ASN D 286 -11.85 -13.01 54.75
CA ASN D 286 -11.73 -12.25 53.50
C ASN D 286 -11.45 -10.78 53.79
N SER D 287 -12.08 -10.24 54.85
CA SER D 287 -11.84 -8.85 55.20
C SER D 287 -10.43 -8.65 55.74
N LEU D 288 -9.94 -9.58 56.55
CA LEU D 288 -8.58 -9.47 57.07
C LEU D 288 -7.58 -9.42 55.93
N ALA D 289 -7.72 -10.33 54.95
CA ALA D 289 -6.85 -10.29 53.78
C ALA D 289 -6.86 -8.92 53.14
N THR D 290 -8.05 -8.38 52.91
CA THR D 290 -8.21 -7.06 52.32
C THR D 290 -7.52 -6.00 53.16
N ILE D 291 -7.67 -6.07 54.48
CA ILE D 291 -7.09 -5.07 55.38
C ILE D 291 -5.57 -5.14 55.34
N VAL D 292 -4.99 -6.33 55.20
CA VAL D 292 -3.54 -6.43 55.11
C VAL D 292 -3.05 -5.73 53.84
N ILE D 293 -3.74 -5.97 52.72
CA ILE D 293 -3.31 -5.37 51.45
CA ILE D 293 -3.34 -5.38 51.43
C ILE D 293 -3.47 -3.87 51.48
N ALA D 294 -4.63 -3.39 51.96
CA ALA D 294 -4.86 -1.95 51.99
C ALA D 294 -3.87 -1.28 52.93
N THR D 295 -3.57 -1.91 54.06
CA THR D 295 -2.60 -1.33 54.99
C THR D 295 -1.23 -1.21 54.34
N ASP D 296 -0.75 -2.31 53.75
CA ASP D 296 0.55 -2.27 53.09
C ASP D 296 0.61 -1.19 52.02
N GLU D 297 -0.51 -0.93 51.35
CA GLU D 297 -0.58 0.05 50.28
C GLU D 297 -0.76 1.47 50.80
N GLY D 298 -0.93 1.68 52.10
CA GLY D 298 -1.01 3.03 52.62
C GLY D 298 -2.39 3.64 52.63
N ILE D 299 -3.42 2.84 52.45
CA ILE D 299 -4.79 3.35 52.37
C ILE D 299 -5.32 3.68 53.77
N SER D 300 -6.08 4.77 53.88
CA SER D 300 -6.52 5.27 55.17
C SER D 300 -7.48 4.30 55.86
N ASP D 301 -7.61 4.46 57.19
CA ASP D 301 -8.63 3.74 57.94
C ASP D 301 -10.02 4.02 57.41
N GLU D 302 -10.31 5.29 57.10
CA GLU D 302 -11.66 5.67 56.64
CA GLU D 302 -11.66 5.64 56.66
C GLU D 302 -12.02 4.93 55.36
N ALA D 303 -11.07 4.84 54.43
CA ALA D 303 -11.36 4.15 53.16
C ALA D 303 -11.49 2.65 53.39
N ILE D 304 -10.74 2.10 54.35
CA ILE D 304 -10.88 0.69 54.69
C ILE D 304 -12.25 0.43 55.28
N VAL D 305 -12.66 1.25 56.25
CA VAL D 305 -13.95 1.07 56.89
C VAL D 305 -15.06 1.24 55.86
N GLN D 306 -14.96 2.28 55.05
CA GLN D 306 -16.01 2.54 54.05
C GLN D 306 -16.06 1.45 52.99
N GLY D 307 -14.91 0.96 52.52
CA GLY D 307 -14.93 -0.07 51.50
C GLY D 307 -15.52 -1.37 51.98
N LEU D 308 -15.15 -1.79 53.19
CA LEU D 308 -15.69 -3.03 53.76
C LEU D 308 -17.17 -2.92 54.06
N SER D 309 -17.59 -1.75 54.58
CA SER D 309 -18.96 -1.55 55.04
C SER D 309 -19.96 -1.46 53.90
N GLY D 310 -19.52 -1.03 52.72
CA GLY D 310 -20.41 -0.83 51.61
C GLY D 310 -20.50 -1.98 50.65
N PHE D 311 -19.72 -3.04 50.84
CA PHE D 311 -19.79 -4.15 49.91
C PHE D 311 -21.09 -4.90 50.11
N GLN D 312 -21.89 -5.01 49.04
CA GLN D 312 -23.25 -5.52 49.16
C GLN D 312 -23.26 -7.05 49.34
N GLY D 313 -22.49 -7.76 48.52
CA GLY D 313 -22.45 -9.21 48.58
C GLY D 313 -22.28 -9.88 47.22
N MET E 9 6.99 13.60 16.50
CA MET E 9 8.26 13.66 15.80
C MET E 9 9.13 12.45 16.11
N ARG E 10 9.75 11.85 15.08
CA ARG E 10 10.55 10.64 15.28
C ARG E 10 11.89 10.72 14.56
N ARG E 11 11.98 11.43 13.43
CA ARG E 11 13.19 11.52 12.63
CA ARG E 11 13.20 11.51 12.64
C ARG E 11 13.74 12.94 12.69
N ILE E 12 14.95 13.08 13.22
CA ILE E 12 15.65 14.35 13.33
C ILE E 12 16.78 14.36 12.32
N HIS E 13 16.86 15.42 11.53
CA HIS E 13 17.86 15.54 10.46
C HIS E 13 18.83 16.69 10.77
N PHE E 14 20.12 16.37 10.84
CA PHE E 14 21.17 17.33 11.14
C PHE E 14 21.80 17.77 9.84
N VAL E 15 21.81 19.08 9.58
CA VAL E 15 22.51 19.62 8.43
C VAL E 15 23.93 19.94 8.86
N GLY E 16 24.90 19.19 8.33
CA GLY E 16 26.26 19.29 8.82
C GLY E 16 26.51 18.43 10.05
N ILE E 17 26.04 17.17 10.02
CA ILE E 17 26.07 16.31 11.19
C ILE E 17 27.49 15.99 11.63
N GLY E 18 28.47 16.17 10.75
CA GLY E 18 29.84 15.91 11.13
C GLY E 18 30.49 17.02 11.91
N GLY E 19 29.84 18.18 11.98
CA GLY E 19 30.40 19.31 12.71
C GLY E 19 30.61 19.02 14.17
N ALA E 20 31.54 19.76 14.77
CA ALA E 20 31.98 19.46 16.13
C ALA E 20 30.88 19.62 17.16
N GLY E 21 29.97 20.58 16.97
CA GLY E 21 28.87 20.70 17.90
C GLY E 21 27.66 19.87 17.61
N MET E 22 27.60 19.22 16.44
CA MET E 22 26.43 18.48 16.00
C MET E 22 26.51 16.99 16.30
N CYS E 23 27.68 16.38 16.11
CA CYS E 23 27.76 14.93 16.21
C CYS E 23 27.37 14.44 17.60
N GLY E 24 27.74 15.17 18.65
CA GLY E 24 27.38 14.74 19.99
C GLY E 24 25.87 14.74 20.22
N ILE E 25 25.19 15.79 19.74
CA ILE E 25 23.74 15.87 19.90
C ILE E 25 23.08 14.72 19.15
N ALA E 26 23.58 14.42 17.96
CA ALA E 26 23.02 13.32 17.20
C ALA E 26 23.19 11.98 17.93
N GLU E 27 24.35 11.79 18.58
CA GLU E 27 24.59 10.54 19.29
C GLU E 27 23.62 10.37 20.47
N VAL E 28 23.36 11.44 21.22
CA VAL E 28 22.41 11.35 22.32
C VAL E 28 21.02 11.00 21.82
N LEU E 29 20.60 11.63 20.71
CA LEU E 29 19.26 11.34 20.20
C LEU E 29 19.15 9.90 19.74
N LEU E 30 20.22 9.36 19.15
CA LEU E 30 20.26 7.93 18.86
C LEU E 30 20.11 7.13 20.14
N ASN E 31 20.83 7.54 21.19
CA ASN E 31 20.76 6.81 22.46
C ASN E 31 19.36 6.88 23.04
N LEU E 32 18.63 7.97 22.78
CA LEU E 32 17.29 8.10 23.29
C LEU E 32 16.27 7.31 22.47
N GLY E 33 16.66 6.77 21.32
CA GLY E 33 15.76 5.97 20.50
C GLY E 33 15.16 6.64 19.28
N TYR E 34 15.61 7.83 18.92
CA TYR E 34 15.07 8.51 17.76
C TYR E 34 15.72 8.01 16.47
N GLU E 35 15.01 8.16 15.36
CA GLU E 35 15.63 8.05 14.05
C GLU E 35 16.43 9.32 13.80
N VAL E 36 17.72 9.16 13.46
CA VAL E 36 18.60 10.30 13.24
C VAL E 36 19.21 10.15 11.85
N SER E 37 19.10 11.19 11.05
CA SER E 37 19.80 11.26 9.78
C SER E 37 20.61 12.54 9.75
N GLY E 38 21.54 12.61 8.81
CA GLY E 38 22.35 13.81 8.73
C GLY E 38 23.12 13.92 7.44
N SER E 39 23.40 15.13 7.00
CA SER E 39 24.21 15.35 5.81
C SER E 39 25.53 16.00 6.20
N ASP E 40 26.54 15.79 5.35
CA ASP E 40 27.80 16.51 5.49
C ASP E 40 28.53 16.48 4.16
N LEU E 41 29.52 17.38 4.04
CA LEU E 41 30.27 17.50 2.81
C LEU E 41 31.25 16.34 2.64
N LYS E 42 31.78 15.80 3.74
CA LYS E 42 32.76 14.73 3.66
C LYS E 42 32.44 13.66 4.69
N ALA E 43 32.57 12.40 4.28
CA ALA E 43 32.54 11.32 5.26
C ALA E 43 33.77 11.42 6.14
N SER E 44 33.60 11.12 7.42
CA SER E 44 34.72 11.12 8.35
C SER E 44 34.51 10.00 9.34
N ALA E 45 35.51 9.79 10.21
CA ALA E 45 35.33 8.85 11.29
C ALA E 45 34.15 9.23 12.16
N VAL E 46 33.81 10.52 12.20
CA VAL E 46 32.69 10.98 13.01
C VAL E 46 31.37 10.48 12.43
N THR E 47 31.20 10.59 11.12
CA THR E 47 29.97 10.11 10.51
C THR E 47 29.94 8.59 10.46
N GLU E 48 31.11 7.95 10.34
CA GLU E 48 31.14 6.49 10.37
C GLU E 48 30.72 5.97 11.73
N ARG E 49 31.17 6.63 12.80
CA ARG E 49 30.73 6.24 14.13
C ARG E 49 29.22 6.41 14.28
N LEU E 50 28.70 7.56 13.83
CA LEU E 50 27.25 7.78 13.88
C LEU E 50 26.52 6.73 13.07
N GLU E 51 27.08 6.36 11.92
CA GLU E 51 26.42 5.34 11.11
C GLU E 51 26.43 3.99 11.80
N LYS E 52 27.55 3.64 12.46
CA LYS E 52 27.60 2.39 13.20
C LYS E 52 26.51 2.31 14.26
N PHE E 53 26.17 3.46 14.82
CA PHE E 53 25.16 3.61 15.87
C PHE E 53 23.75 3.77 15.34
N GLY E 54 23.55 3.72 14.02
CA GLY E 54 22.22 3.74 13.44
C GLY E 54 21.86 5.00 12.69
N ALA E 55 22.73 6.01 12.63
CA ALA E 55 22.41 7.20 11.87
C ALA E 55 22.46 6.90 10.38
N GLN E 56 21.58 7.57 9.63
CA GLN E 56 21.63 7.56 8.17
C GLN E 56 22.39 8.81 7.72
N ILE E 57 23.47 8.62 6.96
CA ILE E 57 24.39 9.69 6.59
C ILE E 57 24.21 9.98 5.11
N PHE E 58 24.09 11.25 4.76
CA PHE E 58 24.14 11.69 3.37
C PHE E 58 25.39 12.54 3.18
N ILE E 59 26.14 12.26 2.12
CA ILE E 59 27.29 13.07 1.75
C ILE E 59 26.85 14.06 0.69
N GLY E 60 27.14 15.33 0.93
CA GLY E 60 26.64 16.40 0.08
C GLY E 60 25.31 16.92 0.57
N HIS E 61 25.03 18.17 0.25
CA HIS E 61 23.79 18.83 0.64
C HIS E 61 22.88 18.89 -0.58
N GLN E 62 21.74 18.21 -0.51
CA GLN E 62 20.73 18.32 -1.55
C GLN E 62 19.37 18.18 -0.88
N ALA E 63 18.37 18.83 -1.49
CA ALA E 63 17.05 18.97 -0.85
C ALA E 63 16.47 17.63 -0.43
N GLU E 64 16.69 16.58 -1.22
CA GLU E 64 16.08 15.28 -0.92
C GLU E 64 16.63 14.65 0.35
N ASN E 65 17.79 15.10 0.85
CA ASN E 65 18.30 14.54 2.09
C ASN E 65 17.36 14.79 3.26
N ALA E 66 16.56 15.86 3.18
CA ALA E 66 15.66 16.22 4.27
C ALA E 66 14.31 15.55 4.17
N ASP E 67 14.07 14.76 3.13
CA ASP E 67 12.78 14.07 2.99
C ASP E 67 12.57 13.14 4.18
N GLY E 68 11.35 13.14 4.70
CA GLY E 68 10.99 12.32 5.85
C GLY E 68 11.36 12.89 7.19
N ALA E 69 12.18 13.93 7.27
CA ALA E 69 12.57 14.49 8.56
C ALA E 69 11.39 15.16 9.24
N ASP E 70 11.28 14.97 10.55
CA ASP E 70 10.26 15.67 11.32
C ASP E 70 10.79 16.99 11.87
N VAL E 71 12.09 17.07 12.15
CA VAL E 71 12.73 18.34 12.54
CA VAL E 71 12.75 18.30 12.59
C VAL E 71 14.12 18.37 11.92
N LEU E 72 14.58 19.57 11.58
CA LEU E 72 15.95 19.81 11.14
C LEU E 72 16.73 20.52 12.22
N VAL E 73 18.00 20.18 12.36
CA VAL E 73 18.92 20.86 13.27
C VAL E 73 20.04 21.44 12.41
N VAL E 74 20.27 22.75 12.53
CA VAL E 74 21.26 23.42 11.71
C VAL E 74 22.28 24.12 12.59
N SER E 75 23.49 24.25 12.05
CA SER E 75 24.63 24.79 12.77
C SER E 75 24.46 26.26 13.07
N SER E 76 24.85 26.63 14.29
CA SER E 76 25.09 28.00 14.71
C SER E 76 25.34 28.89 13.49
N ALA E 77 24.31 29.64 13.09
CA ALA E 77 24.18 30.45 11.86
C ALA E 77 22.77 30.27 11.33
N ARG E 80 21.18 28.93 5.07
CA ARG E 80 19.76 29.20 4.84
C ARG E 80 19.43 29.12 3.35
N ALA E 81 20.42 29.41 2.50
CA ALA E 81 20.34 29.02 1.10
C ALA E 81 20.53 27.52 0.92
N ASN E 82 20.93 26.82 1.99
CA ASN E 82 21.13 25.37 1.92
C ASN E 82 19.85 24.70 1.44
N PRO E 83 19.93 23.81 0.45
CA PRO E 83 18.71 23.22 -0.11
C PRO E 83 17.94 22.38 0.88
N GLU E 84 18.61 21.78 1.86
CA GLU E 84 17.89 21.01 2.87
C GLU E 84 17.09 21.93 3.78
N VAL E 85 17.69 23.04 4.19
CA VAL E 85 16.97 24.02 5.01
C VAL E 85 15.80 24.62 4.22
N ALA E 86 16.08 25.11 3.01
CA ALA E 86 15.03 25.74 2.20
C ALA E 86 13.88 24.77 1.93
N SER E 87 14.18 23.52 1.61
CA SER E 87 13.10 22.55 1.40
C SER E 87 12.29 22.36 2.68
N ALA E 88 12.95 22.31 3.83
CA ALA E 88 12.24 22.13 5.09
C ALA E 88 11.33 23.31 5.40
N LEU E 89 11.80 24.53 5.15
CA LEU E 89 10.96 25.69 5.42
C LEU E 89 9.73 25.66 4.54
N GLU E 90 9.92 25.39 3.24
CA GLU E 90 8.80 25.30 2.31
C GLU E 90 7.80 24.23 2.71
N ARG E 91 8.25 23.18 3.41
CA ARG E 91 7.34 22.11 3.81
C ARG E 91 6.89 22.25 5.26
N ARG E 92 7.15 23.38 5.91
CA ARG E 92 6.69 23.67 7.27
C ARG E 92 7.28 22.70 8.29
N ILE E 93 8.42 22.14 8.01
CA ILE E 93 9.15 21.35 9.01
C ILE E 93 9.98 22.31 9.86
N PRO E 94 9.92 22.19 11.17
CA PRO E 94 10.65 23.12 12.03
C PRO E 94 12.16 22.95 11.86
N VAL E 95 12.85 24.09 11.85
CA VAL E 95 14.30 24.14 11.74
C VAL E 95 14.76 24.80 13.03
N VAL E 96 15.46 24.04 13.87
CA VAL E 96 15.85 24.54 15.18
C VAL E 96 17.37 24.66 15.21
N PRO E 97 17.90 25.70 15.85
CA PRO E 97 19.35 25.83 15.94
C PRO E 97 19.96 24.77 16.82
N ARG E 98 21.23 24.47 16.55
CA ARG E 98 21.98 23.50 17.32
C ARG E 98 21.82 23.73 18.81
N ALA E 99 21.96 24.99 19.25
CA ALA E 99 21.96 25.29 20.68
C ALA E 99 20.65 24.90 21.34
N GLU E 100 19.52 25.07 20.63
CA GLU E 100 18.22 24.74 21.21
C GLU E 100 18.07 23.23 21.37
N MET E 101 18.47 22.46 20.36
CA MET E 101 18.35 21.01 20.50
C MET E 101 19.25 20.53 21.64
N LEU E 102 20.44 21.11 21.78
CA LEU E 102 21.33 20.75 22.88
C LEU E 102 20.66 21.00 24.22
N ALA E 103 20.03 22.16 24.38
CA ALA E 103 19.34 22.51 25.63
C ALA E 103 18.22 21.55 25.92
N GLU E 104 17.58 21.05 24.87
CA GLU E 104 16.44 20.16 25.01
C GLU E 104 16.82 18.78 25.54
N LEU E 105 18.07 18.36 25.39
CA LEU E 105 18.44 17.03 25.84
C LEU E 105 18.20 16.86 27.33
N MET E 106 18.27 17.95 28.08
CA MET E 106 18.08 17.89 29.52
C MET E 106 16.69 17.42 29.91
N ARG E 107 15.72 17.52 29.00
CA ARG E 107 14.38 17.03 29.34
C ARG E 107 14.35 15.51 29.48
N TYR E 108 15.32 14.79 28.96
CA TYR E 108 15.30 13.33 29.01
C TYR E 108 16.12 12.76 30.15
N ARG E 109 16.80 13.60 30.92
CA ARG E 109 17.80 13.12 31.85
C ARG E 109 17.65 13.86 33.16
N HIS E 110 18.41 13.43 34.16
CA HIS E 110 18.49 14.16 35.41
C HIS E 110 19.45 15.32 35.18
N GLY E 111 18.92 16.51 34.87
CA GLY E 111 19.75 17.59 34.38
C GLY E 111 20.31 18.45 35.49
N ILE E 112 21.62 18.70 35.44
CA ILE E 112 22.29 19.62 36.37
C ILE E 112 22.82 20.79 35.54
N ALA E 113 22.20 21.97 35.72
CA ALA E 113 22.55 23.17 34.97
C ALA E 113 23.52 24.02 35.78
N VAL E 114 24.73 24.22 35.26
CA VAL E 114 25.76 24.99 35.92
C VAL E 114 25.73 26.38 35.33
N ALA E 115 25.07 27.31 36.02
CA ALA E 115 24.89 28.66 35.56
C ALA E 115 25.78 29.61 36.35
N GLY E 116 25.82 30.86 35.88
CA GLY E 116 26.66 31.86 36.49
C GLY E 116 27.58 32.43 35.45
N THR E 117 28.07 33.66 35.64
CA THR E 117 28.86 34.25 34.56
C THR E 117 30.24 33.62 34.49
N HIS E 118 30.87 33.35 35.64
CA HIS E 118 32.21 32.81 35.66
C HIS E 118 32.25 31.51 36.43
N GLY E 119 33.10 30.58 35.97
CA GLY E 119 33.33 29.32 36.62
C GLY E 119 32.52 28.14 36.12
N LYS E 120 31.76 28.31 35.04
CA LYS E 120 30.90 27.22 34.57
C LYS E 120 31.73 26.04 34.08
N THR E 121 32.78 26.30 33.31
CA THR E 121 33.55 25.21 32.73
C THR E 121 34.22 24.37 33.82
N THR E 122 34.89 25.03 34.77
CA THR E 122 35.55 24.28 35.83
C THR E 122 34.53 23.59 36.72
N THR E 123 33.44 24.27 37.10
CA THR E 123 32.46 23.63 37.98
C THR E 123 31.82 22.42 37.31
N THR E 124 31.46 22.54 36.03
CA THR E 124 30.95 21.39 35.29
C THR E 124 31.93 20.23 35.30
N SER E 125 33.21 20.51 35.02
CA SER E 125 34.22 19.46 34.97
C SER E 125 34.40 18.83 36.34
N LEU E 126 34.38 19.62 37.40
CA LEU E 126 34.52 19.05 38.74
C LEU E 126 33.34 18.15 39.07
N ILE E 127 32.14 18.61 38.74
CA ILE E 127 30.94 17.79 38.96
C ILE E 127 31.04 16.49 38.18
N ALA E 128 31.35 16.57 36.88
CA ALA E 128 31.55 15.36 36.08
C ALA E 128 32.59 14.45 36.71
N SER E 129 33.65 15.04 37.27
CA SER E 129 34.74 14.24 37.82
C SER E 129 34.31 13.54 39.11
N VAL E 130 33.52 14.21 39.95
CA VAL E 130 33.03 13.59 41.17
C VAL E 130 31.98 12.53 40.85
N PHE E 131 31.04 12.84 39.95
CA PHE E 131 30.06 11.85 39.54
C PHE E 131 30.74 10.66 38.89
N ALA E 132 31.80 10.89 38.10
CA ALA E 132 32.55 9.76 37.56
C ALA E 132 33.15 8.90 38.67
N ALA E 133 33.74 9.53 39.68
CA ALA E 133 34.34 8.75 40.77
C ALA E 133 33.29 7.92 41.52
N GLY E 134 32.05 8.40 41.57
CA GLY E 134 31.01 7.58 42.16
C GLY E 134 30.39 6.55 41.23
N GLY E 135 30.94 6.39 40.02
CA GLY E 135 30.52 5.36 39.10
C GLY E 135 29.34 5.71 38.22
N LEU E 136 29.00 7.00 38.08
CA LEU E 136 27.79 7.44 37.39
C LEU E 136 28.00 7.85 35.94
N ASP E 137 29.27 7.87 35.47
CA ASP E 137 29.62 8.09 34.06
C ASP E 137 28.79 9.21 33.41
N PRO E 138 28.71 10.39 33.99
CA PRO E 138 27.79 11.40 33.45
C PRO E 138 28.22 11.87 32.07
N THR E 139 27.24 12.25 31.27
CA THR E 139 27.47 13.04 30.08
C THR E 139 27.46 14.52 30.46
N PHE E 140 28.42 15.28 29.94
CA PHE E 140 28.50 16.69 30.31
C PHE E 140 28.82 17.54 29.10
N VAL E 141 28.41 18.81 29.17
CA VAL E 141 28.51 19.76 28.07
C VAL E 141 29.40 20.91 28.52
N ILE E 142 30.58 21.02 27.91
CA ILE E 142 31.40 22.21 28.07
C ILE E 142 31.72 22.74 26.68
N GLY E 143 31.66 24.05 26.54
CA GLY E 143 31.90 24.69 25.25
C GLY E 143 30.96 24.23 24.17
N GLY E 144 29.72 23.91 24.51
CA GLY E 144 28.79 23.40 23.53
C GLY E 144 29.11 22.03 22.98
N ARG E 145 30.04 21.30 23.60
CA ARG E 145 30.44 19.98 23.14
C ARG E 145 30.08 18.94 24.20
N LEU E 146 29.38 17.89 23.77
CA LEU E 146 29.01 16.80 24.68
C LEU E 146 30.17 15.85 24.88
N ASN E 147 30.39 15.47 26.14
CA ASN E 147 31.45 14.53 26.50
C ASN E 147 30.96 13.55 27.55
N ALA E 148 31.66 12.44 27.63
CA ALA E 148 31.50 11.51 28.74
C ALA E 148 32.86 10.98 29.15
N ALA E 149 33.89 11.79 28.95
CA ALA E 149 35.26 11.45 29.31
C ALA E 149 35.62 10.11 28.71
N GLY E 150 36.29 9.27 29.48
CA GLY E 150 36.61 7.96 28.98
C GLY E 150 35.41 7.04 29.11
N THR E 151 34.45 7.18 28.19
CA THR E 151 33.29 6.33 28.18
C THR E 151 33.44 5.26 27.10
N ASN E 152 32.92 4.08 27.39
CA ASN E 152 32.84 2.99 26.41
C ASN E 152 31.45 2.86 25.82
N ALA E 153 30.71 3.97 25.74
CA ALA E 153 29.28 3.94 25.48
C ALA E 153 28.87 5.16 24.66
N GLN E 154 27.65 5.11 24.14
CA GLN E 154 27.05 6.28 23.52
C GLN E 154 26.90 7.42 24.52
N LEU E 155 27.12 8.63 24.03
CA LEU E 155 26.77 9.81 24.80
C LEU E 155 25.31 9.74 25.22
N GLY E 156 25.01 10.27 26.40
CA GLY E 156 23.65 10.25 26.92
C GLY E 156 23.24 8.98 27.63
N ALA E 157 24.13 7.98 27.73
CA ALA E 157 23.71 6.72 28.33
C ALA E 157 23.46 6.85 29.82
N SER E 158 24.24 7.68 30.50
CA SER E 158 24.06 7.94 31.91
C SER E 158 22.70 8.57 32.20
N ARG E 159 22.23 8.39 33.45
CA ARG E 159 21.04 9.09 33.93
C ARG E 159 21.25 10.58 34.02
N TYR E 160 22.51 11.03 34.11
CA TYR E 160 22.84 12.40 34.45
C TYR E 160 23.34 13.14 33.23
N LEU E 161 22.91 14.39 33.11
CA LEU E 161 23.42 15.32 32.12
C LEU E 161 23.79 16.61 32.84
N VAL E 162 25.08 16.95 32.82
CA VAL E 162 25.61 18.14 33.50
C VAL E 162 25.99 19.14 32.43
N ALA E 163 25.39 20.34 32.46
CA ALA E 163 25.63 21.25 31.35
C ALA E 163 25.85 22.68 31.81
N GLU E 164 26.80 23.36 31.16
CA GLU E 164 26.92 24.80 31.31
C GLU E 164 25.62 25.46 30.87
N ALA E 165 25.16 26.44 31.65
CA ALA E 165 24.00 27.25 31.31
C ALA E 165 24.43 28.71 31.18
N ASP E 166 24.54 29.20 29.95
CA ASP E 166 25.10 30.50 29.61
C ASP E 166 23.98 31.51 29.46
N GLU E 167 24.00 32.57 30.26
CA GLU E 167 22.92 33.55 30.17
C GLU E 167 22.92 34.32 28.84
N SER E 168 23.97 34.21 28.04
CA SER E 168 23.97 34.82 26.72
C SER E 168 23.37 33.91 25.66
N ASP E 169 23.09 32.66 26.00
CA ASP E 169 22.52 31.71 25.05
C ASP E 169 21.03 31.95 24.88
N ALA E 170 20.56 32.00 23.64
CA ALA E 170 19.14 32.21 23.38
C ALA E 170 18.25 31.17 24.06
N SER E 171 18.77 29.98 24.36
CA SER E 171 17.98 28.92 24.96
C SER E 171 18.04 28.92 26.49
N PHE E 172 18.66 29.93 27.10
CA PHE E 172 18.86 29.96 28.56
C PHE E 172 17.57 29.64 29.30
N LEU E 173 16.50 30.35 28.97
CA LEU E 173 15.23 30.18 29.68
C LEU E 173 14.43 28.97 29.19
N HIS E 174 15.02 28.10 28.39
CA HIS E 174 14.31 26.89 28.01
C HIS E 174 14.97 25.66 28.58
N LEU E 175 16.02 25.81 29.37
CA LEU E 175 16.61 24.67 30.04
C LEU E 175 15.67 24.18 31.12
N GLN E 176 15.53 22.86 31.24
CA GLN E 176 14.65 22.26 32.24
C GLN E 176 15.47 21.37 33.17
N PRO E 177 16.29 21.97 34.03
CA PRO E 177 17.15 21.20 34.92
C PRO E 177 16.39 20.71 36.14
N MET E 178 16.96 19.68 36.79
CA MET E 178 16.52 19.26 38.11
C MET E 178 17.24 20.01 39.21
N VAL E 179 18.49 20.37 38.94
CA VAL E 179 19.36 21.08 39.86
C VAL E 179 20.04 22.17 39.07
N ALA E 180 20.19 23.34 39.66
CA ALA E 180 20.85 24.45 38.98
C ALA E 180 21.77 25.14 39.96
N VAL E 181 22.99 25.44 39.52
CA VAL E 181 23.96 26.25 40.24
C VAL E 181 23.93 27.65 39.68
N VAL E 182 24.11 28.65 40.55
CA VAL E 182 24.45 29.99 40.12
C VAL E 182 25.72 30.38 40.86
N THR E 183 26.85 30.40 40.13
CA THR E 183 28.14 30.66 40.74
C THR E 183 28.32 32.13 41.09
N ASN E 184 27.80 33.03 40.25
CA ASN E 184 27.93 34.48 40.40
C ASN E 184 27.17 35.13 39.27
N ILE E 185 26.88 36.42 39.40
CA ILE E 185 26.13 37.15 38.39
C ILE E 185 26.92 38.40 38.03
N ASP E 186 27.54 38.39 36.86
CA ASP E 186 28.39 39.50 36.45
C ASP E 186 27.72 40.21 35.27
N ALA E 187 28.35 41.26 34.77
CA ALA E 187 27.75 42.12 33.77
C ALA E 187 28.25 41.84 32.37
N ASP E 188 29.07 40.80 32.19
CA ASP E 188 29.66 40.51 30.88
C ASP E 188 28.63 40.54 29.75
N HIS E 189 27.45 39.97 29.97
CA HIS E 189 26.46 39.78 28.91
C HIS E 189 25.27 40.71 29.05
N MET E 190 25.51 41.93 29.56
CA MET E 190 24.44 42.90 29.67
C MET E 190 23.77 43.15 28.33
N ALA E 191 24.55 43.15 27.24
CA ALA E 191 24.00 43.44 25.92
C ALA E 191 22.88 42.48 25.53
N THR E 192 22.96 41.23 25.97
CA THR E 192 21.87 40.30 25.69
C THR E 192 20.56 40.80 26.29
N TYR E 193 20.63 41.61 27.33
CA TYR E 193 19.42 42.05 28.02
C TYR E 193 19.29 43.58 27.96
N GLY E 194 19.46 44.13 26.76
CA GLY E 194 19.25 45.54 26.54
C GLY E 194 20.26 46.43 27.21
N GLY E 195 21.43 45.90 27.56
CA GLY E 195 22.42 46.68 28.28
C GLY E 195 21.99 47.11 29.65
N ASP E 196 21.21 46.28 30.35
CA ASP E 196 20.65 46.65 31.66
C ASP E 196 20.92 45.53 32.65
N PHE E 197 21.76 45.80 33.65
CA PHE E 197 22.12 44.76 34.60
C PHE E 197 20.92 44.28 35.40
N ASN E 198 19.96 45.16 35.69
CA ASN E 198 18.77 44.75 36.44
C ASN E 198 17.91 43.78 35.64
N LYS E 199 17.81 43.96 34.31
CA LYS E 199 17.13 42.95 33.49
C LYS E 199 17.89 41.63 33.48
N LEU E 200 19.22 41.69 33.43
CA LEU E 200 20.02 40.47 33.54
C LEU E 200 19.74 39.74 34.85
N LYS E 201 19.70 40.47 35.98
CA LYS E 201 19.41 39.83 37.26
C LYS E 201 18.05 39.15 37.25
N LYS E 202 17.03 39.82 36.70
CA LYS E 202 15.70 39.24 36.65
C LYS E 202 15.69 37.96 35.83
N THR E 203 16.53 37.88 34.79
CA THR E 203 16.60 36.67 33.98
C THR E 203 17.09 35.48 34.80
N PHE E 204 18.05 35.72 35.71
CA PHE E 204 18.52 34.62 36.55
C PHE E 204 17.42 34.13 37.47
N VAL E 205 16.57 35.04 37.95
CA VAL E 205 15.43 34.62 38.76
C VAL E 205 14.47 33.77 37.92
N GLU E 206 14.21 34.18 36.68
CA GLU E 206 13.29 33.40 35.87
C GLU E 206 13.88 32.04 35.53
N PHE E 207 15.17 32.00 35.25
CA PHE E 207 15.86 30.73 35.04
C PHE E 207 15.67 29.79 36.23
N LEU E 208 15.90 30.29 37.44
CA LEU E 208 15.77 29.43 38.60
C LEU E 208 14.32 28.99 38.78
N HIS E 209 13.37 29.75 38.26
CA HIS E 209 11.98 29.34 38.37
C HIS E 209 11.60 28.26 37.36
N ASN E 210 12.49 27.87 36.45
CA ASN E 210 12.26 26.68 35.64
C ASN E 210 12.52 25.41 36.41
N LEU E 211 13.17 25.50 37.57
CA LEU E 211 13.25 24.34 38.43
C LEU E 211 11.84 23.94 38.85
N PRO E 212 11.59 22.65 39.01
CA PRO E 212 10.33 22.24 39.64
C PRO E 212 10.41 22.45 41.14
N PHE E 213 9.24 22.43 41.80
CA PHE E 213 9.23 22.64 43.25
C PHE E 213 10.07 21.62 43.99
N TYR E 214 10.30 20.44 43.41
CA TYR E 214 11.19 19.44 44.00
C TYR E 214 12.66 19.62 43.58
N GLY E 215 12.96 20.63 42.75
CA GLY E 215 14.31 20.86 42.31
C GLY E 215 15.19 21.48 43.37
N LEU E 216 16.41 21.81 42.98
CA LEU E 216 17.34 22.39 43.94
C LEU E 216 18.11 23.51 43.26
N ALA E 217 18.15 24.67 43.91
CA ALA E 217 18.98 25.78 43.51
C ALA E 217 20.19 25.84 44.43
N VAL E 218 21.37 25.92 43.85
CA VAL E 218 22.64 25.93 44.58
C VAL E 218 23.27 27.30 44.32
N MET E 219 23.29 28.16 45.35
CA MET E 219 23.54 29.59 45.17
C MET E 219 24.79 30.01 45.92
N CYS E 220 25.70 30.68 45.22
CA CYS E 220 26.89 31.19 45.88
C CYS E 220 26.56 32.53 46.54
N VAL E 221 26.33 32.52 47.86
CA VAL E 221 25.96 33.76 48.54
C VAL E 221 27.12 34.68 48.81
N ASP E 222 28.34 34.32 48.44
CA ASP E 222 29.42 35.28 48.52
C ASP E 222 29.22 36.41 47.52
N ASP E 223 28.52 36.15 46.44
CA ASP E 223 28.20 37.17 45.45
C ASP E 223 27.05 38.03 45.96
N PRO E 224 27.22 39.35 46.11
CA PRO E 224 26.10 40.17 46.61
C PRO E 224 24.90 40.17 45.68
N VAL E 225 25.12 39.98 44.39
CA VAL E 225 23.98 39.95 43.47
C VAL E 225 23.17 38.67 43.66
N VAL E 226 23.85 37.55 43.84
CA VAL E 226 23.15 36.31 44.17
C VAL E 226 22.43 36.46 45.50
N ARG E 227 23.08 37.08 46.48
CA ARG E 227 22.45 37.27 47.78
C ARG E 227 21.18 38.10 47.66
N GLU E 228 21.18 39.07 46.74
CA GLU E 228 20.02 39.93 46.54
C GLU E 228 18.81 39.15 46.00
N ILE E 229 19.01 38.27 45.02
CA ILE E 229 17.86 37.60 44.44
C ILE E 229 17.41 36.40 45.23
N LEU E 230 18.21 35.97 46.20
CA LEU E 230 17.92 34.76 46.99
C LEU E 230 16.49 34.75 47.54
N PRO E 231 15.98 35.81 48.16
CA PRO E 231 14.60 35.74 48.67
C PRO E 231 13.53 35.63 47.58
N GLN E 232 13.86 35.82 46.31
CA GLN E 232 12.87 35.65 45.25
C GLN E 232 12.79 34.21 44.75
N ILE E 233 13.75 33.36 45.11
CA ILE E 233 13.78 31.99 44.62
C ILE E 233 12.76 31.24 45.47
N ALA E 234 11.60 30.96 44.91
CA ALA E 234 10.65 30.16 45.67
C ALA E 234 10.86 28.68 45.38
N ARG E 235 12.11 28.23 45.49
CA ARG E 235 12.51 26.85 45.24
C ARG E 235 13.44 26.41 46.37
N PRO E 236 13.58 25.10 46.60
CA PRO E 236 14.53 24.65 47.61
C PRO E 236 15.92 25.16 47.26
N THR E 237 16.64 25.68 48.26
CA THR E 237 17.89 26.37 48.07
C THR E 237 18.94 25.86 49.05
N VAL E 238 20.15 25.66 48.56
CA VAL E 238 21.32 25.49 49.41
C VAL E 238 22.34 26.53 49.01
N THR E 239 22.82 27.30 49.98
CA THR E 239 23.80 28.35 49.72
C THR E 239 25.19 27.83 50.05
N TYR E 240 26.19 28.39 49.39
CA TYR E 240 27.57 27.99 49.64
C TYR E 240 28.48 29.20 49.49
N GLY E 241 29.67 29.08 50.05
CA GLY E 241 30.67 30.14 49.92
C GLY E 241 31.54 30.21 51.16
N LEU E 242 32.35 31.29 51.23
CA LEU E 242 33.10 31.55 52.44
C LEU E 242 32.30 32.32 53.48
N SER E 243 31.21 32.97 53.07
CA SER E 243 30.37 33.73 54.00
C SER E 243 30.00 32.90 55.22
N GLU E 244 30.01 33.56 56.38
CA GLU E 244 29.73 32.86 57.64
C GLU E 244 28.32 32.27 57.66
N ASP E 245 27.40 32.81 56.89
CA ASP E 245 26.01 32.36 56.91
C ASP E 245 25.68 31.43 55.75
N ALA E 246 26.67 30.99 54.98
CA ALA E 246 26.42 30.03 53.91
C ALA E 246 26.12 28.66 54.51
N ASP E 247 25.22 27.90 53.86
CA ASP E 247 24.92 26.54 54.33
C ASP E 247 26.15 25.65 54.27
N VAL E 248 26.86 25.68 53.14
CA VAL E 248 28.03 24.85 52.90
C VAL E 248 29.22 25.79 52.79
N ARG E 249 30.19 25.66 53.68
CA ARG E 249 31.27 26.63 53.82
C ARG E 249 32.62 25.94 53.73
N ALA E 250 33.63 26.71 53.35
CA ALA E 250 35.02 26.31 53.39
C ALA E 250 35.71 27.10 54.49
N ILE E 251 36.49 26.41 55.34
CA ILE E 251 37.28 27.05 56.37
C ILE E 251 38.68 26.45 56.31
N ASN E 252 39.61 27.12 57.01
CA ASN E 252 40.96 26.64 57.19
C ASN E 252 41.62 26.31 55.86
N ILE E 253 41.61 27.27 54.96
CA ILE E 253 42.19 27.10 53.64
C ILE E 253 43.70 27.16 53.73
N ARG E 254 44.37 26.23 53.05
CA ARG E 254 45.81 26.06 53.12
C ARG E 254 46.36 25.64 51.77
N GLN E 255 47.66 25.76 51.62
CA GLN E 255 48.36 25.26 50.45
C GLN E 255 49.48 24.34 50.89
N GLU E 256 49.65 23.26 50.12
CA GLU E 256 50.81 22.37 50.23
C GLU E 256 51.19 22.10 48.77
N GLY E 257 52.10 22.93 48.24
CA GLY E 257 52.47 22.86 46.84
C GLY E 257 51.50 23.58 45.92
N MET E 258 51.28 23.04 44.73
CA MET E 258 50.25 23.58 43.84
C MET E 258 48.86 23.13 44.20
N ARG E 259 48.71 22.49 45.36
CA ARG E 259 47.46 21.92 45.82
C ARG E 259 46.85 22.77 46.93
N THR E 260 45.56 23.01 46.84
CA THR E 260 44.83 23.79 47.83
C THR E 260 44.01 22.87 48.70
N TRP E 261 44.18 22.98 50.01
CA TRP E 261 43.41 22.20 50.97
C TRP E 261 42.42 23.07 51.71
N PHE E 262 41.26 22.50 52.04
CA PHE E 262 40.34 23.18 52.91
C PHE E 262 39.37 22.19 53.55
N THR E 263 38.73 22.64 54.61
CA THR E 263 37.75 21.87 55.35
C THR E 263 36.36 22.37 54.97
N VAL E 264 35.47 21.47 54.55
CA VAL E 264 34.13 21.85 54.14
CA VAL E 264 34.11 21.82 54.13
C VAL E 264 33.14 21.47 55.24
N LEU E 265 32.30 22.44 55.60
CA LEU E 265 31.23 22.25 56.57
C LEU E 265 29.91 22.09 55.85
N ARG E 266 29.16 21.07 56.22
CA ARG E 266 27.86 20.81 55.61
C ARG E 266 26.84 20.58 56.70
N PRO E 267 25.59 21.01 56.51
CA PRO E 267 24.56 20.78 57.52
C PRO E 267 24.47 19.29 57.87
N GLU E 268 24.45 19.01 59.16
CA GLU E 268 24.26 17.64 59.68
C GLU E 268 25.31 16.65 59.18
N ARG E 269 26.51 17.11 58.83
CA ARG E 269 27.60 16.20 58.50
C ARG E 269 28.84 16.61 59.28
N GLU E 270 29.73 15.65 59.49
CA GLU E 270 31.02 15.97 60.08
C GLU E 270 31.85 16.79 59.09
N PRO E 271 32.77 17.61 59.59
CA PRO E 271 33.64 18.36 58.68
C PRO E 271 34.46 17.41 57.81
N LEU E 272 34.66 17.80 56.56
CA LEU E 272 35.37 16.96 55.59
C LEU E 272 36.54 17.74 55.01
N ASP E 273 37.74 17.16 55.12
CA ASP E 273 38.92 17.75 54.50
C ASP E 273 39.00 17.35 53.04
N VAL E 274 39.15 18.33 52.15
CA VAL E 274 39.30 18.05 50.73
C VAL E 274 40.48 18.85 50.22
N SER E 275 40.93 18.48 49.03
CA SER E 275 41.97 19.23 48.35
C SER E 275 41.61 19.32 46.87
N VAL E 276 42.15 20.32 46.20
CA VAL E 276 41.91 20.51 44.79
C VAL E 276 43.23 20.94 44.16
N ASN E 277 43.45 20.50 42.92
CA ASN E 277 44.76 20.63 42.30
C ASN E 277 44.87 21.90 41.47
N MET E 278 44.22 22.99 41.91
CA MET E 278 44.27 24.26 41.23
C MET E 278 44.20 25.33 42.30
N PRO E 279 44.88 26.46 42.13
CA PRO E 279 44.93 27.48 43.17
C PRO E 279 43.80 28.50 43.02
N GLY E 280 43.60 29.25 44.10
CA GLY E 280 42.70 30.39 44.05
C GLY E 280 41.39 30.13 44.73
N LEU E 281 40.84 31.16 45.38
CA LEU E 281 39.55 31.01 46.04
C LEU E 281 38.44 30.68 45.05
N HIS E 282 38.57 31.09 43.79
CA HIS E 282 37.52 30.78 42.84
C HIS E 282 37.40 29.27 42.64
N ASN E 283 38.50 28.54 42.72
CA ASN E 283 38.44 27.08 42.65
C ASN E 283 38.02 26.44 43.96
N VAL E 284 38.24 27.11 45.10
CA VAL E 284 37.56 26.67 46.32
C VAL E 284 36.06 26.77 46.16
N LEU E 285 35.58 27.87 45.56
CA LEU E 285 34.15 28.03 45.37
C LEU E 285 33.61 27.04 44.35
N ASN E 286 34.35 26.82 43.26
CA ASN E 286 33.96 25.79 42.31
C ASN E 286 33.84 24.45 42.99
N SER E 287 34.74 24.15 43.91
CA SER E 287 34.67 22.86 44.59
C SER E 287 33.46 22.81 45.52
N LEU E 288 33.18 23.92 46.22
CA LEU E 288 32.01 23.96 47.10
C LEU E 288 30.73 23.70 46.34
N ALA E 289 30.58 24.34 45.17
CA ALA E 289 29.39 24.09 44.37
C ALA E 289 29.29 22.61 44.05
N THR E 290 30.39 22.01 43.60
CA THR E 290 30.42 20.57 43.32
C THR E 290 30.01 19.75 44.53
N ILE E 291 30.55 20.10 45.70
CA ILE E 291 30.26 19.35 46.92
C ILE E 291 28.79 19.44 47.26
N VAL E 292 28.18 20.62 47.07
CA VAL E 292 26.75 20.76 47.34
C VAL E 292 25.96 19.80 46.46
N ILE E 293 26.29 19.77 45.17
CA ILE E 293 25.57 18.92 44.21
CA ILE E 293 25.54 18.91 44.24
C ILE E 293 25.76 17.44 44.56
N ALA E 294 27.00 17.04 44.78
CA ALA E 294 27.28 15.64 45.06
C ALA E 294 26.63 15.20 46.37
N THR E 295 26.68 16.05 47.40
CA THR E 295 26.03 15.71 48.67
C THR E 295 24.52 15.53 48.48
N ASP E 296 23.87 16.46 47.78
CA ASP E 296 22.44 16.35 47.60
C ASP E 296 22.09 15.09 46.82
N GLU E 297 22.96 14.66 45.92
CA GLU E 297 22.72 13.44 45.16
C GLU E 297 23.09 12.17 45.92
N GLY E 298 23.69 12.28 47.10
CA GLY E 298 23.97 11.08 47.90
C GLY E 298 25.33 10.44 47.65
N ILE E 299 26.25 11.15 47.03
CA ILE E 299 27.54 10.58 46.65
C ILE E 299 28.43 10.51 47.88
N SER E 300 29.22 9.45 47.99
CA SER E 300 30.02 9.24 49.19
C SER E 300 31.10 10.32 49.33
N ASP E 301 31.59 10.47 50.57
CA ASP E 301 32.74 11.34 50.83
C ASP E 301 33.96 10.91 50.03
N GLU E 302 34.17 9.60 49.88
CA GLU E 302 35.33 9.09 49.17
CA GLU E 302 35.35 9.14 49.18
C GLU E 302 35.30 9.50 47.70
N ALA E 303 34.12 9.43 47.08
CA ALA E 303 34.03 9.80 45.67
C ALA E 303 34.18 11.31 45.50
N ILE E 304 33.68 12.08 46.46
CA ILE E 304 33.90 13.53 46.43
C ILE E 304 35.38 13.84 46.54
N VAL E 305 36.05 13.27 47.55
CA VAL E 305 37.47 13.51 47.75
C VAL E 305 38.27 13.06 46.53
N GLN E 306 37.95 11.85 46.01
CA GLN E 306 38.67 11.34 44.84
C GLN E 306 38.40 12.17 43.60
N GLY E 307 37.14 12.52 43.34
CA GLY E 307 36.83 13.32 42.16
C GLY E 307 37.50 14.69 42.17
N LEU E 308 37.47 15.38 43.31
CA LEU E 308 38.10 16.70 43.41
C LEU E 308 39.61 16.60 43.33
N SER E 309 40.20 15.64 44.04
CA SER E 309 41.65 15.55 44.15
C SER E 309 42.30 15.15 42.85
N GLY E 310 41.61 14.41 42.01
CA GLY E 310 42.17 13.93 40.75
C GLY E 310 41.94 14.84 39.55
N PHE E 311 41.26 15.96 39.70
CA PHE E 311 41.02 16.84 38.56
C PHE E 311 42.25 17.68 38.29
N GLN E 312 42.77 17.61 37.07
CA GLN E 312 44.01 18.32 36.71
C GLN E 312 43.76 19.82 36.52
N GLY E 313 43.07 20.19 35.45
CA GLY E 313 42.78 21.59 35.20
C GLY E 313 42.62 21.95 33.72
N MET F 9 -5.46 6.88 -19.37
CA MET F 9 -6.64 7.30 -18.62
C MET F 9 -7.76 6.25 -18.69
N ARG F 10 -8.41 5.99 -17.55
CA ARG F 10 -9.41 4.93 -17.44
C ARG F 10 -10.71 5.32 -16.73
N ARG F 11 -10.72 6.32 -15.85
CA ARG F 11 -11.93 6.73 -15.12
CA ARG F 11 -11.94 6.72 -15.14
C ARG F 11 -12.29 8.15 -15.50
N ILE F 12 -13.52 8.35 -15.98
CA ILE F 12 -14.05 9.65 -16.39
C ILE F 12 -15.15 10.03 -15.41
N HIS F 13 -15.09 11.25 -14.89
CA HIS F 13 -16.04 11.72 -13.89
C HIS F 13 -16.87 12.86 -14.47
N PHE F 14 -18.20 12.71 -14.46
CA PHE F 14 -19.12 13.71 -15.00
C PHE F 14 -19.68 14.55 -13.87
N VAL F 15 -19.52 15.87 -13.96
CA VAL F 15 -20.13 16.78 -12.99
C VAL F 15 -21.50 17.17 -13.51
N GLY F 16 -22.55 16.72 -12.84
CA GLY F 16 -23.89 16.86 -13.38
C GLY F 16 -24.26 15.76 -14.34
N ILE F 17 -23.95 14.50 -13.99
CA ILE F 17 -24.09 13.38 -14.91
C ILE F 17 -25.54 13.14 -15.30
N GLY F 18 -26.49 13.59 -14.49
CA GLY F 18 -27.87 13.38 -14.87
C GLY F 18 -28.40 14.35 -15.90
N GLY F 19 -27.62 15.39 -16.23
CA GLY F 19 -28.06 16.34 -17.23
C GLY F 19 -28.32 15.67 -18.57
N ALA F 20 -29.19 16.31 -19.36
CA ALA F 20 -29.68 15.70 -20.59
C ALA F 20 -28.58 15.49 -21.63
N GLY F 21 -27.58 16.37 -21.67
CA GLY F 21 -26.50 16.17 -22.60
C GLY F 21 -25.36 15.32 -22.10
N MET F 22 -25.35 15.00 -20.81
CA MET F 22 -24.27 14.26 -20.17
C MET F 22 -24.52 12.78 -20.09
N CYS F 23 -25.74 12.37 -19.73
CA CYS F 23 -25.99 10.95 -19.46
C CYS F 23 -25.70 10.09 -20.68
N GLY F 24 -26.04 10.57 -21.88
CA GLY F 24 -25.77 9.79 -23.08
C GLY F 24 -24.29 9.56 -23.29
N ILE F 25 -23.47 10.59 -23.08
CA ILE F 25 -22.04 10.46 -23.24
C ILE F 25 -21.48 9.46 -22.25
N ALA F 26 -21.93 9.53 -21.00
CA ALA F 26 -21.44 8.59 -19.98
C ALA F 26 -21.82 7.16 -20.34
N GLU F 27 -23.01 6.95 -20.92
CA GLU F 27 -23.44 5.61 -21.32
C GLU F 27 -22.54 5.04 -22.41
N VAL F 28 -22.16 5.85 -23.40
CA VAL F 28 -21.26 5.35 -24.44
C VAL F 28 -19.92 4.96 -23.84
N LEU F 29 -19.40 5.78 -22.93
CA LEU F 29 -18.09 5.48 -22.35
C LEU F 29 -18.15 4.19 -21.53
N LEU F 30 -19.26 3.96 -20.85
CA LEU F 30 -19.47 2.66 -20.23
C LEU F 30 -19.45 1.55 -21.27
N ASN F 31 -20.14 1.79 -22.39
CA ASN F 31 -20.17 0.79 -23.45
C ASN F 31 -18.79 0.54 -24.01
N LEU F 32 -17.92 1.55 -24.00
CA LEU F 32 -16.57 1.38 -24.49
C LEU F 32 -15.66 0.66 -23.51
N GLY F 33 -16.11 0.43 -22.27
CA GLY F 33 -15.30 -0.29 -21.27
C GLY F 33 -14.61 0.57 -20.22
N TYR F 34 -14.87 1.89 -20.19
CA TYR F 34 -14.24 2.79 -19.24
C TYR F 34 -14.95 2.73 -17.88
N GLU F 35 -14.22 3.09 -16.83
CA GLU F 35 -14.85 3.41 -15.55
C GLU F 35 -15.49 4.77 -15.63
N VAL F 36 -16.76 4.88 -15.26
CA VAL F 36 -17.50 6.13 -15.32
C VAL F 36 -18.06 6.43 -13.95
N SER F 37 -17.81 7.63 -13.46
CA SER F 37 -18.46 8.14 -12.26
C SER F 37 -19.11 9.46 -12.60
N GLY F 38 -20.01 9.90 -11.72
CA GLY F 38 -20.70 11.15 -11.94
C GLY F 38 -21.34 11.63 -10.66
N SER F 39 -21.48 12.93 -10.55
CA SER F 39 -22.17 13.54 -9.42
C SER F 39 -23.43 14.23 -9.91
N ASP F 40 -24.42 14.33 -9.01
CA ASP F 40 -25.58 15.12 -9.35
C ASP F 40 -26.29 15.51 -8.06
N LEU F 41 -27.15 16.53 -8.16
CA LEU F 41 -27.85 16.99 -6.98
C LEU F 41 -28.99 16.05 -6.58
N LYS F 42 -29.59 15.37 -7.53
CA LYS F 42 -30.73 14.52 -7.22
C LYS F 42 -30.59 13.19 -7.94
N ALA F 43 -30.89 12.12 -7.23
CA ALA F 43 -31.03 10.84 -7.90
C ALA F 43 -32.22 10.89 -8.83
N SER F 44 -32.10 10.24 -9.98
CA SER F 44 -33.21 10.16 -10.91
C SER F 44 -33.14 8.80 -11.61
N ALA F 45 -34.19 8.50 -12.39
CA ALA F 45 -34.17 7.28 -13.19
C ALA F 45 -32.98 7.27 -14.14
N VAL F 46 -32.51 8.45 -14.53
CA VAL F 46 -31.37 8.53 -15.42
C VAL F 46 -30.10 8.07 -14.71
N THR F 47 -29.90 8.49 -13.45
CA THR F 47 -28.73 8.03 -12.72
C THR F 47 -28.87 6.56 -12.31
N GLU F 48 -30.09 6.09 -12.07
CA GLU F 48 -30.28 4.68 -11.73
C GLU F 48 -29.95 3.79 -12.92
N ARG F 49 -30.35 4.19 -14.12
CA ARG F 49 -29.98 3.41 -15.31
C ARG F 49 -28.47 3.42 -15.49
N LEU F 50 -27.82 4.57 -15.35
CA LEU F 50 -26.37 4.61 -15.45
C LEU F 50 -25.73 3.72 -14.41
N GLU F 51 -26.27 3.71 -13.19
CA GLU F 51 -25.73 2.87 -12.13
C GLU F 51 -25.93 1.40 -12.44
N LYS F 52 -27.09 1.04 -13.02
CA LYS F 52 -27.33 -0.34 -13.45
C LYS F 52 -26.28 -0.78 -14.48
N PHE F 53 -25.81 0.15 -15.30
CA PHE F 53 -24.83 -0.12 -16.35
C PHE F 53 -23.39 -0.04 -15.86
N GLY F 54 -23.17 0.23 -14.58
CA GLY F 54 -21.83 0.24 -14.03
C GLY F 54 -21.30 1.59 -13.63
N ALA F 55 -22.06 2.67 -13.82
CA ALA F 55 -21.59 3.98 -13.36
C ALA F 55 -21.64 4.05 -11.84
N GLN F 56 -20.68 4.75 -11.26
CA GLN F 56 -20.69 5.08 -9.85
C GLN F 56 -21.26 6.48 -9.67
N ILE F 57 -22.34 6.59 -8.90
CA ILE F 57 -23.11 7.83 -8.77
C ILE F 57 -22.87 8.43 -7.39
N PHE F 58 -22.55 9.71 -7.34
CA PHE F 58 -22.47 10.48 -6.11
C PHE F 58 -23.59 11.51 -6.11
N ILE F 59 -24.29 11.63 -5.00
CA ILE F 59 -25.31 12.65 -4.83
C ILE F 59 -24.71 13.80 -4.03
N GLY F 60 -24.83 15.01 -4.58
CA GLY F 60 -24.19 16.17 -3.98
C GLY F 60 -22.81 16.40 -4.54
N HIS F 61 -22.35 17.65 -4.46
CA HIS F 61 -21.04 18.02 -4.97
C HIS F 61 -20.09 18.18 -3.80
N GLN F 62 -19.07 17.34 -3.77
CA GLN F 62 -18.00 17.47 -2.80
C GLN F 62 -16.73 17.04 -3.52
N ALA F 63 -15.61 17.64 -3.11
CA ALA F 63 -14.35 17.46 -3.81
C ALA F 63 -14.00 16.00 -3.96
N GLU F 64 -14.34 15.18 -2.96
CA GLU F 64 -13.96 13.77 -2.94
C GLU F 64 -14.63 12.97 -4.04
N ASN F 65 -15.72 13.48 -4.63
CA ASN F 65 -16.35 12.75 -5.72
C ASN F 65 -15.40 12.62 -6.92
N ALA F 66 -14.43 13.53 -7.03
CA ALA F 66 -13.48 13.54 -8.14
C ALA F 66 -12.23 12.71 -7.86
N ASP F 67 -12.11 12.13 -6.67
CA ASP F 67 -10.93 11.33 -6.37
C ASP F 67 -10.82 10.16 -7.33
N GLY F 68 -9.61 9.94 -7.83
CA GLY F 68 -9.35 8.85 -8.74
C GLY F 68 -9.71 9.12 -10.18
N ALA F 69 -10.43 10.19 -10.49
CA ALA F 69 -10.79 10.47 -11.87
C ALA F 69 -9.56 10.84 -12.67
N ASP F 70 -9.49 10.35 -13.90
CA ASP F 70 -8.43 10.74 -14.82
C ASP F 70 -8.81 11.94 -15.67
N VAL F 71 -10.10 12.14 -15.91
CA VAL F 71 -10.63 13.26 -16.68
CA VAL F 71 -10.59 13.31 -16.61
C VAL F 71 -11.97 13.62 -16.07
N LEU F 72 -12.30 14.92 -16.04
CA LEU F 72 -13.62 15.41 -15.67
C LEU F 72 -14.31 15.98 -16.89
N VAL F 73 -15.62 15.78 -16.96
CA VAL F 73 -16.46 16.35 -18.01
C VAL F 73 -17.47 17.23 -17.33
N VAL F 74 -17.53 18.50 -17.73
CA VAL F 74 -18.40 19.46 -17.08
C VAL F 74 -19.37 20.05 -18.08
N SER F 75 -20.55 20.40 -17.59
CA SER F 75 -21.62 20.83 -18.47
C SER F 75 -21.29 22.19 -19.07
N SER F 76 -21.38 22.24 -20.40
CA SER F 76 -21.43 23.43 -21.25
C SER F 76 -20.99 24.74 -20.58
N ALA F 77 -19.83 24.72 -19.91
CA ALA F 77 -19.26 25.79 -19.04
C ALA F 77 -18.57 25.15 -17.84
N ARG F 80 -17.07 26.27 -11.87
CA ARG F 80 -15.63 26.50 -11.66
C ARG F 80 -15.33 26.80 -10.19
N ALA F 81 -16.31 27.36 -9.49
CA ALA F 81 -16.34 27.30 -8.04
C ALA F 81 -16.77 25.94 -7.53
N ASN F 82 -17.25 25.06 -8.41
CA ASN F 82 -17.67 23.72 -8.02
C ASN F 82 -16.50 23.00 -7.34
N PRO F 83 -16.69 22.44 -6.14
CA PRO F 83 -15.54 21.85 -5.44
C PRO F 83 -14.93 20.66 -6.17
N GLU F 84 -15.71 19.93 -6.97
CA GLU F 84 -15.12 18.84 -7.76
C GLU F 84 -14.23 19.39 -8.86
N VAL F 85 -14.70 20.44 -9.54
CA VAL F 85 -13.87 21.06 -10.57
C VAL F 85 -12.62 21.65 -9.95
N ALA F 86 -12.78 22.43 -8.88
CA ALA F 86 -11.62 23.03 -8.23
C ALA F 86 -10.63 21.97 -7.76
N SER F 87 -11.13 20.86 -7.23
CA SER F 87 -10.22 19.79 -6.81
C SER F 87 -9.46 19.25 -8.01
N ALA F 88 -10.15 19.05 -9.13
CA ALA F 88 -9.48 18.52 -10.31
C ALA F 88 -8.44 19.49 -10.86
N LEU F 89 -8.77 20.80 -10.91
CA LEU F 89 -7.80 21.75 -11.42
C LEU F 89 -6.57 21.78 -10.52
N GLU F 90 -6.80 21.88 -9.20
CA GLU F 90 -5.70 21.87 -8.25
C GLU F 90 -4.81 20.65 -8.40
N ARG F 91 -5.34 19.53 -8.86
CA ARG F 91 -4.57 18.31 -9.01
C ARG F 91 -4.12 18.08 -10.46
N ARG F 92 -4.33 19.05 -11.35
CA ARG F 92 -3.92 18.96 -12.75
C ARG F 92 -4.62 17.83 -13.50
N ILE F 93 -5.83 17.50 -13.06
CA ILE F 93 -6.69 16.60 -13.84
CA ILE F 93 -6.69 16.60 -13.84
C ILE F 93 -7.38 17.43 -14.93
N PRO F 94 -7.33 17.00 -16.19
CA PRO F 94 -7.96 17.79 -17.25
C PRO F 94 -9.47 17.86 -17.05
N VAL F 95 -10.03 19.03 -17.33
CA VAL F 95 -11.46 19.25 -17.25
C VAL F 95 -11.89 19.62 -18.67
N VAL F 96 -12.69 18.77 -19.28
CA VAL F 96 -13.06 19.00 -20.67
C VAL F 96 -14.55 19.31 -20.76
N PRO F 97 -14.97 20.16 -21.68
CA PRO F 97 -16.40 20.45 -21.81
C PRO F 97 -17.14 19.30 -22.47
N ARG F 98 -18.43 19.24 -22.15
CA ARG F 98 -19.31 18.20 -22.68
C ARG F 98 -19.15 18.05 -24.19
N ALA F 99 -19.15 19.17 -24.92
CA ALA F 99 -19.11 19.11 -26.38
C ALA F 99 -17.84 18.45 -26.89
N GLU F 100 -16.71 18.66 -26.20
CA GLU F 100 -15.47 18.05 -26.68
CA GLU F 100 -15.44 18.07 -26.62
C GLU F 100 -15.47 16.54 -26.44
N MET F 101 -15.98 16.09 -25.29
CA MET F 101 -16.05 14.65 -25.07
C MET F 101 -17.02 14.00 -26.05
N LEU F 102 -18.13 14.69 -26.35
CA LEU F 102 -19.07 14.17 -27.34
C LEU F 102 -18.38 13.99 -28.69
N ALA F 103 -17.61 14.99 -29.12
CA ALA F 103 -16.93 14.91 -30.41
C ALA F 103 -15.94 13.76 -30.44
N GLU F 104 -15.33 13.45 -29.30
CA GLU F 104 -14.33 12.40 -29.19
C GLU F 104 -14.91 11.00 -29.35
N LEU F 105 -16.21 10.82 -29.11
CA LEU F 105 -16.74 9.48 -29.22
C LEU F 105 -16.54 8.92 -30.62
N MET F 106 -16.47 9.81 -31.62
CA MET F 106 -16.34 9.37 -33.00
C MET F 106 -15.06 8.61 -33.26
N ARG F 107 -14.04 8.79 -32.41
CA ARG F 107 -12.79 8.07 -32.61
C ARG F 107 -12.93 6.58 -32.40
N TYR F 108 -13.97 6.12 -31.71
CA TYR F 108 -14.12 4.72 -31.37
C TYR F 108 -15.00 3.96 -32.33
N ARG F 109 -15.56 4.66 -33.31
CA ARG F 109 -16.64 4.12 -34.10
C ARG F 109 -16.43 4.50 -35.55
N HIS F 110 -17.25 3.94 -36.42
CA HIS F 110 -17.28 4.38 -37.80
C HIS F 110 -18.11 5.65 -37.85
N GLY F 111 -17.43 6.79 -37.83
CA GLY F 111 -18.10 8.05 -37.62
C GLY F 111 -18.57 8.66 -38.93
N ILE F 112 -19.82 9.10 -38.94
CA ILE F 112 -20.39 9.83 -40.06
C ILE F 112 -20.72 11.24 -39.57
N ALA F 113 -19.97 12.22 -40.04
CA ALA F 113 -20.13 13.60 -39.62
C ALA F 113 -20.99 14.33 -40.65
N VAL F 114 -22.14 14.83 -40.22
CA VAL F 114 -23.07 15.53 -41.11
C VAL F 114 -22.86 17.02 -40.88
N ALA F 115 -22.10 17.66 -41.76
CA ALA F 115 -21.74 19.07 -41.65
C ALA F 115 -22.54 19.88 -42.66
N GLY F 116 -22.43 21.20 -42.55
CA GLY F 116 -23.16 22.10 -43.40
C GLY F 116 -24.00 23.02 -42.55
N THR F 117 -24.35 24.21 -43.03
CA THR F 117 -25.03 25.13 -42.15
C THR F 117 -26.49 24.74 -41.93
N HIS F 118 -27.16 24.25 -42.97
CA HIS F 118 -28.56 23.90 -42.87
C HIS F 118 -28.76 22.44 -43.28
N GLY F 119 -29.73 21.79 -42.65
CA GLY F 119 -30.10 20.43 -42.98
C GLY F 119 -29.43 19.34 -42.18
N LYS F 120 -28.64 19.66 -41.17
CA LYS F 120 -27.91 18.63 -40.44
C LYS F 120 -28.85 17.71 -39.69
N THR F 121 -29.85 18.28 -39.01
CA THR F 121 -30.72 17.47 -38.15
C THR F 121 -31.50 16.47 -38.97
N THR F 122 -32.12 16.91 -40.06
CA THR F 122 -32.90 16.02 -40.90
C THR F 122 -32.02 15.00 -41.59
N THR F 123 -30.87 15.43 -42.12
CA THR F 123 -30.00 14.49 -42.82
C THR F 123 -29.48 13.42 -41.86
N THR F 124 -29.10 13.82 -40.63
CA THR F 124 -28.69 12.84 -39.63
C THR F 124 -29.81 11.86 -39.34
N SER F 125 -31.03 12.35 -39.12
CA SER F 125 -32.16 11.47 -38.81
C SER F 125 -32.46 10.52 -39.95
N LEU F 126 -32.36 11.00 -41.20
CA LEU F 126 -32.60 10.14 -42.35
C LEU F 126 -31.53 9.07 -42.47
N ILE F 127 -30.28 9.44 -42.25
CA ILE F 127 -29.20 8.47 -42.26
C ILE F 127 -29.43 7.42 -41.19
N ALA F 128 -29.66 7.86 -39.96
CA ALA F 128 -29.98 6.92 -38.89
C ALA F 128 -31.16 6.04 -39.25
N SER F 129 -32.15 6.62 -39.93
CA SER F 129 -33.36 5.85 -40.27
C SER F 129 -33.08 4.78 -41.30
N VAL F 130 -32.21 5.09 -42.27
CA VAL F 130 -31.84 4.13 -43.31
C VAL F 130 -30.93 3.04 -42.73
N PHE F 131 -29.93 3.43 -41.94
CA PHE F 131 -29.06 2.44 -41.29
C PHE F 131 -29.87 1.55 -40.37
N ALA F 132 -30.85 2.12 -39.65
CA ALA F 132 -31.74 1.26 -38.85
C ALA F 132 -32.49 0.29 -39.72
N ALA F 133 -33.03 0.75 -40.85
CA ALA F 133 -33.76 -0.18 -41.72
C ALA F 133 -32.83 -1.27 -42.24
N GLY F 134 -31.53 -0.99 -42.36
CA GLY F 134 -30.61 -2.04 -42.75
C GLY F 134 -30.11 -2.90 -41.60
N GLY F 135 -30.64 -2.73 -40.40
CA GLY F 135 -30.31 -3.57 -39.27
C GLY F 135 -29.08 -3.16 -38.51
N LEU F 136 -28.61 -1.91 -38.67
CA LEU F 136 -27.35 -1.48 -38.09
C LEU F 136 -27.50 -0.69 -36.80
N ASP F 137 -28.76 -0.38 -36.39
CA ASP F 137 -29.08 0.24 -35.10
C ASP F 137 -28.10 1.36 -34.72
N PRO F 138 -27.88 2.34 -35.57
CA PRO F 138 -26.81 3.31 -35.28
C PRO F 138 -27.12 4.16 -34.08
N THR F 139 -26.08 4.61 -33.39
CA THR F 139 -26.20 5.71 -32.43
C THR F 139 -26.03 7.02 -33.19
N PHE F 140 -26.86 8.01 -32.88
CA PHE F 140 -26.78 9.28 -33.59
C PHE F 140 -26.95 10.45 -32.62
N VAL F 141 -26.40 11.59 -33.03
CA VAL F 141 -26.35 12.79 -32.21
C VAL F 141 -27.10 13.88 -32.96
N ILE F 142 -28.25 14.29 -32.43
CA ILE F 142 -28.93 15.49 -32.93
C ILE F 142 -29.17 16.42 -31.75
N GLY F 143 -28.91 17.71 -31.97
CA GLY F 143 -29.06 18.68 -30.88
C GLY F 143 -28.21 18.39 -29.67
N GLY F 144 -27.01 17.87 -29.86
CA GLY F 144 -26.17 17.52 -28.72
C GLY F 144 -26.66 16.36 -27.87
N ARG F 145 -27.63 15.59 -28.32
CA ARG F 145 -28.17 14.47 -27.54
C ARG F 145 -27.93 13.15 -28.27
N LEU F 146 -27.37 12.18 -27.57
CA LEU F 146 -27.15 10.87 -28.14
C LEU F 146 -28.44 10.06 -28.14
N ASN F 147 -28.73 9.40 -29.26
CA ASN F 147 -29.91 8.56 -29.40
C ASN F 147 -29.57 7.28 -30.15
N ALA F 148 -30.40 6.28 -29.97
CA ALA F 148 -30.34 5.09 -30.80
C ALA F 148 -31.74 4.60 -31.09
N ALA F 149 -32.69 5.53 -31.16
CA ALA F 149 -34.07 5.24 -31.48
C ALA F 149 -34.61 4.14 -30.58
N GLY F 150 -35.39 3.24 -31.14
CA GLY F 150 -35.86 2.13 -30.34
C GLY F 150 -34.77 1.11 -30.25
N THR F 151 -33.78 1.37 -29.39
CA THR F 151 -32.69 0.44 -29.19
C THR F 151 -32.92 -0.37 -27.92
N ASN F 152 -32.48 -1.62 -27.95
CA ASN F 152 -32.49 -2.49 -26.78
C ASN F 152 -31.12 -2.62 -26.13
N ALA F 153 -30.26 -1.60 -26.27
CA ALA F 153 -28.86 -1.74 -25.91
C ALA F 153 -28.36 -0.41 -25.36
N GLN F 154 -27.17 -0.45 -24.77
CA GLN F 154 -26.47 0.77 -24.41
C GLN F 154 -26.20 1.62 -25.64
N LEU F 155 -26.28 2.94 -25.49
CA LEU F 155 -25.84 3.83 -26.55
C LEU F 155 -24.42 3.50 -26.94
N GLY F 156 -24.11 3.64 -28.23
CA GLY F 156 -22.78 3.33 -28.72
C GLY F 156 -22.52 1.89 -29.05
N ALA F 157 -23.49 1.00 -28.89
CA ALA F 157 -23.21 -0.41 -29.14
C ALA F 157 -22.97 -0.69 -30.64
N SER F 158 -23.66 0.04 -31.50
CA SER F 158 -23.49 -0.09 -32.93
C SER F 158 -22.06 0.27 -33.34
N ARG F 159 -21.66 -0.27 -34.49
CA ARG F 159 -20.41 0.13 -35.13
C ARG F 159 -20.43 1.58 -35.58
N TYR F 160 -21.61 2.16 -35.79
CA TYR F 160 -21.77 3.43 -36.46
C TYR F 160 -22.16 4.53 -35.48
N LEU F 161 -21.59 5.71 -35.68
CA LEU F 161 -21.96 6.90 -34.93
C LEU F 161 -22.21 8.03 -35.92
N VAL F 162 -23.44 8.53 -35.98
CA VAL F 162 -23.82 9.57 -36.95
C VAL F 162 -24.05 10.85 -36.17
N ALA F 163 -23.32 11.91 -36.49
CA ALA F 163 -23.42 13.10 -35.67
C ALA F 163 -23.45 14.37 -36.50
N GLU F 164 -24.30 15.30 -36.09
CA GLU F 164 -24.23 16.65 -36.61
C GLU F 164 -22.86 17.22 -36.31
N ALA F 165 -22.27 17.91 -37.29
CA ALA F 165 -21.01 18.62 -37.09
C ALA F 165 -21.28 20.10 -37.35
N ASP F 166 -21.32 20.88 -36.29
CA ASP F 166 -21.71 22.28 -36.31
C ASP F 166 -20.47 23.14 -36.42
N GLU F 167 -20.39 23.96 -37.47
CA GLU F 167 -19.19 24.77 -37.63
C GLU F 167 -19.05 25.85 -36.55
N SER F 168 -20.07 26.09 -35.75
CA SER F 168 -19.93 27.02 -34.62
C SER F 168 -19.44 26.33 -33.36
N ASP F 169 -19.40 25.01 -33.37
CA ASP F 169 -18.95 24.26 -32.20
C ASP F 169 -17.42 24.32 -32.10
N ALA F 170 -16.92 24.61 -30.90
CA ALA F 170 -15.48 24.68 -30.68
C ALA F 170 -14.74 23.40 -31.07
N SER F 171 -15.40 22.25 -31.10
CA SER F 171 -14.73 21.00 -31.42
C SER F 171 -14.79 20.63 -32.90
N PHE F 172 -15.33 21.52 -33.74
CA PHE F 172 -15.53 21.23 -35.16
C PHE F 172 -14.28 20.61 -35.80
N LEU F 173 -13.12 21.23 -35.61
CA LEU F 173 -11.89 20.76 -36.25
C LEU F 173 -11.21 19.63 -35.48
N HIS F 174 -11.87 19.04 -34.48
CA HIS F 174 -11.33 17.90 -33.77
C HIS F 174 -12.14 16.64 -33.98
N LEU F 175 -13.18 16.68 -34.81
CA LEU F 175 -13.93 15.48 -35.15
C LEU F 175 -13.08 14.60 -36.07
N GLN F 176 -13.15 13.29 -35.85
CA GLN F 176 -12.37 12.34 -36.66
C GLN F 176 -13.32 11.37 -37.37
N PRO F 177 -14.10 11.87 -38.33
CA PRO F 177 -15.06 11.01 -39.02
C PRO F 177 -14.38 10.16 -40.07
N MET F 178 -15.09 9.08 -40.45
CA MET F 178 -14.74 8.29 -41.62
C MET F 178 -15.39 8.83 -42.87
N VAL F 179 -16.57 9.43 -42.72
CA VAL F 179 -17.35 9.97 -43.82
C VAL F 179 -17.84 11.33 -43.36
N ALA F 180 -17.85 12.30 -44.28
CA ALA F 180 -18.35 13.61 -43.91
C ALA F 180 -19.21 14.15 -45.03
N VAL F 181 -20.38 14.66 -44.66
CA VAL F 181 -21.27 15.39 -45.55
C VAL F 181 -21.05 16.88 -45.36
N VAL F 182 -21.13 17.63 -46.45
CA VAL F 182 -21.29 19.08 -46.38
C VAL F 182 -22.51 19.42 -47.22
N THR F 183 -23.62 19.76 -46.54
CA THR F 183 -24.89 20.02 -47.22
C THR F 183 -24.89 21.38 -47.92
N ASN F 184 -24.23 22.38 -47.32
CA ASN F 184 -24.19 23.76 -47.83
C ASN F 184 -23.34 24.57 -46.87
N ILE F 185 -22.90 25.74 -47.33
CA ILE F 185 -22.07 26.63 -46.52
C ILE F 185 -22.69 28.01 -46.56
N ASP F 186 -23.32 28.41 -45.47
CA ASP F 186 -24.02 29.69 -45.36
C ASP F 186 -23.26 30.56 -44.36
N ALA F 187 -23.77 31.76 -44.13
CA ALA F 187 -23.06 32.75 -43.35
C ALA F 187 -23.58 32.87 -41.93
N ASP F 188 -24.48 32.00 -41.49
CA ASP F 188 -25.07 32.12 -40.15
C ASP F 188 -23.99 32.30 -39.08
N HIS F 189 -22.88 31.58 -39.17
CA HIS F 189 -21.91 31.55 -38.09
C HIS F 189 -20.62 32.29 -38.43
N MET F 190 -20.74 33.35 -39.24
CA MET F 190 -19.56 34.16 -39.55
C MET F 190 -18.89 34.68 -38.29
N ALA F 191 -19.66 35.02 -37.25
CA ALA F 191 -19.06 35.57 -36.03
C ALA F 191 -18.05 34.62 -35.40
N THR F 192 -18.30 33.32 -35.48
CA THR F 192 -17.32 32.35 -34.98
C THR F 192 -15.98 32.52 -35.67
N TYR F 193 -15.98 33.05 -36.90
CA TYR F 193 -14.75 33.13 -37.68
C TYR F 193 -14.42 34.58 -38.01
N GLY F 194 -14.46 35.43 -37.00
CA GLY F 194 -14.07 36.81 -37.17
C GLY F 194 -14.98 37.60 -38.08
N GLY F 195 -16.21 37.14 -38.29
CA GLY F 195 -17.11 37.84 -39.19
C GLY F 195 -16.62 37.86 -40.63
N ASP F 196 -15.93 36.81 -41.06
CA ASP F 196 -15.36 36.78 -42.41
C ASP F 196 -15.81 35.51 -43.10
N PHE F 197 -16.63 35.65 -44.13
CA PHE F 197 -17.12 34.47 -44.81
C PHE F 197 -16.00 33.67 -45.45
N ASN F 198 -14.94 34.33 -45.91
CA ASN F 198 -13.82 33.60 -46.53
C ASN F 198 -13.08 32.75 -45.50
N LYS F 199 -12.95 33.24 -44.27
CA LYS F 199 -12.37 32.40 -43.21
C LYS F 199 -13.26 31.22 -42.91
N LEU F 200 -14.59 31.43 -42.92
CA LEU F 200 -15.51 30.32 -42.72
C LEU F 200 -15.35 29.26 -43.80
N LYS F 201 -15.24 29.68 -45.07
CA LYS F 201 -15.07 28.71 -46.15
C LYS F 201 -13.82 27.87 -45.94
N LYS F 202 -12.71 28.51 -45.55
CA LYS F 202 -11.46 27.78 -45.33
C LYS F 202 -11.59 26.76 -44.21
N THR F 203 -12.38 27.06 -43.17
CA THR F 203 -12.56 26.11 -42.09
C THR F 203 -13.24 24.83 -42.58
N PHE F 204 -14.16 24.94 -43.54
CA PHE F 204 -14.77 23.73 -44.08
C PHE F 204 -13.75 22.90 -44.83
N VAL F 205 -12.82 23.56 -45.52
CA VAL F 205 -11.75 22.82 -46.19
C VAL F 205 -10.89 22.11 -45.15
N GLU F 206 -10.51 22.79 -44.07
CA GLU F 206 -9.71 22.13 -43.03
CA GLU F 206 -9.70 22.12 -43.04
C GLU F 206 -10.48 20.98 -42.40
N PHE F 207 -11.79 21.17 -42.22
CA PHE F 207 -12.64 20.12 -41.68
C PHE F 207 -12.57 18.88 -42.56
N LEU F 208 -12.74 19.04 -43.86
CA LEU F 208 -12.73 17.85 -44.74
C LEU F 208 -11.36 17.19 -44.77
N HIS F 209 -10.29 17.95 -44.53
CA HIS F 209 -8.96 17.36 -44.51
C HIS F 209 -8.66 16.59 -43.23
N ASN F 210 -9.57 16.60 -42.26
CA ASN F 210 -9.43 15.66 -41.15
C ASN F 210 -9.89 14.27 -41.53
N LEU F 211 -10.56 14.13 -42.66
CA LEU F 211 -10.79 12.79 -43.19
C LEU F 211 -9.44 12.13 -43.50
N PRO F 212 -9.33 10.83 -43.31
CA PRO F 212 -8.15 10.13 -43.79
C PRO F 212 -8.25 9.92 -45.30
N PHE F 213 -7.11 9.58 -45.92
CA PHE F 213 -7.11 9.39 -47.38
C PHE F 213 -8.11 8.33 -47.81
N TYR F 214 -8.46 7.38 -46.95
CA TYR F 214 -9.49 6.40 -47.24
C TYR F 214 -10.89 6.89 -46.87
N GLY F 215 -11.02 8.10 -46.35
CA GLY F 215 -12.31 8.65 -45.97
C GLY F 215 -13.13 9.02 -47.19
N LEU F 216 -14.29 9.63 -46.96
CA LEU F 216 -15.18 10.01 -48.05
C LEU F 216 -15.80 11.35 -47.72
N ALA F 217 -15.72 12.28 -48.66
CA ALA F 217 -16.42 13.55 -48.54
C ALA F 217 -17.64 13.53 -49.45
N VAL F 218 -18.80 13.89 -48.91
CA VAL F 218 -20.06 13.87 -49.64
C VAL F 218 -20.51 15.33 -49.76
N MET F 219 -20.48 15.86 -50.98
CA MET F 219 -20.52 17.30 -51.22
C MET F 219 -21.73 17.66 -52.06
N CYS F 220 -22.52 18.60 -51.58
CA CYS F 220 -23.67 19.08 -52.34
C CYS F 220 -23.19 20.14 -53.31
N VAL F 221 -22.97 19.76 -54.58
CA VAL F 221 -22.46 20.73 -55.54
C VAL F 221 -23.51 21.68 -56.06
N ASP F 222 -24.78 21.55 -55.63
CA ASP F 222 -25.72 22.61 -55.99
C ASP F 222 -25.38 23.94 -55.31
N ASP F 223 -24.75 23.88 -54.14
CA ASP F 223 -24.29 25.09 -53.45
C ASP F 223 -23.05 25.62 -54.14
N PRO F 224 -23.05 26.86 -54.65
CA PRO F 224 -21.84 27.35 -55.31
C PRO F 224 -20.64 27.47 -54.39
N VAL F 225 -20.85 27.62 -53.08
CA VAL F 225 -19.71 27.69 -52.18
C VAL F 225 -19.06 26.32 -52.04
N VAL F 226 -19.87 25.26 -51.95
CA VAL F 226 -19.33 23.91 -51.93
C VAL F 226 -18.61 23.62 -53.22
N ARG F 227 -19.20 24.01 -54.35
CA ARG F 227 -18.59 23.81 -55.64
C ARG F 227 -17.25 24.55 -55.73
N GLU F 228 -17.15 25.71 -55.07
CA GLU F 228 -15.90 26.48 -55.07
C GLU F 228 -14.77 25.73 -54.38
N ILE F 229 -15.04 25.11 -53.22
CA ILE F 229 -13.96 24.48 -52.46
C ILE F 229 -13.68 23.05 -52.91
N LEU F 230 -14.54 22.48 -53.74
CA LEU F 230 -14.39 21.09 -54.18
C LEU F 230 -12.98 20.75 -54.68
N PRO F 231 -12.35 21.53 -55.56
CA PRO F 231 -11.00 21.15 -56.02
C PRO F 231 -9.93 21.19 -54.96
N GLN F 232 -10.19 21.78 -53.79
CA GLN F 232 -9.18 21.79 -52.72
C GLN F 232 -9.25 20.55 -51.85
N ILE F 233 -10.30 19.74 -51.98
CA ILE F 233 -10.49 18.57 -51.14
C ILE F 233 -9.68 17.45 -51.77
N ALA F 234 -8.53 17.16 -51.19
CA ALA F 234 -7.72 16.07 -51.70
C ALA F 234 -8.07 14.78 -50.98
N ARG F 235 -9.36 14.47 -50.96
CA ARG F 235 -9.93 13.26 -50.36
C ARG F 235 -10.94 12.68 -51.34
N PRO F 236 -11.23 11.38 -51.24
CA PRO F 236 -12.26 10.80 -52.10
C PRO F 236 -13.58 11.53 -51.90
N THR F 237 -14.23 11.85 -53.01
CA THR F 237 -15.39 12.73 -53.03
C THR F 237 -16.50 12.14 -53.89
N VAL F 238 -17.73 12.18 -53.39
CA VAL F 238 -18.90 11.95 -54.23
C VAL F 238 -19.78 13.17 -54.11
N THR F 239 -20.18 13.74 -55.24
CA THR F 239 -21.02 14.92 -55.25
C THR F 239 -22.47 14.52 -55.46
N TYR F 240 -23.38 15.37 -54.99
CA TYR F 240 -24.80 15.09 -55.15
C TYR F 240 -25.55 16.40 -55.32
N GLY F 241 -26.76 16.29 -55.85
CA GLY F 241 -27.61 17.46 -55.99
C GLY F 241 -28.48 17.32 -57.22
N LEU F 242 -29.18 18.42 -57.55
CA LEU F 242 -29.93 18.46 -58.79
C LEU F 242 -29.04 18.85 -59.97
N SER F 243 -27.86 19.42 -59.72
CA SER F 243 -26.95 19.79 -60.81
C SER F 243 -26.74 18.62 -61.76
N GLU F 244 -26.72 18.93 -63.06
CA GLU F 244 -26.55 17.91 -64.10
C GLU F 244 -25.19 17.23 -63.99
N ASP F 245 -24.21 17.85 -63.36
CA ASP F 245 -22.88 17.28 -63.23
C ASP F 245 -22.66 16.61 -61.87
N ALA F 246 -23.69 16.48 -61.05
CA ALA F 246 -23.54 15.81 -59.76
C ALA F 246 -23.41 14.30 -59.96
N ASP F 247 -22.57 13.64 -59.12
CA ASP F 247 -22.41 12.19 -59.24
C ASP F 247 -23.74 11.48 -59.00
N VAL F 248 -24.43 11.86 -57.94
CA VAL F 248 -25.70 11.27 -57.50
C VAL F 248 -26.76 12.36 -57.62
N ARG F 249 -27.78 12.11 -58.45
CA ARG F 249 -28.74 13.14 -58.84
C ARG F 249 -30.16 12.66 -58.65
N ALA F 250 -31.06 13.63 -58.49
CA ALA F 250 -32.50 13.41 -58.44
C ALA F 250 -33.10 13.99 -59.71
N ILE F 251 -33.95 13.20 -60.38
CA ILE F 251 -34.70 13.66 -61.53
C ILE F 251 -36.15 13.24 -61.35
N ASN F 252 -37.02 13.77 -62.21
CA ASN F 252 -38.43 13.41 -62.26
C ASN F 252 -39.08 13.56 -60.89
N ILE F 253 -38.91 14.74 -60.31
CA ILE F 253 -39.45 15.00 -58.99
C ILE F 253 -40.94 15.25 -59.12
N ARG F 254 -41.73 14.61 -58.27
CA ARG F 254 -43.17 14.69 -58.39
C ARG F 254 -43.81 14.54 -57.02
N GLN F 255 -45.11 14.80 -56.95
CA GLN F 255 -45.86 14.64 -55.71
C GLN F 255 -47.02 13.68 -55.94
N GLU F 256 -47.27 12.85 -54.94
CA GLU F 256 -48.45 11.99 -54.85
C GLU F 256 -48.91 12.05 -53.41
N GLY F 257 -49.88 12.93 -53.14
CA GLY F 257 -50.30 13.19 -51.77
C GLY F 257 -49.37 14.19 -51.09
N MET F 258 -49.16 14.00 -49.79
CA MET F 258 -48.17 14.75 -49.04
C MET F 258 -46.77 14.18 -49.18
N ARG F 259 -46.61 13.25 -50.12
CA ARG F 259 -45.38 12.52 -50.33
C ARG F 259 -44.66 13.01 -51.59
N THR F 260 -43.35 13.19 -51.49
CA THR F 260 -42.52 13.61 -52.61
C THR F 260 -41.79 12.40 -53.17
N TRP F 261 -41.95 12.16 -54.47
CA TRP F 261 -41.27 11.07 -55.15
C TRP F 261 -40.18 11.63 -56.06
N PHE F 262 -39.12 10.85 -56.24
CA PHE F 262 -38.13 11.19 -57.23
C PHE F 262 -37.29 9.96 -57.58
N THR F 263 -36.62 10.05 -58.71
CA THR F 263 -35.75 9.00 -59.22
C THR F 263 -34.31 9.41 -58.96
N VAL F 264 -33.55 8.54 -58.27
CA VAL F 264 -32.16 8.85 -57.96
CA VAL F 264 -32.15 8.82 -57.95
C VAL F 264 -31.25 8.08 -58.92
N LEU F 265 -30.32 8.80 -59.52
CA LEU F 265 -29.33 8.25 -60.45
C LEU F 265 -28.02 8.11 -59.69
N ARG F 266 -27.41 6.94 -59.80
CA ARG F 266 -26.14 6.68 -59.12
C ARG F 266 -25.16 6.07 -60.10
N PRO F 267 -23.88 6.40 -59.99
CA PRO F 267 -22.89 5.82 -60.90
C PRO F 267 -22.95 4.30 -60.84
N GLU F 268 -23.01 3.69 -62.02
CA GLU F 268 -23.02 2.23 -62.16
C GLU F 268 -24.18 1.55 -61.43
N ARG F 269 -25.30 2.24 -61.23
CA ARG F 269 -26.50 1.61 -60.69
C ARG F 269 -27.69 1.95 -61.58
N GLU F 270 -28.70 1.09 -61.53
CA GLU F 270 -29.95 1.41 -62.20
C GLU F 270 -30.67 2.52 -61.44
N PRO F 271 -31.47 3.32 -62.13
CA PRO F 271 -32.23 4.37 -61.43
C PRO F 271 -33.14 3.77 -60.37
N LEU F 272 -33.30 4.48 -59.26
CA LEU F 272 -34.08 3.99 -58.14
C LEU F 272 -35.13 5.03 -57.77
N ASP F 273 -36.40 4.62 -57.76
CA ASP F 273 -37.48 5.49 -57.30
C ASP F 273 -37.55 5.47 -55.77
N VAL F 274 -37.57 6.65 -55.16
CA VAL F 274 -37.72 6.75 -53.72
C VAL F 274 -38.78 7.80 -53.42
N SER F 275 -39.29 7.77 -52.18
CA SER F 275 -40.23 8.78 -51.74
C SER F 275 -39.89 9.19 -50.32
N VAL F 276 -40.31 10.40 -49.96
CA VAL F 276 -40.08 10.94 -48.62
C VAL F 276 -41.32 11.72 -48.20
N ASN F 277 -41.57 11.74 -46.90
CA ASN F 277 -42.82 12.26 -46.35
C ASN F 277 -42.77 13.75 -46.09
N MET F 278 -41.76 14.43 -46.59
CA MET F 278 -41.64 15.84 -46.31
C MET F 278 -41.46 16.59 -47.62
N PRO F 279 -42.01 17.78 -47.74
CA PRO F 279 -41.94 18.49 -49.03
C PRO F 279 -40.69 19.34 -49.12
N GLY F 280 -40.40 19.75 -50.34
CA GLY F 280 -39.36 20.75 -50.58
C GLY F 280 -38.11 20.13 -51.17
N LEU F 281 -37.46 20.89 -52.06
CA LEU F 281 -36.22 20.39 -52.65
C LEU F 281 -35.15 20.17 -51.58
N HIS F 282 -35.21 20.92 -50.48
CA HIS F 282 -34.19 20.71 -49.46
C HIS F 282 -34.29 19.31 -48.86
N ASN F 283 -35.49 18.76 -48.76
CA ASN F 283 -35.60 17.38 -48.30
C ASN F 283 -35.27 16.36 -49.39
N VAL F 284 -35.40 16.73 -50.67
CA VAL F 284 -34.81 15.90 -51.71
C VAL F 284 -33.30 15.87 -51.54
N LEU F 285 -32.70 17.02 -51.25
CA LEU F 285 -31.26 17.06 -51.06
C LEU F 285 -30.84 16.29 -49.80
N ASN F 286 -31.57 16.47 -48.69
CA ASN F 286 -31.29 15.67 -47.51
C ASN F 286 -31.36 14.19 -47.86
N SER F 287 -32.31 13.81 -48.72
CA SER F 287 -32.41 12.41 -49.10
C SER F 287 -31.23 11.97 -49.96
N LEU F 288 -30.81 12.83 -50.90
CA LEU F 288 -29.66 12.48 -51.74
C LEU F 288 -28.41 12.24 -50.91
N ALA F 289 -28.15 13.11 -49.94
CA ALA F 289 -26.98 12.93 -49.08
C ALA F 289 -27.04 11.58 -48.39
N THR F 290 -28.20 11.24 -47.81
CA THR F 290 -28.40 9.95 -47.17
C THR F 290 -28.13 8.80 -48.13
N ILE F 291 -28.62 8.92 -49.36
CA ILE F 291 -28.46 7.86 -50.34
C ILE F 291 -26.99 7.67 -50.68
N VAL F 292 -26.24 8.77 -50.79
CA VAL F 292 -24.80 8.67 -51.07
C VAL F 292 -24.12 7.86 -49.97
N ILE F 293 -24.39 8.20 -48.71
CA ILE F 293 -23.77 7.54 -47.56
CA ILE F 293 -23.73 7.53 -47.60
C ILE F 293 -24.15 6.07 -47.54
N ALA F 294 -25.45 5.80 -47.64
CA ALA F 294 -25.93 4.43 -47.55
C ALA F 294 -25.40 3.58 -48.70
N THR F 295 -25.34 4.15 -49.91
CA THR F 295 -24.78 3.43 -51.05
C THR F 295 -23.32 3.08 -50.82
N ASP F 296 -22.53 4.05 -50.38
CA ASP F 296 -21.12 3.80 -50.14
C ASP F 296 -20.91 2.77 -49.03
N GLU F 297 -21.82 2.72 -48.07
CA GLU F 297 -21.69 1.72 -47.01
C GLU F 297 -22.20 0.36 -47.45
N GLY F 298 -22.80 0.25 -48.64
CA GLY F 298 -23.25 -1.05 -49.13
C GLY F 298 -24.67 -1.43 -48.76
N ILE F 299 -25.50 -0.49 -48.31
CA ILE F 299 -26.84 -0.80 -47.83
C ILE F 299 -27.78 -1.05 -49.00
N SER F 300 -28.69 -2.02 -48.84
CA SER F 300 -29.53 -2.44 -49.95
C SER F 300 -30.50 -1.33 -50.36
N ASP F 301 -30.99 -1.42 -51.61
CA ASP F 301 -32.03 -0.50 -52.08
C ASP F 301 -33.27 -0.59 -51.19
N GLU F 302 -33.63 -1.81 -50.76
CA GLU F 302 -34.83 -1.98 -49.95
CA GLU F 302 -34.85 -1.94 -49.97
C GLU F 302 -34.72 -1.19 -48.64
N ALA F 303 -33.54 -1.22 -48.01
CA ALA F 303 -33.37 -0.51 -46.75
C ALA F 303 -33.36 1.00 -46.95
N ILE F 304 -32.79 1.44 -48.07
CA ILE F 304 -32.83 2.85 -48.43
C ILE F 304 -34.28 3.31 -48.60
N VAL F 305 -35.03 2.58 -49.43
CA VAL F 305 -36.43 2.93 -49.70
C VAL F 305 -37.23 2.92 -48.40
N GLN F 306 -37.05 1.87 -47.59
CA GLN F 306 -37.77 1.80 -46.32
C GLN F 306 -37.33 2.90 -45.36
N GLY F 307 -36.03 3.14 -45.24
CA GLY F 307 -35.57 4.18 -44.34
C GLY F 307 -36.11 5.55 -44.69
N LEU F 308 -36.06 5.89 -45.98
CA LEU F 308 -36.54 7.20 -46.43
C LEU F 308 -38.04 7.29 -46.33
N SER F 309 -38.75 6.24 -46.74
CA SER F 309 -40.21 6.27 -46.79
C SER F 309 -40.83 6.26 -45.41
N GLY F 310 -40.18 5.64 -44.44
CA GLY F 310 -40.74 5.55 -43.11
C GLY F 310 -40.39 6.67 -42.17
N PHE F 311 -39.56 7.62 -42.59
CA PHE F 311 -39.20 8.70 -41.70
C PHE F 311 -40.36 9.69 -41.62
N GLN F 312 -40.81 9.98 -40.40
CA GLN F 312 -41.98 10.84 -40.23
C GLN F 312 -41.62 12.29 -40.50
N GLY F 313 -40.84 12.91 -39.64
CA GLY F 313 -40.44 14.30 -39.84
C GLY F 313 -40.16 15.06 -38.56
N MET G 9 -11.60 -17.12 -47.66
CA MET G 9 -12.95 -17.39 -48.13
C MET G 9 -13.86 -16.21 -47.77
N ARG G 10 -14.72 -15.79 -48.71
CA ARG G 10 -15.49 -14.57 -48.52
C ARG G 10 -16.99 -14.68 -48.81
N ARG G 11 -17.43 -15.61 -49.66
CA ARG G 11 -18.84 -15.77 -49.99
CA ARG G 11 -18.85 -15.77 -49.97
C ARG G 11 -19.34 -17.12 -49.46
N ILE G 12 -20.34 -17.09 -48.58
CA ILE G 12 -20.96 -18.28 -47.99
C ILE G 12 -22.34 -18.45 -48.60
N HIS G 13 -22.64 -19.66 -49.11
CA HIS G 13 -23.91 -19.96 -49.74
C HIS G 13 -24.70 -20.98 -48.92
N PHE G 14 -25.91 -20.63 -48.53
CA PHE G 14 -26.78 -21.49 -47.73
C PHE G 14 -27.79 -22.18 -48.63
N VAL G 15 -27.84 -23.51 -48.57
CA VAL G 15 -28.85 -24.26 -49.32
C VAL G 15 -30.06 -24.42 -48.40
N GLY G 16 -31.16 -23.76 -48.77
CA GLY G 16 -32.30 -23.70 -47.88
C GLY G 16 -32.18 -22.59 -46.84
N ILE G 17 -31.80 -21.39 -47.29
CA ILE G 17 -31.49 -20.31 -46.38
C ILE G 17 -32.71 -19.84 -45.58
N GLY G 18 -33.91 -20.15 -46.04
CA GLY G 18 -35.07 -19.74 -45.28
C GLY G 18 -35.41 -20.60 -44.08
N GLY G 19 -34.71 -21.72 -43.92
CA GLY G 19 -35.00 -22.59 -42.79
C GLY G 19 -34.79 -21.88 -41.47
N ALA G 20 -35.51 -22.38 -40.45
CA ALA G 20 -35.51 -21.72 -39.15
C ALA G 20 -34.13 -21.76 -38.50
N GLY G 21 -33.36 -22.83 -38.74
CA GLY G 21 -32.01 -22.88 -38.23
C GLY G 21 -30.95 -22.26 -39.11
N MET G 22 -31.30 -21.92 -40.35
CA MET G 22 -30.34 -21.37 -41.29
C MET G 22 -30.37 -19.86 -41.36
N CYS G 23 -31.56 -19.25 -41.34
CA CYS G 23 -31.63 -17.81 -41.56
C CYS G 23 -30.85 -17.04 -40.51
N GLY G 24 -30.88 -17.51 -39.26
CA GLY G 24 -30.14 -16.81 -38.21
C GLY G 24 -28.65 -16.80 -38.45
N ILE G 25 -28.10 -17.95 -38.87
CA ILE G 25 -26.67 -18.03 -39.15
C ILE G 25 -26.29 -17.11 -40.29
N ALA G 26 -27.12 -17.06 -41.32
CA ALA G 26 -26.84 -16.19 -42.46
C ALA G 26 -26.83 -14.73 -42.04
N GLU G 27 -27.75 -14.35 -41.14
CA GLU G 27 -27.80 -12.97 -40.67
C GLU G 27 -26.53 -12.59 -39.91
N VAL G 28 -26.03 -13.47 -39.05
CA VAL G 28 -24.81 -13.16 -38.30
C VAL G 28 -23.63 -13.00 -39.25
N LEU G 29 -23.54 -13.86 -40.27
CA LEU G 29 -22.44 -13.73 -41.21
C LEU G 29 -22.54 -12.44 -42.01
N LEU G 30 -23.75 -12.01 -42.34
CA LEU G 30 -23.91 -10.69 -42.93
C LEU G 30 -23.41 -9.64 -41.96
N ASN G 31 -23.77 -9.78 -40.68
CA ASN G 31 -23.31 -8.82 -39.69
C ASN G 31 -21.79 -8.84 -39.55
N LEU G 32 -21.16 -9.99 -39.76
CA LEU G 32 -19.71 -10.05 -39.66
C LEU G 32 -19.01 -9.51 -40.89
N GLY G 33 -19.74 -9.18 -41.95
CA GLY G 33 -19.16 -8.58 -43.14
C GLY G 33 -18.94 -9.52 -44.32
N TYR G 34 -19.43 -10.76 -44.24
CA TYR G 34 -19.25 -11.72 -45.33
C TYR G 34 -20.27 -11.48 -46.43
N GLU G 35 -19.92 -11.91 -47.65
CA GLU G 35 -20.90 -12.06 -48.72
C GLU G 35 -21.71 -13.32 -48.46
N VAL G 36 -23.03 -13.19 -48.47
CA VAL G 36 -23.92 -14.30 -48.18
C VAL G 36 -24.92 -14.43 -49.31
N SER G 37 -25.05 -15.64 -49.85
CA SER G 37 -26.10 -15.99 -50.77
C SER G 37 -26.84 -17.19 -50.22
N GLY G 38 -28.02 -17.44 -50.75
CA GLY G 38 -28.77 -18.60 -50.30
C GLY G 38 -29.91 -18.90 -51.26
N SER G 39 -30.28 -20.17 -51.37
CA SER G 39 -31.41 -20.58 -52.17
C SER G 39 -32.51 -21.11 -51.27
N ASP G 40 -33.75 -21.03 -51.74
CA ASP G 40 -34.87 -21.62 -51.02
C ASP G 40 -36.01 -21.87 -51.97
N LEU G 41 -36.92 -22.76 -51.55
CA LEU G 41 -38.08 -23.09 -52.38
C LEU G 41 -39.13 -21.99 -52.35
N LYS G 42 -39.23 -21.22 -51.27
CA LYS G 42 -40.27 -20.20 -51.16
C LYS G 42 -39.66 -18.89 -50.71
N ALA G 43 -40.04 -17.82 -51.39
CA ALA G 43 -39.77 -16.49 -50.87
C ALA G 43 -40.67 -16.27 -49.67
N SER G 44 -40.13 -15.65 -48.62
CA SER G 44 -40.91 -15.36 -47.43
C SER G 44 -40.40 -14.08 -46.80
N ALA G 45 -41.08 -13.65 -45.74
CA ALA G 45 -40.60 -12.51 -44.99
C ALA G 45 -39.19 -12.77 -44.48
N VAL G 46 -38.84 -14.04 -44.26
CA VAL G 46 -37.50 -14.37 -43.80
C VAL G 46 -36.47 -14.12 -44.89
N THR G 47 -36.76 -14.54 -46.12
CA THR G 47 -35.80 -14.27 -47.19
C THR G 47 -35.80 -12.79 -47.57
N GLU G 48 -36.93 -12.10 -47.45
CA GLU G 48 -36.95 -10.67 -47.71
C GLU G 48 -36.11 -9.90 -46.69
N ARG G 49 -36.19 -10.30 -45.41
CA ARG G 49 -35.36 -9.64 -44.41
C ARG G 49 -33.88 -9.87 -44.69
N LEU G 50 -33.51 -11.11 -45.00
CA LEU G 50 -32.12 -11.40 -45.36
C LEU G 50 -31.68 -10.60 -46.58
N GLU G 51 -32.56 -10.46 -47.56
CA GLU G 51 -32.22 -9.69 -48.75
C GLU G 51 -32.06 -8.21 -48.41
N LYS G 52 -32.94 -7.69 -47.54
CA LYS G 52 -32.79 -6.31 -47.08
C LYS G 52 -31.45 -6.09 -46.41
N PHE G 53 -30.91 -7.11 -45.73
CA PHE G 53 -29.64 -7.00 -45.03
C PHE G 53 -28.42 -7.30 -45.92
N GLY G 54 -28.62 -7.55 -47.21
CA GLY G 54 -27.51 -7.76 -48.13
C GLY G 54 -27.36 -9.16 -48.67
N ALA G 55 -28.19 -10.13 -48.28
CA ALA G 55 -28.07 -11.46 -48.85
C ALA G 55 -28.58 -11.49 -50.29
N GLN G 56 -27.96 -12.31 -51.11
CA GLN G 56 -28.46 -12.59 -52.45
C GLN G 56 -29.27 -13.88 -52.40
N ILE G 57 -30.56 -13.79 -52.74
CA ILE G 57 -31.52 -14.86 -52.56
C ILE G 57 -31.88 -15.46 -53.90
N PHE G 58 -31.84 -16.79 -53.99
CA PHE G 58 -32.34 -17.51 -55.16
C PHE G 58 -33.55 -18.32 -54.73
N ILE G 59 -34.63 -18.26 -55.52
CA ILE G 59 -35.80 -19.09 -55.28
C ILE G 59 -35.68 -20.29 -56.19
N GLY G 60 -35.75 -21.49 -55.62
CA GLY G 60 -35.52 -22.69 -56.39
C GLY G 60 -34.06 -23.10 -56.37
N HIS G 61 -33.83 -24.40 -56.56
CA HIS G 61 -32.49 -24.98 -56.52
C HIS G 61 -32.01 -25.31 -57.92
N GLN G 62 -30.90 -24.71 -58.33
CA GLN G 62 -30.22 -25.06 -59.57
C GLN G 62 -28.73 -24.87 -59.34
N ALA G 63 -27.93 -25.68 -60.04
CA ALA G 63 -26.49 -25.75 -59.78
C ALA G 63 -25.83 -24.37 -59.83
N GLU G 64 -26.30 -23.50 -60.73
CA GLU G 64 -25.68 -22.20 -60.89
C GLU G 64 -25.81 -21.33 -59.65
N ASN G 65 -26.75 -21.62 -58.75
CA ASN G 65 -26.89 -20.82 -57.55
C ASN G 65 -25.65 -20.87 -56.67
N ALA G 66 -24.85 -21.92 -56.80
CA ALA G 66 -23.64 -22.10 -56.02
C ALA G 66 -22.41 -21.50 -56.70
N ASP G 67 -22.57 -20.88 -57.87
CA ASP G 67 -21.43 -20.27 -58.54
C ASP G 67 -20.84 -19.18 -57.65
N GLY G 68 -19.52 -19.16 -57.56
CA GLY G 68 -18.83 -18.15 -56.78
C GLY G 68 -18.76 -18.40 -55.29
N ALA G 69 -19.50 -19.36 -54.75
CA ALA G 69 -19.47 -19.60 -53.31
C ALA G 69 -18.11 -20.14 -52.89
N ASP G 70 -17.62 -19.67 -51.75
CA ASP G 70 -16.39 -20.23 -51.21
C ASP G 70 -16.67 -21.39 -50.26
N VAL G 71 -17.86 -21.40 -49.64
CA VAL G 71 -18.27 -22.50 -48.77
CA VAL G 71 -18.28 -22.47 -48.73
C VAL G 71 -19.78 -22.65 -48.90
N LEU G 72 -20.25 -23.89 -48.80
CA LEU G 72 -21.70 -24.15 -48.73
C LEU G 72 -22.08 -24.60 -47.33
N VAL G 73 -23.24 -24.14 -46.88
CA VAL G 73 -23.81 -24.58 -45.62
C VAL G 73 -25.13 -25.28 -45.93
N VAL G 74 -25.28 -26.51 -45.45
CA VAL G 74 -26.46 -27.30 -45.77
C VAL G 74 -27.14 -27.76 -44.49
N SER G 75 -28.45 -27.97 -44.60
CA SER G 75 -29.30 -28.26 -43.46
C SER G 75 -28.98 -29.62 -42.88
N SER G 76 -28.97 -29.67 -41.55
CA SER G 76 -29.00 -30.92 -40.79
C SER G 76 -29.86 -31.97 -41.51
N ALA G 77 -29.31 -32.62 -42.53
CA ALA G 77 -30.07 -33.54 -43.37
C ALA G 77 -29.15 -34.40 -44.21
N ARG G 80 -28.51 -34.19 -50.52
CA ARG G 80 -27.16 -34.51 -51.00
C ARG G 80 -27.18 -34.79 -52.50
N ALA G 81 -28.34 -35.21 -53.01
CA ALA G 81 -28.57 -35.18 -54.45
C ALA G 81 -28.83 -33.77 -54.97
N ASN G 82 -28.97 -32.80 -54.08
CA ASN G 82 -29.26 -31.42 -54.44
C ASN G 82 -28.22 -30.90 -55.43
N PRO G 83 -28.65 -30.27 -56.54
CA PRO G 83 -27.68 -29.85 -57.57
C PRO G 83 -26.71 -28.78 -57.11
N GLU G 84 -27.08 -27.95 -56.13
CA GLU G 84 -26.11 -27.00 -55.60
C GLU G 84 -25.03 -27.72 -54.83
N VAL G 85 -25.42 -28.70 -54.01
CA VAL G 85 -24.46 -29.51 -53.27
C VAL G 85 -23.57 -30.30 -54.22
N ALA G 86 -24.19 -31.02 -55.16
CA ALA G 86 -23.41 -31.81 -56.11
C ALA G 86 -22.43 -30.93 -56.89
N SER G 87 -22.87 -29.74 -57.30
CA SER G 87 -21.96 -28.83 -58.00
C SER G 87 -20.81 -28.41 -57.09
N ALA G 88 -21.08 -28.10 -55.82
CA ALA G 88 -20.01 -27.68 -54.92
C ALA G 88 -19.00 -28.80 -54.70
N LEU G 89 -19.46 -30.04 -54.55
CA LEU G 89 -18.53 -31.14 -54.33
C LEU G 89 -17.64 -31.33 -55.55
N GLU G 90 -18.24 -31.34 -56.74
CA GLU G 90 -17.47 -31.53 -57.97
C GLU G 90 -16.39 -30.47 -58.14
N ARG G 91 -16.62 -29.26 -57.65
CA ARG G 91 -15.62 -28.20 -57.75
C ARG G 91 -14.77 -28.03 -56.48
N ARG G 92 -14.84 -29.00 -55.57
CA ARG G 92 -14.01 -29.02 -54.36
C ARG G 92 -14.27 -27.83 -53.45
N ILE G 93 -15.51 -27.36 -53.44
CA ILE G 93 -15.94 -26.32 -52.53
C ILE G 93 -16.41 -27.02 -51.25
N PRO G 94 -15.93 -26.63 -50.08
CA PRO G 94 -16.29 -27.35 -48.86
C PRO G 94 -17.77 -27.18 -48.53
N VAL G 95 -18.37 -28.25 -48.04
CA VAL G 95 -19.78 -28.25 -47.64
C VAL G 95 -19.80 -28.54 -46.14
N VAL G 96 -20.28 -27.58 -45.36
CA VAL G 96 -20.29 -27.75 -43.90
C VAL G 96 -21.73 -27.82 -43.42
N PRO G 97 -21.99 -28.64 -42.41
CA PRO G 97 -23.35 -28.73 -41.88
C PRO G 97 -23.73 -27.50 -41.09
N ARG G 98 -25.04 -27.26 -41.02
CA ARG G 98 -25.58 -26.13 -40.28
C ARG G 98 -24.96 -26.04 -38.90
N ALA G 99 -24.89 -27.16 -38.19
CA ALA G 99 -24.41 -27.13 -36.80
C ALA G 99 -22.97 -26.64 -36.72
N GLU G 100 -22.12 -27.01 -37.68
CA GLU G 100 -20.72 -26.60 -37.62
C GLU G 100 -20.57 -25.10 -37.85
N MET G 101 -21.28 -24.55 -38.84
CA MET G 101 -21.18 -23.11 -39.06
C MET G 101 -21.69 -22.36 -37.85
N LEU G 102 -22.75 -22.87 -37.23
CA LEU G 102 -23.28 -22.26 -36.02
C LEU G 102 -22.23 -22.21 -34.91
N ALA G 103 -21.55 -23.34 -34.67
CA ALA G 103 -20.54 -23.38 -33.61
C ALA G 103 -19.40 -22.41 -33.89
N GLU G 104 -19.10 -22.21 -35.17
CA GLU G 104 -18.02 -21.34 -35.61
C GLU G 104 -18.29 -19.87 -35.31
N LEU G 105 -19.55 -19.47 -35.18
CA LEU G 105 -19.83 -18.06 -34.95
C LEU G 105 -19.17 -17.56 -33.67
N MET G 106 -18.94 -18.45 -32.71
CA MET G 106 -18.34 -18.07 -31.44
C MET G 106 -16.91 -17.56 -31.58
N ARG G 107 -16.22 -17.88 -32.67
CA ARG G 107 -14.85 -17.39 -32.85
C ARG G 107 -14.79 -15.89 -33.04
N TYR G 108 -15.90 -15.25 -33.42
CA TYR G 108 -15.90 -13.83 -33.73
C TYR G 108 -16.40 -12.98 -32.57
N ARG G 109 -16.78 -13.59 -31.46
CA ARG G 109 -17.50 -12.89 -30.41
C ARG G 109 -16.96 -13.35 -29.08
N HIS G 110 -17.41 -12.69 -28.01
CA HIS G 110 -17.11 -13.15 -26.66
C HIS G 110 -18.08 -14.26 -26.35
N GLY G 111 -17.64 -15.52 -26.53
CA GLY G 111 -18.55 -16.65 -26.49
C GLY G 111 -18.74 -17.18 -25.08
N ILE G 112 -19.99 -17.41 -24.72
CA ILE G 112 -20.34 -18.08 -23.46
C ILE G 112 -21.02 -19.40 -23.82
N ALA G 113 -20.35 -20.52 -23.55
CA ALA G 113 -20.88 -21.83 -23.88
C ALA G 113 -21.54 -22.44 -22.67
N VAL G 114 -22.84 -22.70 -22.75
CA VAL G 114 -23.59 -23.26 -21.63
C VAL G 114 -23.67 -24.76 -21.89
N ALA G 115 -22.79 -25.51 -21.25
CA ALA G 115 -22.72 -26.95 -21.44
C ALA G 115 -23.29 -27.65 -20.21
N GLY G 116 -23.43 -28.96 -20.33
CA GLY G 116 -24.07 -29.75 -19.30
C GLY G 116 -25.20 -30.54 -19.93
N THR G 117 -25.60 -31.66 -19.30
CA THR G 117 -26.64 -32.46 -19.95
C THR G 117 -28.02 -31.83 -19.78
N HIS G 118 -28.28 -31.25 -18.62
CA HIS G 118 -29.59 -30.68 -18.30
C HIS G 118 -29.45 -29.23 -17.88
N GLY G 119 -30.43 -28.41 -18.25
CA GLY G 119 -30.47 -27.02 -17.86
C GLY G 119 -29.87 -26.03 -18.84
N LYS G 120 -29.44 -26.48 -20.03
CA LYS G 120 -28.78 -25.57 -20.96
C LYS G 120 -29.72 -24.49 -21.45
N THR G 121 -30.95 -24.87 -21.79
CA THR G 121 -31.89 -23.91 -22.35
C THR G 121 -32.26 -22.83 -21.33
N THR G 122 -32.61 -23.22 -20.11
CA THR G 122 -32.99 -22.24 -19.12
C THR G 122 -31.81 -21.36 -18.73
N THR G 123 -30.63 -21.96 -18.52
CA THR G 123 -29.47 -21.19 -18.11
C THR G 123 -29.05 -20.19 -19.18
N THR G 124 -29.09 -20.60 -20.46
CA THR G 124 -28.84 -19.67 -21.56
C THR G 124 -29.84 -18.51 -21.52
N SER G 125 -31.12 -18.82 -21.36
CA SER G 125 -32.13 -17.77 -21.37
C SER G 125 -31.94 -16.81 -20.20
N LEU G 126 -31.61 -17.33 -19.02
CA LEU G 126 -31.38 -16.47 -17.86
C LEU G 126 -30.16 -15.60 -18.08
N ILE G 127 -29.10 -16.17 -18.65
CA ILE G 127 -27.91 -15.38 -18.99
C ILE G 127 -28.27 -14.27 -19.95
N ALA G 128 -28.95 -14.62 -21.05
CA ALA G 128 -29.39 -13.59 -21.99
C ALA G 128 -30.21 -12.53 -21.28
N SER G 129 -31.05 -12.96 -20.33
CA SER G 129 -31.95 -12.02 -19.66
C SER G 129 -31.18 -11.07 -18.76
N VAL G 130 -30.17 -11.57 -18.05
CA VAL G 130 -29.37 -10.70 -17.19
C VAL G 130 -28.51 -9.76 -18.02
N PHE G 131 -27.84 -10.31 -19.04
CA PHE G 131 -27.04 -9.47 -19.92
C PHE G 131 -27.91 -8.43 -20.60
N ALA G 132 -29.12 -8.80 -21.02
CA ALA G 132 -30.02 -7.81 -21.60
C ALA G 132 -30.34 -6.71 -20.60
N ALA G 133 -30.57 -7.08 -19.34
CA ALA G 133 -30.88 -6.07 -18.32
C ALA G 133 -29.74 -5.10 -18.11
N GLY G 134 -28.50 -5.54 -18.32
CA GLY G 134 -27.34 -4.69 -18.25
C GLY G 134 -27.03 -3.94 -19.51
N GLY G 135 -27.92 -3.98 -20.51
CA GLY G 135 -27.79 -3.19 -21.71
C GLY G 135 -26.94 -3.81 -22.80
N LEU G 136 -26.66 -5.11 -22.72
CA LEU G 136 -25.68 -5.75 -23.60
C LEU G 136 -26.31 -6.47 -24.80
N ASP G 137 -27.63 -6.58 -24.87
CA ASP G 137 -28.37 -7.12 -26.02
C ASP G 137 -27.71 -8.36 -26.65
N PRO G 138 -27.38 -9.40 -25.87
CA PRO G 138 -26.61 -10.50 -26.43
C PRO G 138 -27.40 -11.26 -27.47
N THR G 139 -26.70 -11.85 -28.43
CA THR G 139 -27.27 -12.87 -29.29
C THR G 139 -27.15 -14.22 -28.57
N PHE G 140 -28.20 -15.04 -28.61
CA PHE G 140 -28.13 -16.30 -27.91
C PHE G 140 -28.76 -17.40 -28.75
N VAL G 141 -28.32 -18.64 -28.50
CA VAL G 141 -28.70 -19.81 -29.26
C VAL G 141 -29.39 -20.80 -28.31
N ILE G 142 -30.68 -20.99 -28.51
CA ILE G 142 -31.39 -22.06 -27.83
C ILE G 142 -32.07 -22.92 -28.88
N GLY G 143 -31.97 -24.23 -28.72
CA GLY G 143 -32.54 -25.16 -29.68
C GLY G 143 -32.04 -24.96 -31.09
N GLY G 144 -30.78 -24.57 -31.25
CA GLY G 144 -30.23 -24.31 -32.57
C GLY G 144 -30.78 -23.09 -33.28
N ARG G 145 -31.52 -22.22 -32.61
CA ARG G 145 -32.06 -21.02 -33.22
C ARG G 145 -31.41 -19.82 -32.57
N LEU G 146 -30.88 -18.91 -33.40
CA LEU G 146 -30.27 -17.69 -32.92
C LEU G 146 -31.34 -16.65 -32.62
N ASN G 147 -31.20 -15.98 -31.46
CA ASN G 147 -32.14 -14.97 -31.01
C ASN G 147 -31.39 -13.78 -30.41
N ALA G 148 -32.06 -12.64 -30.35
CA ALA G 148 -31.54 -11.53 -29.58
C ALA G 148 -32.69 -10.81 -28.88
N ALA G 149 -33.75 -11.57 -28.57
CA ALA G 149 -34.92 -11.05 -27.88
C ALA G 149 -35.46 -9.84 -28.62
N GLY G 150 -35.87 -8.82 -27.89
CA GLY G 150 -36.33 -7.63 -28.57
C GLY G 150 -35.15 -6.81 -29.02
N THR G 151 -34.50 -7.23 -30.09
CA THR G 151 -33.38 -6.49 -30.61
C THR G 151 -33.88 -5.65 -31.78
N ASN G 152 -33.28 -4.47 -31.94
CA ASN G 152 -33.52 -3.61 -33.09
C ASN G 152 -32.40 -3.69 -34.12
N ALA G 153 -31.73 -4.84 -34.21
CA ALA G 153 -30.48 -4.93 -34.95
C ALA G 153 -30.35 -6.31 -35.59
N GLN G 154 -29.38 -6.44 -36.50
CA GLN G 154 -29.00 -7.76 -37.00
C GLN G 154 -28.55 -8.65 -35.85
N LEU G 155 -28.89 -9.93 -35.95
CA LEU G 155 -28.32 -10.92 -35.04
C LEU G 155 -26.80 -10.82 -35.09
N GLY G 156 -26.15 -11.07 -33.97
CA GLY G 156 -24.70 -10.98 -33.91
C GLY G 156 -24.15 -9.60 -33.67
N ALA G 157 -24.99 -8.57 -33.51
CA ALA G 157 -24.45 -7.22 -33.35
C ALA G 157 -23.74 -7.03 -31.99
N SER G 158 -24.24 -7.68 -30.95
CA SER G 158 -23.63 -7.61 -29.63
C SER G 158 -22.22 -8.21 -29.63
N ARG G 159 -21.41 -7.76 -28.67
CA ARG G 159 -20.11 -8.39 -28.42
C ARG G 159 -20.26 -9.83 -27.93
N TYR G 160 -21.41 -10.19 -27.38
CA TYR G 160 -21.58 -11.44 -26.66
C TYR G 160 -22.39 -12.41 -27.48
N LEU G 161 -21.99 -13.68 -27.44
CA LEU G 161 -22.75 -14.78 -28.02
C LEU G 161 -22.85 -15.87 -26.96
N VAL G 162 -24.08 -16.16 -26.53
CA VAL G 162 -24.35 -17.17 -25.50
C VAL G 162 -25.02 -18.35 -26.18
N ALA G 163 -24.44 -19.53 -26.07
CA ALA G 163 -24.95 -20.66 -26.83
C ALA G 163 -24.98 -21.93 -26.00
N GLU G 164 -26.03 -22.71 -26.17
CA GLU G 164 -26.04 -24.08 -25.66
C GLU G 164 -24.91 -24.85 -26.30
N ALA G 165 -24.22 -25.65 -25.50
CA ALA G 165 -23.17 -26.54 -26.01
C ALA G 165 -23.57 -27.98 -25.65
N ASP G 166 -24.01 -28.71 -26.64
CA ASP G 166 -24.61 -30.04 -26.48
C ASP G 166 -23.55 -31.11 -26.71
N GLU G 167 -23.34 -31.97 -25.71
CA GLU G 167 -22.28 -32.97 -25.88
C GLU G 167 -22.61 -34.01 -26.95
N SER G 168 -23.84 -34.07 -27.44
CA SER G 168 -24.14 -34.96 -28.57
C SER G 168 -23.93 -34.28 -29.91
N ASP G 169 -23.70 -32.98 -29.93
CA ASP G 169 -23.49 -32.30 -31.21
C ASP G 169 -22.10 -32.64 -31.73
N ALA G 170 -22.01 -32.98 -33.02
CA ALA G 170 -20.71 -33.29 -33.62
C ALA G 170 -19.70 -32.14 -33.48
N SER G 171 -20.16 -30.90 -33.32
CA SER G 171 -19.24 -29.78 -33.22
C SER G 171 -18.86 -29.43 -31.79
N PHE G 172 -19.28 -30.24 -30.81
CA PHE G 172 -19.03 -29.93 -29.40
C PHE G 172 -17.59 -29.52 -29.13
N LEU G 173 -16.62 -30.31 -29.59
CA LEU G 173 -15.22 -30.05 -29.31
C LEU G 173 -14.62 -29.02 -30.25
N HIS G 174 -15.44 -28.33 -31.03
CA HIS G 174 -14.94 -27.28 -31.90
C HIS G 174 -15.45 -25.92 -31.47
N LEU G 175 -16.19 -25.84 -30.38
CA LEU G 175 -16.56 -24.54 -29.83
C LEU G 175 -15.34 -23.87 -29.22
N GLN G 176 -15.20 -22.57 -29.44
CA GLN G 176 -14.08 -21.78 -28.91
C GLN G 176 -14.61 -20.67 -28.00
N PRO G 177 -15.12 -21.02 -26.83
CA PRO G 177 -15.71 -20.03 -25.94
C PRO G 177 -14.67 -19.31 -25.10
N MET G 178 -15.10 -18.16 -24.55
CA MET G 178 -14.31 -17.47 -23.53
C MET G 178 -14.67 -17.94 -22.15
N VAL G 179 -15.91 -18.36 -21.96
CA VAL G 179 -16.44 -18.81 -20.68
C VAL G 179 -17.28 -20.04 -20.97
N ALA G 180 -17.19 -21.05 -20.11
CA ALA G 180 -17.99 -22.25 -20.31
C ALA G 180 -18.60 -22.68 -19.00
N VAL G 181 -19.88 -23.03 -19.01
CA VAL G 181 -20.57 -23.63 -17.87
C VAL G 181 -20.68 -25.13 -18.09
N VAL G 182 -20.58 -25.88 -17.01
CA VAL G 182 -20.97 -27.28 -17.02
C VAL G 182 -21.98 -27.44 -15.89
N THR G 183 -23.25 -27.56 -16.25
CA THR G 183 -24.30 -27.64 -15.23
C THR G 183 -24.34 -28.99 -14.54
N ASN G 184 -24.05 -30.07 -15.27
CA ASN G 184 -24.11 -31.44 -14.77
C ASN G 184 -23.67 -32.34 -15.92
N ILE G 185 -23.34 -33.59 -15.57
CA ILE G 185 -22.89 -34.57 -16.56
C ILE G 185 -23.71 -35.84 -16.38
N ASP G 186 -24.66 -36.06 -17.27
CA ASP G 186 -25.55 -37.21 -17.16
C ASP G 186 -25.24 -38.19 -18.30
N ALA G 187 -26.02 -39.25 -18.35
CA ALA G 187 -25.75 -40.36 -19.24
C ALA G 187 -26.63 -40.32 -20.50
N ASP G 188 -27.44 -39.28 -20.67
CA ASP G 188 -28.37 -39.22 -21.80
C ASP G 188 -27.70 -39.55 -23.14
N HIS G 189 -26.48 -39.05 -23.38
CA HIS G 189 -25.85 -39.15 -24.69
C HIS G 189 -24.67 -40.11 -24.72
N MET G 190 -24.70 -41.15 -23.90
CA MET G 190 -23.63 -42.15 -23.90
C MET G 190 -23.44 -42.79 -25.27
N ALA G 191 -24.52 -42.96 -26.04
CA ALA G 191 -24.40 -43.60 -27.36
C ALA G 191 -23.44 -42.83 -28.26
N THR G 192 -23.39 -41.50 -28.13
CA THR G 192 -22.43 -40.71 -28.88
C THR G 192 -20.99 -41.13 -28.59
N TYR G 193 -20.75 -41.70 -27.40
CA TYR G 193 -19.38 -41.98 -26.99
C TYR G 193 -19.16 -43.48 -26.75
N GLY G 194 -19.62 -44.30 -27.69
CA GLY G 194 -19.42 -45.74 -27.62
C GLY G 194 -20.15 -46.39 -26.49
N GLY G 195 -21.19 -45.74 -25.95
CA GLY G 195 -21.90 -46.28 -24.80
C GLY G 195 -21.06 -46.39 -23.56
N ASP G 196 -20.12 -45.48 -23.35
CA ASP G 196 -19.20 -45.55 -22.23
C ASP G 196 -19.20 -44.23 -21.47
N PHE G 197 -19.70 -44.25 -20.22
CA PHE G 197 -19.80 -43.02 -19.45
C PHE G 197 -18.42 -42.42 -19.18
N ASN G 198 -17.39 -43.25 -19.04
CA ASN G 198 -16.05 -42.70 -18.77
C ASN G 198 -15.51 -41.95 -19.98
N LYS G 199 -15.81 -42.42 -21.20
CA LYS G 199 -15.43 -41.66 -22.40
C LYS G 199 -16.19 -40.34 -22.46
N LEU G 200 -17.47 -40.36 -22.09
CA LEU G 200 -18.27 -39.14 -22.05
C LEU G 200 -17.67 -38.12 -21.08
N LYS G 201 -17.24 -38.56 -19.89
CA LYS G 201 -16.62 -37.67 -18.92
C LYS G 201 -15.34 -37.05 -19.47
N LYS G 202 -14.51 -37.86 -20.13
CA LYS G 202 -13.27 -37.31 -20.69
C LYS G 202 -13.57 -36.23 -21.72
N THR G 203 -14.67 -36.37 -22.46
CA THR G 203 -15.01 -35.36 -23.46
C THR G 203 -15.31 -34.01 -22.82
N PHE G 204 -15.93 -33.99 -21.63
CA PHE G 204 -16.15 -32.72 -20.93
C PHE G 204 -14.83 -32.11 -20.49
N VAL G 205 -13.87 -32.94 -20.10
CA VAL G 205 -12.54 -32.40 -19.79
C VAL G 205 -11.92 -31.80 -21.05
N GLU G 206 -11.95 -32.55 -22.16
CA GLU G 206 -11.38 -32.00 -23.39
CA GLU G 206 -11.41 -32.03 -23.42
C GLU G 206 -12.10 -30.73 -23.82
N PHE G 207 -13.43 -30.69 -23.66
CA PHE G 207 -14.19 -29.47 -23.96
C PHE G 207 -13.70 -28.28 -23.14
N LEU G 208 -13.55 -28.46 -21.83
CA LEU G 208 -13.11 -27.34 -21.00
C LEU G 208 -11.70 -26.91 -21.35
N HIS G 209 -10.89 -27.80 -21.90
CA HIS G 209 -9.54 -27.42 -22.29
C HIS G 209 -9.51 -26.65 -23.60
N ASN G 210 -10.66 -26.46 -24.26
CA ASN G 210 -10.71 -25.52 -25.37
C ASN G 210 -10.80 -24.08 -24.89
N LEU G 211 -11.05 -23.86 -23.60
CA LEU G 211 -10.91 -22.53 -23.06
C LEU G 211 -9.47 -22.06 -23.19
N PRO G 212 -9.25 -20.78 -23.40
CA PRO G 212 -7.90 -20.25 -23.28
C PRO G 212 -7.52 -20.15 -21.81
N PHE G 213 -6.22 -20.03 -21.56
CA PHE G 213 -5.76 -19.95 -20.17
C PHE G 213 -6.39 -18.77 -19.43
N TYR G 214 -6.79 -17.71 -20.15
CA TYR G 214 -7.51 -16.61 -19.54
C TYR G 214 -9.01 -16.83 -19.48
N GLY G 215 -9.51 -17.96 -19.97
CA GLY G 215 -10.94 -18.23 -19.98
C GLY G 215 -11.45 -18.56 -18.59
N LEU G 216 -12.74 -18.92 -18.52
CA LEU G 216 -13.33 -19.23 -17.22
C LEU G 216 -14.21 -20.44 -17.35
N ALA G 217 -14.02 -21.41 -16.48
CA ALA G 217 -14.90 -22.56 -16.36
C ALA G 217 -15.78 -22.39 -15.13
N VAL G 218 -17.09 -22.55 -15.32
CA VAL G 218 -18.10 -22.36 -14.28
C VAL G 218 -18.71 -23.73 -14.03
N MET G 219 -18.43 -24.32 -12.87
CA MET G 219 -18.67 -25.74 -12.65
C MET G 219 -19.63 -25.95 -11.49
N CYS G 220 -20.67 -26.73 -11.71
CA CYS G 220 -21.60 -27.05 -10.64
C CYS G 220 -21.07 -28.23 -9.83
N VAL G 221 -20.45 -27.95 -8.68
CA VAL G 221 -19.86 -29.03 -7.87
C VAL G 221 -20.88 -29.83 -7.08
N ASP G 222 -22.16 -29.48 -7.14
CA ASP G 222 -23.14 -30.39 -6.51
C ASP G 222 -23.19 -31.72 -7.26
N ASP G 223 -22.86 -31.71 -8.55
CA ASP G 223 -22.83 -32.95 -9.33
C ASP G 223 -21.55 -33.72 -9.01
N PRO G 224 -21.63 -34.96 -8.54
CA PRO G 224 -20.40 -35.70 -8.23
C PRO G 224 -19.53 -35.94 -9.45
N VAL G 225 -20.11 -35.97 -10.64
CA VAL G 225 -19.29 -36.15 -11.84
C VAL G 225 -18.49 -34.89 -12.13
N VAL G 226 -19.12 -33.72 -11.96
CA VAL G 226 -18.37 -32.48 -12.13
C VAL G 226 -17.26 -32.37 -11.11
N ARG G 227 -17.58 -32.74 -9.86
CA ARG G 227 -16.59 -32.68 -8.79
C ARG G 227 -15.40 -33.59 -9.08
N GLU G 228 -15.66 -34.73 -9.73
CA GLU G 228 -14.60 -35.67 -10.08
C GLU G 228 -13.62 -35.07 -11.10
N ILE G 229 -14.13 -34.40 -12.13
CA ILE G 229 -13.22 -33.91 -13.16
C ILE G 229 -12.58 -32.57 -12.81
N LEU G 230 -13.08 -31.90 -11.79
CA LEU G 230 -12.58 -30.58 -11.43
C LEU G 230 -11.05 -30.50 -11.33
N PRO G 231 -10.35 -31.41 -10.64
CA PRO G 231 -8.88 -31.27 -10.57
C PRO G 231 -8.17 -31.43 -11.90
N GLN G 232 -8.83 -31.92 -12.94
CA GLN G 232 -8.20 -32.02 -14.25
C GLN G 232 -8.32 -30.75 -15.07
N ILE G 233 -9.16 -29.80 -14.65
CA ILE G 233 -9.40 -28.59 -15.43
C ILE G 233 -8.24 -27.65 -15.12
N ALA G 234 -7.30 -27.55 -16.04
CA ALA G 234 -6.19 -26.63 -15.82
C ALA G 234 -6.52 -25.25 -16.35
N ARG G 235 -7.68 -24.73 -15.98
CA ARG G 235 -8.17 -23.43 -16.40
C ARG G 235 -8.76 -22.73 -15.19
N PRO G 236 -8.85 -21.39 -15.21
CA PRO G 236 -9.49 -20.70 -14.10
C PRO G 236 -10.91 -21.19 -13.91
N THR G 237 -11.29 -21.43 -12.66
CA THR G 237 -12.53 -22.10 -12.34
C THR G 237 -13.28 -21.38 -11.22
N VAL G 238 -14.58 -21.21 -11.37
CA VAL G 238 -15.44 -20.83 -10.27
C VAL G 238 -16.52 -21.91 -10.14
N THR G 239 -16.67 -22.46 -8.92
CA THR G 239 -17.65 -23.51 -8.67
C THR G 239 -18.90 -22.91 -8.04
N TYR G 240 -20.03 -23.60 -8.22
CA TYR G 240 -21.28 -23.12 -7.66
C TYR G 240 -22.16 -24.30 -7.28
N GLY G 241 -23.14 -24.02 -6.44
CA GLY G 241 -24.10 -25.01 -6.06
C GLY G 241 -24.57 -24.76 -4.64
N LEU G 242 -25.29 -25.74 -4.11
CA LEU G 242 -25.66 -25.69 -2.71
C LEU G 242 -24.56 -26.27 -1.83
N SER G 243 -23.59 -27.00 -2.41
CA SER G 243 -22.51 -27.58 -1.61
C SER G 243 -21.86 -26.52 -0.73
N GLU G 244 -21.52 -26.91 0.51
CA GLU G 244 -20.94 -25.96 1.45
C GLU G 244 -19.61 -25.42 0.96
N ASP G 245 -18.92 -26.16 0.11
CA ASP G 245 -17.60 -25.77 -0.37
C ASP G 245 -17.65 -25.11 -1.75
N ALA G 246 -18.83 -24.82 -2.30
CA ALA G 246 -18.91 -24.13 -3.58
C ALA G 246 -18.50 -22.66 -3.43
N ASP G 247 -17.84 -22.10 -4.46
CA ASP G 247 -17.45 -20.69 -4.41
C ASP G 247 -18.68 -19.78 -4.34
N VAL G 248 -19.68 -20.04 -5.18
CA VAL G 248 -20.90 -19.23 -5.25
C VAL G 248 -22.05 -20.13 -4.82
N ARG G 249 -22.74 -19.76 -3.74
CA ARG G 249 -23.72 -20.63 -3.10
C ARG G 249 -25.05 -19.93 -2.91
N ALA G 250 -26.11 -20.73 -2.82
CA ALA G 250 -27.44 -20.29 -2.48
C ALA G 250 -27.77 -20.77 -1.08
N ILE G 251 -28.29 -19.89 -0.23
CA ILE G 251 -28.76 -20.24 1.09
C ILE G 251 -30.13 -19.59 1.28
N ASN G 252 -30.80 -20.01 2.35
CA ASN G 252 -32.08 -19.44 2.78
C ASN G 252 -33.10 -19.46 1.64
N ILE G 253 -33.30 -20.63 1.07
CA ILE G 253 -34.22 -20.79 -0.03
C ILE G 253 -35.63 -20.79 0.52
N ARG G 254 -36.50 -19.99 -0.07
CA ARG G 254 -37.85 -19.87 0.43
C ARG G 254 -38.75 -19.57 -0.77
N GLN G 255 -40.05 -19.65 -0.54
CA GLN G 255 -41.05 -19.36 -1.55
C GLN G 255 -42.00 -18.28 -1.07
N GLU G 256 -42.41 -17.42 -2.00
CA GLU G 256 -43.49 -16.45 -1.81
C GLU G 256 -44.29 -16.48 -3.12
N GLY G 257 -45.31 -17.34 -3.16
CA GLY G 257 -46.05 -17.59 -4.39
C GLY G 257 -45.35 -18.59 -5.29
N MET G 258 -45.50 -18.38 -6.61
CA MET G 258 -44.76 -19.17 -7.59
C MET G 258 -43.34 -18.69 -7.76
N ARG G 259 -42.90 -17.79 -6.89
CA ARG G 259 -41.58 -17.17 -6.96
C ARG G 259 -40.68 -17.79 -5.90
N THR G 260 -39.46 -18.13 -6.30
CA THR G 260 -38.48 -18.69 -5.38
C THR G 260 -37.44 -17.64 -5.03
N TRP G 261 -37.21 -17.44 -3.75
CA TRP G 261 -36.24 -16.50 -3.25
C TRP G 261 -35.05 -17.24 -2.64
N PHE G 262 -33.87 -16.64 -2.76
CA PHE G 262 -32.71 -17.17 -2.07
C PHE G 262 -31.63 -16.10 -1.99
N THR G 263 -30.69 -16.33 -1.08
CA THR G 263 -29.56 -15.46 -0.87
C THR G 263 -28.33 -16.10 -1.50
N VAL G 264 -27.61 -15.34 -2.34
CA VAL G 264 -26.44 -15.85 -3.03
CA VAL G 264 -26.44 -15.82 -3.05
C VAL G 264 -25.19 -15.27 -2.39
N LEU G 265 -24.26 -16.15 -2.05
CA LEU G 265 -23.00 -15.77 -1.44
C LEU G 265 -21.93 -15.82 -2.53
N ARG G 266 -21.14 -14.76 -2.64
CA ARG G 266 -20.09 -14.71 -3.64
C ARG G 266 -18.79 -14.27 -2.98
N PRO G 267 -17.65 -14.80 -3.42
CA PRO G 267 -16.37 -14.39 -2.83
C PRO G 267 -16.22 -12.88 -2.90
N GLU G 268 -15.78 -12.29 -1.80
CA GLU G 268 -15.48 -10.86 -1.68
C GLU G 268 -16.67 -9.97 -2.06
N ARG G 269 -17.90 -10.47 -1.90
CA ARG G 269 -19.08 -9.63 -2.08
C ARG G 269 -20.01 -9.82 -0.90
N GLU G 270 -20.84 -8.81 -0.65
CA GLU G 270 -21.90 -8.94 0.34
C GLU G 270 -22.99 -9.89 -0.16
N PRO G 271 -23.69 -10.57 0.75
CA PRO G 271 -24.78 -11.46 0.31
C PRO G 271 -25.85 -10.68 -0.45
N LEU G 272 -26.41 -11.31 -1.48
CA LEU G 272 -27.36 -10.67 -2.38
C LEU G 272 -28.64 -11.51 -2.44
N ASP G 273 -29.77 -10.90 -2.12
CA ASP G 273 -31.06 -11.58 -2.25
C ASP G 273 -31.55 -11.52 -3.69
N VAL G 274 -31.95 -12.67 -4.23
CA VAL G 274 -32.50 -12.71 -5.58
C VAL G 274 -33.76 -13.55 -5.56
N SER G 275 -34.57 -13.42 -6.60
CA SER G 275 -35.75 -14.26 -6.78
C SER G 275 -35.85 -14.68 -8.23
N VAL G 276 -36.54 -15.79 -8.46
CA VAL G 276 -36.75 -16.31 -9.81
C VAL G 276 -38.17 -16.86 -9.89
N ASN G 277 -38.77 -16.75 -11.08
CA ASN G 277 -40.19 -17.07 -11.25
C ASN G 277 -40.43 -18.53 -11.58
N MET G 278 -39.52 -19.42 -11.23
CA MET G 278 -39.71 -20.81 -11.54
C MET G 278 -39.33 -21.62 -10.31
N PRO G 279 -40.02 -22.70 -10.03
CA PRO G 279 -39.77 -23.46 -8.82
C PRO G 279 -38.69 -24.51 -9.04
N GLY G 280 -38.19 -25.03 -7.92
CA GLY G 280 -37.31 -26.18 -7.97
C GLY G 280 -35.87 -25.81 -7.74
N LEU G 281 -35.13 -26.68 -7.07
CA LEU G 281 -33.72 -26.41 -6.87
C LEU G 281 -32.98 -26.33 -8.21
N HIS G 282 -33.46 -27.02 -9.25
CA HIS G 282 -32.74 -26.92 -10.51
C HIS G 282 -32.76 -25.50 -11.06
N ASN G 283 -33.82 -24.76 -10.83
CA ASN G 283 -33.80 -23.36 -11.29
C ASN G 283 -33.01 -22.44 -10.36
N VAL G 284 -32.83 -22.80 -9.09
CA VAL G 284 -31.84 -22.09 -8.27
C VAL G 284 -30.45 -22.29 -8.85
N LEU G 285 -30.15 -23.53 -9.25
CA LEU G 285 -28.84 -23.80 -9.82
C LEU G 285 -28.65 -23.08 -11.15
N ASN G 286 -29.68 -23.07 -12.02
CA ASN G 286 -29.60 -22.31 -13.25
C ASN G 286 -29.29 -20.85 -12.96
N SER G 287 -29.88 -20.30 -11.88
CA SER G 287 -29.63 -18.90 -11.54
C SER G 287 -28.21 -18.71 -11.01
N LEU G 288 -27.73 -19.65 -10.19
CA LEU G 288 -26.37 -19.53 -9.67
C LEU G 288 -25.36 -19.50 -10.80
N ALA G 289 -25.52 -20.39 -11.79
CA ALA G 289 -24.65 -20.38 -12.96
C ALA G 289 -24.70 -19.01 -13.63
N THR G 290 -25.91 -18.49 -13.84
CA THR G 290 -26.08 -17.17 -14.41
C THR G 290 -25.36 -16.12 -13.58
N ILE G 291 -25.51 -16.19 -12.26
CA ILE G 291 -24.92 -15.19 -11.38
C ILE G 291 -23.40 -15.23 -11.47
N VAL G 292 -22.82 -16.43 -11.56
CA VAL G 292 -21.36 -16.54 -11.69
C VAL G 292 -20.90 -15.85 -12.97
N ILE G 293 -21.58 -16.12 -14.09
CA ILE G 293 -21.20 -15.54 -15.37
CA ILE G 293 -21.15 -15.54 -15.35
C ILE G 293 -21.31 -14.03 -15.33
N ALA G 294 -22.45 -13.52 -14.83
CA ALA G 294 -22.67 -12.09 -14.79
C ALA G 294 -21.66 -11.40 -13.88
N THR G 295 -21.40 -12.00 -12.72
CA THR G 295 -20.42 -11.43 -11.80
C THR G 295 -19.06 -11.34 -12.45
N ASP G 296 -18.61 -12.43 -13.09
CA ASP G 296 -17.31 -12.38 -13.73
C ASP G 296 -17.29 -11.34 -14.85
N GLU G 297 -18.43 -11.09 -15.49
CA GLU G 297 -18.44 -10.10 -16.55
C GLU G 297 -18.54 -8.66 -16.02
N GLY G 298 -18.75 -8.47 -14.72
CA GLY G 298 -18.78 -7.12 -14.18
C GLY G 298 -20.15 -6.48 -14.15
N ILE G 299 -21.20 -7.26 -14.31
CA ILE G 299 -22.56 -6.76 -14.41
C ILE G 299 -23.08 -6.43 -13.01
N SER G 300 -23.84 -5.35 -12.89
CA SER G 300 -24.25 -4.87 -11.59
C SER G 300 -25.24 -5.81 -10.92
N ASP G 301 -25.35 -5.66 -9.59
CA ASP G 301 -26.37 -6.39 -8.83
C ASP G 301 -27.76 -6.06 -9.32
N GLU G 302 -28.03 -4.78 -9.60
CA GLU G 302 -29.35 -4.38 -10.06
CA GLU G 302 -29.37 -4.42 -10.03
C GLU G 302 -29.74 -5.13 -11.33
N ALA G 303 -28.81 -5.22 -12.29
CA ALA G 303 -29.10 -5.92 -13.53
C ALA G 303 -29.26 -7.42 -13.31
N ILE G 304 -28.48 -7.99 -12.38
CA ILE G 304 -28.65 -9.40 -12.05
C ILE G 304 -30.03 -9.65 -11.46
N VAL G 305 -30.43 -8.85 -10.48
CA VAL G 305 -31.73 -9.00 -9.84
C VAL G 305 -32.85 -8.83 -10.86
N GLN G 306 -32.76 -7.79 -11.70
CA GLN G 306 -33.79 -7.52 -12.69
C GLN G 306 -33.86 -8.61 -13.76
N GLY G 307 -32.72 -9.06 -14.27
CA GLY G 307 -32.76 -10.11 -15.29
C GLY G 307 -33.36 -11.41 -14.77
N LEU G 308 -32.97 -11.82 -13.55
CA LEU G 308 -33.48 -13.06 -12.98
C LEU G 308 -34.96 -12.96 -12.68
N SER G 309 -35.38 -11.88 -12.02
CA SER G 309 -36.78 -11.76 -11.64
C SER G 309 -37.65 -11.48 -12.86
N GLY G 310 -37.09 -10.90 -13.91
CA GLY G 310 -37.94 -10.61 -15.04
C GLY G 310 -38.07 -11.72 -16.06
N PHE G 311 -37.38 -12.85 -15.88
CA PHE G 311 -37.49 -13.94 -16.84
C PHE G 311 -38.75 -14.75 -16.57
N GLN G 312 -39.60 -14.89 -17.58
CA GLN G 312 -40.88 -15.56 -17.43
C GLN G 312 -40.71 -17.09 -17.37
N GLY G 313 -40.40 -17.71 -18.50
CA GLY G 313 -40.21 -19.15 -18.52
C GLY G 313 -40.57 -19.79 -19.85
N MET H 9 -10.70 3.07 -50.05
CA MET H 9 -9.52 3.17 -50.88
C MET H 9 -8.58 2.01 -50.61
N ARG H 10 -8.01 1.41 -51.67
CA ARG H 10 -7.18 0.23 -51.49
C ARG H 10 -5.86 0.32 -52.25
N ARG H 11 -5.82 1.01 -53.40
CA ARG H 11 -4.61 1.12 -54.20
CA ARG H 11 -4.62 1.13 -54.22
C ARG H 11 -4.07 2.54 -54.13
N ILE H 12 -2.86 2.69 -53.58
CA ILE H 12 -2.15 3.96 -53.51
C ILE H 12 -1.03 3.95 -54.55
N HIS H 13 -0.95 5.01 -55.35
CA HIS H 13 0.03 5.12 -56.43
C HIS H 13 1.01 6.26 -56.12
N PHE H 14 2.30 5.94 -56.06
CA PHE H 14 3.36 6.90 -55.77
C PHE H 14 4.02 7.33 -57.07
N VAL H 15 4.03 8.63 -57.36
CA VAL H 15 4.73 9.14 -58.52
C VAL H 15 6.15 9.48 -58.10
N GLY H 16 7.12 8.72 -58.60
CA GLY H 16 8.49 8.82 -58.13
C GLY H 16 8.74 7.98 -56.90
N ILE H 17 8.27 6.74 -56.91
CA ILE H 17 8.29 5.89 -55.72
C ILE H 17 9.71 5.57 -55.28
N GLY H 18 10.69 5.69 -56.16
CA GLY H 18 12.05 5.37 -55.74
C GLY H 18 12.74 6.44 -54.95
N GLY H 19 12.16 7.64 -54.88
CA GLY H 19 12.79 8.73 -54.13
C GLY H 19 12.96 8.39 -52.67
N ALA H 20 13.95 9.06 -52.06
CA ALA H 20 14.34 8.71 -50.69
C ALA H 20 13.23 8.98 -49.69
N GLY H 21 12.38 9.98 -49.94
CA GLY H 21 11.26 10.23 -49.04
C GLY H 21 9.98 9.48 -49.34
N MET H 22 9.88 8.80 -50.48
CA MET H 22 8.68 8.10 -50.94
C MET H 22 8.71 6.62 -50.62
N CYS H 23 9.86 5.98 -50.81
CA CYS H 23 9.94 4.52 -50.68
C CYS H 23 9.54 4.07 -49.28
N GLY H 24 9.90 4.84 -48.26
CA GLY H 24 9.55 4.44 -46.91
C GLY H 24 8.06 4.42 -46.67
N ILE H 25 7.36 5.44 -47.18
CA ILE H 25 5.91 5.51 -47.03
C ILE H 25 5.26 4.36 -47.75
N ALA H 26 5.75 4.05 -48.94
CA ALA H 26 5.20 2.95 -49.72
C ALA H 26 5.37 1.62 -48.99
N GLU H 27 6.51 1.43 -48.33
CA GLU H 27 6.74 0.18 -47.60
C GLU H 27 5.78 0.01 -46.43
N VAL H 28 5.54 1.09 -45.67
CA VAL H 28 4.60 1.00 -44.55
C VAL H 28 3.19 0.69 -45.05
N LEU H 29 2.78 1.30 -46.14
CA LEU H 29 1.44 1.01 -46.65
C LEU H 29 1.34 -0.45 -47.11
N LEU H 30 2.42 -0.99 -47.67
CA LEU H 30 2.45 -2.42 -47.96
C LEU H 30 2.29 -3.23 -46.67
N ASN H 31 3.01 -2.83 -45.63
CA ASN H 31 2.90 -3.51 -44.35
C ASN H 31 1.50 -3.40 -43.78
N LEU H 32 0.81 -2.30 -44.06
CA LEU H 32 -0.56 -2.13 -43.56
C LEU H 32 -1.58 -2.93 -44.38
N GLY H 33 -1.18 -3.54 -45.50
CA GLY H 33 -2.10 -4.37 -46.26
C GLY H 33 -2.71 -3.72 -47.51
N TYR H 34 -2.26 -2.53 -47.88
CA TYR H 34 -2.77 -1.83 -49.05
C TYR H 34 -2.13 -2.35 -50.33
N GLU H 35 -2.85 -2.20 -51.44
CA GLU H 35 -2.24 -2.32 -52.76
C GLU H 35 -1.44 -1.04 -53.04
N VAL H 36 -0.18 -1.20 -53.39
CA VAL H 36 0.72 -0.08 -53.62
C VAL H 36 1.35 -0.23 -55.00
N SER H 37 1.27 0.82 -55.80
CA SER H 37 1.99 0.89 -57.05
C SER H 37 2.81 2.17 -57.07
N GLY H 38 3.75 2.24 -57.99
CA GLY H 38 4.57 3.43 -58.09
C GLY H 38 5.32 3.47 -59.40
N SER H 39 5.61 4.67 -59.87
CA SER H 39 6.40 4.85 -61.07
C SER H 39 7.74 5.50 -60.74
N ASP H 40 8.74 5.24 -61.57
CA ASP H 40 10.00 5.93 -61.42
C ASP H 40 10.74 5.91 -62.75
N LEU H 41 11.69 6.82 -62.87
CA LEU H 41 12.45 6.91 -64.12
C LEU H 41 13.46 5.78 -64.25
N LYS H 42 13.99 5.28 -63.14
CA LYS H 42 14.99 4.22 -63.18
C LYS H 42 14.67 3.16 -62.15
N ALA H 43 14.80 1.90 -62.56
CA ALA H 43 14.76 0.81 -61.59
C ALA H 43 15.98 0.91 -60.70
N SER H 44 15.81 0.60 -59.42
CA SER H 44 16.92 0.61 -58.48
C SER H 44 16.70 -0.49 -57.46
N ALA H 45 17.69 -0.68 -56.58
CA ALA H 45 17.52 -1.62 -55.48
C ALA H 45 16.35 -1.21 -54.60
N VAL H 46 16.04 0.09 -54.55
CA VAL H 46 14.91 0.55 -53.76
C VAL H 46 13.60 0.08 -54.38
N THR H 47 13.48 0.19 -55.71
CA THR H 47 12.26 -0.29 -56.34
C THR H 47 12.20 -1.81 -56.36
N GLU H 48 13.36 -2.48 -56.46
CA GLU H 48 13.35 -3.94 -56.42
C GLU H 48 12.94 -4.44 -55.04
N ARG H 49 13.39 -3.78 -53.98
CA ARG H 49 12.95 -4.19 -52.66
C ARG H 49 11.45 -3.99 -52.50
N LEU H 50 10.94 -2.83 -52.95
CA LEU H 50 9.50 -2.60 -52.91
C LEU H 50 8.75 -3.65 -53.72
N GLU H 51 9.30 -4.04 -54.87
CA GLU H 51 8.61 -5.06 -55.65
C GLU H 51 8.61 -6.39 -54.93
N LYS H 52 9.73 -6.74 -54.28
CA LYS H 52 9.79 -7.98 -53.50
C LYS H 52 8.69 -8.03 -52.44
N PHE H 53 8.33 -6.88 -51.87
CA PHE H 53 7.32 -6.76 -50.82
C PHE H 53 5.90 -6.61 -51.36
N GLY H 54 5.70 -6.64 -52.67
CA GLY H 54 4.37 -6.60 -53.25
C GLY H 54 4.01 -5.35 -54.02
N ALA H 55 4.90 -4.35 -54.11
CA ALA H 55 4.60 -3.15 -54.88
C ALA H 55 4.64 -3.46 -56.37
N GLN H 56 3.76 -2.82 -57.13
CA GLN H 56 3.82 -2.89 -58.58
C GLN H 56 4.58 -1.66 -59.09
N ILE H 57 5.68 -1.90 -59.81
CA ILE H 57 6.60 -0.85 -60.21
C ILE H 57 6.48 -0.62 -61.70
N PHE H 58 6.34 0.63 -62.11
CA PHE H 58 6.39 1.03 -63.50
C PHE H 58 7.63 1.88 -63.73
N ILE H 59 8.37 1.61 -64.80
CA ILE H 59 9.50 2.43 -65.19
C ILE H 59 9.07 3.41 -66.27
N GLY H 60 9.31 4.69 -66.04
CA GLY H 60 8.79 5.70 -66.95
C GLY H 60 7.43 6.19 -66.51
N HIS H 61 7.11 7.40 -66.91
CA HIS H 61 5.86 8.04 -66.54
C HIS H 61 4.92 8.01 -67.74
N GLN H 62 3.77 7.36 -67.59
CA GLN H 62 2.74 7.41 -68.62
C GLN H 62 1.39 7.39 -67.92
N ALA H 63 0.39 7.99 -68.58
CA ALA H 63 -0.91 8.20 -67.96
C ALA H 63 -1.49 6.89 -67.42
N GLU H 64 -1.27 5.78 -68.14
CA GLU H 64 -1.86 4.50 -67.75
C GLU H 64 -1.31 3.94 -66.44
N ASN H 65 -0.15 4.43 -65.97
CA ASN H 65 0.38 3.91 -64.70
C ASN H 65 -0.57 4.21 -63.55
N ALA H 66 -1.38 5.26 -63.68
CA ALA H 66 -2.29 5.65 -62.61
C ALA H 66 -3.64 4.96 -62.70
N ASP H 67 -3.86 4.11 -63.70
CA ASP H 67 -5.13 3.40 -63.79
C ASP H 67 -5.35 2.53 -62.56
N GLY H 68 -6.56 2.58 -62.05
CA GLY H 68 -6.93 1.82 -60.87
C GLY H 68 -6.55 2.44 -59.55
N ALA H 69 -5.72 3.48 -59.53
CA ALA H 69 -5.31 4.08 -58.27
C ALA H 69 -6.50 4.76 -57.59
N ASP H 70 -6.59 4.61 -56.28
CA ASP H 70 -7.60 5.33 -55.53
C ASP H 70 -7.08 6.66 -55.00
N VAL H 71 -5.77 6.78 -54.81
CA VAL H 71 -5.12 8.02 -54.40
C VAL H 71 -3.74 8.00 -55.01
N LEU H 72 -3.23 9.19 -55.36
CA LEU H 72 -1.86 9.37 -55.82
C LEU H 72 -1.07 10.13 -54.75
N VAL H 73 0.20 9.78 -54.60
CA VAL H 73 1.13 10.48 -53.72
C VAL H 73 2.25 11.04 -54.57
N VAL H 74 2.49 12.36 -54.47
CA VAL H 74 3.48 13.00 -55.31
C VAL H 74 4.54 13.69 -54.46
N SER H 75 5.75 13.76 -55.00
CA SER H 75 6.90 14.21 -54.25
C SER H 75 6.76 15.68 -53.88
N SER H 76 7.17 15.99 -52.63
CA SER H 76 7.40 17.36 -52.20
C SER H 76 7.55 18.28 -53.39
N ALA H 77 6.50 19.06 -53.66
CA ALA H 77 6.25 19.91 -54.84
C ALA H 77 4.78 19.75 -55.20
N ARG H 80 3.11 18.45 -61.82
CA ARG H 80 1.70 18.66 -62.10
C ARG H 80 1.42 18.59 -63.59
N ALA H 81 2.44 18.89 -64.41
CA ALA H 81 2.40 18.53 -65.81
C ALA H 81 2.63 17.03 -66.04
N ASN H 82 3.05 16.30 -65.01
CA ASN H 82 3.28 14.87 -65.11
C ASN H 82 2.02 14.17 -65.61
N PRO H 83 2.11 13.28 -66.61
CA PRO H 83 0.89 12.67 -67.16
C PRO H 83 0.12 11.80 -66.18
N GLU H 84 0.79 11.20 -65.19
CA GLU H 84 0.07 10.44 -64.18
C GLU H 84 -0.75 11.35 -63.29
N VAL H 85 -0.17 12.47 -62.86
CA VAL H 85 -0.90 13.44 -62.05
C VAL H 85 -2.06 14.03 -62.85
N ALA H 86 -1.79 14.48 -64.07
CA ALA H 86 -2.83 15.07 -64.89
C ALA H 86 -3.98 14.09 -65.11
N SER H 87 -3.67 12.82 -65.36
CA SER H 87 -4.72 11.84 -65.56
C SER H 87 -5.57 11.69 -64.30
N ALA H 88 -4.92 11.67 -63.14
CA ALA H 88 -5.65 11.54 -61.89
C ALA H 88 -6.54 12.74 -61.62
N LEU H 89 -6.04 13.94 -61.89
CA LEU H 89 -6.84 15.14 -61.66
C LEU H 89 -8.06 15.14 -62.56
N GLU H 90 -7.87 14.84 -63.84
CA GLU H 90 -9.00 14.78 -64.77
C GLU H 90 -10.04 13.78 -64.32
N ARG H 91 -9.63 12.71 -63.64
CA ARG H 91 -10.57 11.69 -63.17
C ARG H 91 -10.93 11.84 -61.69
N ARG H 92 -10.58 12.95 -61.05
CA ARG H 92 -10.99 13.25 -59.67
C ARG H 92 -10.43 12.24 -58.66
N ILE H 93 -9.30 11.62 -58.97
CA ILE H 93 -8.56 10.88 -57.96
C ILE H 93 -7.81 11.89 -57.08
N PRO H 94 -7.85 11.75 -55.76
CA PRO H 94 -7.10 12.67 -54.91
C PRO H 94 -5.60 12.48 -55.08
N VAL H 95 -4.89 13.60 -55.08
CA VAL H 95 -3.45 13.65 -55.19
C VAL H 95 -2.95 14.27 -53.90
N VAL H 96 -2.30 13.49 -53.05
CA VAL H 96 -1.88 14.01 -51.76
C VAL H 96 -0.36 14.16 -51.74
N PRO H 97 0.14 15.22 -51.13
CA PRO H 97 1.59 15.39 -51.06
C PRO H 97 2.21 14.35 -50.11
N ARG H 98 3.48 14.06 -50.38
CA ARG H 98 4.24 13.11 -49.58
C ARG H 98 4.09 13.39 -48.09
N ALA H 99 4.24 14.66 -47.69
CA ALA H 99 4.22 15.02 -46.29
C ALA H 99 2.89 14.62 -45.63
N GLU H 100 1.78 14.72 -46.37
CA GLU H 100 0.49 14.40 -45.79
C GLU H 100 0.31 12.89 -45.62
N MET H 101 0.72 12.10 -46.60
CA MET H 101 0.62 10.65 -46.46
C MET H 101 1.50 10.16 -45.32
N LEU H 102 2.68 10.76 -45.18
CA LEU H 102 3.58 10.43 -44.08
C LEU H 102 2.91 10.70 -42.73
N ALA H 103 2.30 11.88 -42.59
CA ALA H 103 1.66 12.23 -41.33
C ALA H 103 0.51 11.28 -41.01
N GLU H 104 -0.16 10.80 -42.04
CA GLU H 104 -1.29 9.90 -41.92
C GLU H 104 -0.90 8.53 -41.37
N LEU H 105 0.36 8.12 -41.53
CA LEU H 105 0.74 6.78 -41.08
C LEU H 105 0.50 6.60 -39.59
N MET H 106 0.55 7.70 -38.84
CA MET H 106 0.35 7.66 -37.39
C MET H 106 -1.04 7.18 -37.00
N ARG H 107 -2.03 7.27 -37.90
CA ARG H 107 -3.37 6.81 -37.55
C ARG H 107 -3.42 5.30 -37.37
N TYR H 108 -2.46 4.57 -37.90
CA TYR H 108 -2.49 3.12 -37.84
C TYR H 108 -1.69 2.54 -36.70
N ARG H 109 -1.00 3.37 -35.92
CA ARG H 109 -0.01 2.87 -34.98
C ARG H 109 -0.15 3.64 -33.69
N HIS H 110 0.63 3.21 -32.69
CA HIS H 110 0.70 3.97 -31.47
C HIS H 110 1.68 5.11 -31.72
N GLY H 111 1.15 6.28 -32.05
CA GLY H 111 2.00 7.36 -32.57
C GLY H 111 2.56 8.21 -31.45
N ILE H 112 3.85 8.48 -31.51
CA ILE H 112 4.52 9.40 -30.59
C ILE H 112 5.03 10.59 -31.41
N ALA H 113 4.43 11.75 -31.24
CA ALA H 113 4.80 12.93 -32.02
C ALA H 113 5.78 13.79 -31.21
N VAL H 114 6.99 13.98 -31.73
CA VAL H 114 8.01 14.74 -31.04
C VAL H 114 8.00 16.13 -31.63
N ALA H 115 7.34 17.06 -30.96
CA ALA H 115 7.18 18.42 -31.42
C ALA H 115 8.07 19.37 -30.62
N GLY H 116 8.12 20.61 -31.08
CA GLY H 116 8.97 21.61 -30.50
C GLY H 116 9.87 22.19 -31.57
N THR H 117 10.37 23.41 -31.38
CA THR H 117 11.17 24.01 -32.44
C THR H 117 12.56 23.39 -32.52
N HIS H 118 13.16 23.06 -31.38
CA HIS H 118 14.51 22.50 -31.36
C HIS H 118 14.50 21.19 -30.59
N GLY H 119 15.39 20.28 -31.00
CA GLY H 119 15.59 19.01 -30.33
C GLY H 119 14.78 17.84 -30.84
N LYS H 120 14.03 18.02 -31.94
CA LYS H 120 13.17 16.95 -32.41
C LYS H 120 13.99 15.75 -32.87
N THR H 121 15.05 15.99 -33.63
CA THR H 121 15.81 14.89 -34.22
C THR H 121 16.46 14.02 -33.14
N THR H 122 17.15 14.65 -32.19
CA THR H 122 17.83 13.90 -31.15
C THR H 122 16.83 13.19 -30.24
N THR H 123 15.75 13.88 -29.86
CA THR H 123 14.77 13.26 -28.97
C THR H 123 14.09 12.08 -29.65
N THR H 124 13.75 12.23 -30.94
CA THR H 124 13.19 11.11 -31.69
C THR H 124 14.17 9.95 -31.70
N SER H 125 15.45 10.23 -31.97
CA SER H 125 16.46 9.18 -32.01
C SER H 125 16.64 8.51 -30.64
N LEU H 126 16.61 9.30 -29.56
CA LEU H 126 16.78 8.74 -28.22
C LEU H 126 15.60 7.85 -27.86
N ILE H 127 14.39 8.31 -28.18
CA ILE H 127 13.19 7.50 -27.95
C ILE H 127 13.27 6.20 -28.71
N ALA H 128 13.56 6.28 -30.00
CA ALA H 128 13.74 5.06 -30.77
C ALA H 128 14.77 4.16 -30.15
N SER H 129 15.85 4.74 -29.64
CA SER H 129 16.95 3.94 -29.11
C SER H 129 16.56 3.24 -27.81
N VAL H 130 15.79 3.92 -26.95
CA VAL H 130 15.30 3.32 -25.72
C VAL H 130 14.24 2.28 -26.02
N PHE H 131 13.28 2.61 -26.89
CA PHE H 131 12.28 1.62 -27.28
C PHE H 131 12.93 0.42 -27.93
N ALA H 132 13.96 0.63 -28.75
CA ALA H 132 14.67 -0.52 -29.33
C ALA H 132 15.29 -1.38 -28.24
N ALA H 133 15.91 -0.75 -27.25
CA ALA H 133 16.54 -1.50 -26.17
C ALA H 133 15.54 -2.32 -25.39
N GLY H 134 14.29 -1.88 -25.33
CA GLY H 134 13.23 -2.66 -24.74
C GLY H 134 12.59 -3.67 -25.66
N GLY H 135 13.14 -3.86 -26.86
CA GLY H 135 12.69 -4.92 -27.74
C GLY H 135 11.51 -4.58 -28.61
N LEU H 136 11.20 -3.29 -28.80
CA LEU H 136 9.98 -2.82 -29.47
C LEU H 136 10.19 -2.42 -30.93
N ASP H 137 11.44 -2.39 -31.43
CA ASP H 137 11.79 -2.16 -32.84
C ASP H 137 10.95 -1.07 -33.49
N PRO H 138 10.85 0.13 -32.93
CA PRO H 138 9.93 1.12 -33.48
C PRO H 138 10.37 1.61 -34.84
N THR H 139 9.39 1.98 -35.67
CA THR H 139 9.65 2.77 -36.87
C THR H 139 9.70 4.25 -36.48
N PHE H 140 10.68 4.99 -37.01
CA PHE H 140 10.77 6.39 -36.63
C PHE H 140 11.08 7.24 -37.85
N VAL H 141 10.68 8.52 -37.77
CA VAL H 141 10.77 9.45 -38.88
C VAL H 141 11.66 10.60 -38.44
N ILE H 142 12.82 10.71 -39.04
CA ILE H 142 13.67 11.88 -38.86
C ILE H 142 13.98 12.44 -40.23
N GLY H 143 13.92 13.77 -40.36
CA GLY H 143 14.18 14.42 -41.63
C GLY H 143 13.25 13.94 -42.73
N GLY H 144 12.00 13.63 -42.39
CA GLY H 144 11.10 13.11 -43.40
C GLY H 144 11.44 11.75 -43.95
N ARG H 145 12.34 11.01 -43.32
CA ARG H 145 12.74 9.68 -43.76
C ARG H 145 12.35 8.65 -42.71
N LEU H 146 11.66 7.60 -43.14
CA LEU H 146 11.26 6.54 -42.25
C LEU H 146 12.41 5.57 -42.02
N ASN H 147 12.61 5.19 -40.76
CA ASN H 147 13.69 4.27 -40.40
C ASN H 147 13.20 3.28 -39.36
N ALA H 148 13.91 2.17 -39.28
CA ALA H 148 13.73 1.27 -38.16
C ALA H 148 15.08 0.73 -37.73
N ALA H 149 16.13 1.52 -37.98
CA ALA H 149 17.50 1.22 -37.57
C ALA H 149 17.82 -0.21 -38.04
N GLY H 150 18.44 -1.03 -37.23
CA GLY H 150 18.68 -2.39 -37.63
C GLY H 150 17.42 -3.21 -37.48
N THR H 151 16.50 -3.08 -38.42
CA THR H 151 15.29 -3.88 -38.41
C THR H 151 15.43 -5.02 -39.41
N ASN H 152 14.82 -6.15 -39.09
CA ASN H 152 14.74 -7.29 -39.99
C ASN H 152 13.36 -7.41 -40.65
N ALA H 153 12.67 -6.30 -40.85
CA ALA H 153 11.27 -6.35 -41.22
C ALA H 153 10.94 -5.16 -42.13
N GLN H 154 9.74 -5.21 -42.71
CA GLN H 154 9.19 -4.03 -43.36
C GLN H 154 9.07 -2.89 -42.37
N LEU H 155 9.32 -1.67 -42.83
CA LEU H 155 8.99 -0.49 -42.04
C LEU H 155 7.53 -0.56 -41.62
N GLY H 156 7.23 -0.02 -40.44
CA GLY H 156 5.88 -0.05 -39.92
C GLY H 156 5.48 -1.33 -39.21
N ALA H 157 6.37 -2.32 -39.08
CA ALA H 157 5.93 -3.57 -38.47
C ALA H 157 5.65 -3.40 -36.98
N SER H 158 6.42 -2.57 -36.30
CA SER H 158 6.24 -2.32 -34.89
C SER H 158 4.87 -1.71 -34.60
N ARG H 159 4.42 -1.87 -33.36
CA ARG H 159 3.24 -1.16 -32.88
C ARG H 159 3.48 0.34 -32.82
N TYR H 160 4.73 0.78 -32.76
CA TYR H 160 5.08 2.15 -32.43
C TYR H 160 5.57 2.89 -33.65
N LEU H 161 5.16 4.15 -33.77
CA LEU H 161 5.69 5.06 -34.78
C LEU H 161 6.06 6.36 -34.08
N VAL H 162 7.35 6.70 -34.10
CA VAL H 162 7.89 7.88 -33.43
C VAL H 162 8.25 8.88 -34.52
N ALA H 163 7.65 10.08 -34.50
CA ALA H 163 7.87 10.98 -35.63
C ALA H 163 8.09 12.41 -35.18
N GLU H 164 9.04 13.10 -35.81
CA GLU H 164 9.15 14.54 -35.65
C GLU H 164 7.87 15.21 -36.09
N ALA H 165 7.42 16.19 -35.32
CA ALA H 165 6.24 16.98 -35.68
C ALA H 165 6.72 18.42 -35.83
N ASP H 166 6.83 18.88 -37.07
CA ASP H 166 7.41 20.18 -37.41
C ASP H 166 6.30 21.20 -37.56
N GLU H 167 6.34 22.27 -36.76
CA GLU H 167 5.26 23.24 -36.83
C GLU H 167 5.24 24.02 -38.15
N SER H 168 6.26 23.89 -38.99
CA SER H 168 6.23 24.50 -40.32
C SER H 168 5.61 23.59 -41.36
N ASP H 169 5.35 22.34 -41.02
CA ASP H 169 4.80 21.39 -41.97
C ASP H 169 3.29 21.62 -42.12
N ALA H 170 2.82 21.64 -43.37
CA ALA H 170 1.40 21.84 -43.63
C ALA H 170 0.51 20.80 -42.95
N SER H 171 1.05 19.64 -42.61
CA SER H 171 0.26 18.58 -41.98
C SER H 171 0.30 18.63 -40.46
N PHE H 172 0.94 19.64 -39.86
CA PHE H 172 1.13 19.67 -38.41
C PHE H 172 -0.16 19.36 -37.66
N LEU H 173 -1.25 20.08 -37.98
CA LEU H 173 -2.50 19.93 -37.25
C LEU H 173 -3.34 18.75 -37.74
N HIS H 174 -2.75 17.86 -38.53
CA HIS H 174 -3.46 16.66 -38.94
C HIS H 174 -2.81 15.42 -38.37
N LEU H 175 -1.77 15.57 -37.56
CA LEU H 175 -1.19 14.43 -36.89
C LEU H 175 -2.13 13.93 -35.80
N GLN H 176 -2.25 12.61 -35.67
CA GLN H 176 -3.13 12.00 -34.67
C GLN H 176 -2.30 11.12 -33.74
N PRO H 177 -1.47 11.71 -32.90
CA PRO H 177 -0.62 10.92 -32.02
C PRO H 177 -1.36 10.45 -30.77
N MET H 178 -0.77 9.43 -30.14
CA MET H 178 -1.20 9.02 -28.80
C MET H 178 -0.45 9.78 -27.73
N VAL H 179 0.78 10.16 -28.01
CA VAL H 179 1.63 10.90 -27.09
C VAL H 179 2.30 12.00 -27.88
N ALA H 180 2.45 13.17 -27.29
CA ALA H 180 3.10 14.28 -27.98
C ALA H 180 4.04 14.97 -27.01
N VAL H 181 5.26 15.25 -27.47
CA VAL H 181 6.23 16.04 -26.74
C VAL H 181 6.20 17.44 -27.30
N VAL H 182 6.39 18.43 -26.44
CA VAL H 182 6.72 19.78 -26.87
C VAL H 182 8.00 20.17 -26.15
N THR H 183 9.11 20.15 -26.87
CA THR H 183 10.41 20.42 -26.24
C THR H 183 10.58 21.90 -25.92
N ASN H 184 10.06 22.80 -26.77
CA ASN H 184 10.20 24.24 -26.65
C ASN H 184 9.45 24.90 -27.79
N ILE H 185 9.18 26.20 -27.66
CA ILE H 185 8.44 26.97 -28.66
C ILE H 185 9.28 28.20 -28.98
N ASP H 186 9.92 28.19 -30.13
CA ASP H 186 10.78 29.28 -30.54
C ASP H 186 10.13 29.97 -31.74
N ALA H 187 10.80 30.98 -32.27
CA ALA H 187 10.24 31.84 -33.29
C ALA H 187 10.73 31.50 -34.70
N ASP H 188 11.49 30.42 -34.86
CA ASP H 188 12.07 30.09 -36.16
C ASP H 188 11.03 30.12 -37.29
N HIS H 189 9.82 29.61 -37.05
CA HIS H 189 8.84 29.43 -38.11
C HIS H 189 7.67 30.41 -37.99
N MET H 190 7.93 31.60 -37.46
CA MET H 190 6.89 32.62 -37.37
C MET H 190 6.26 32.90 -38.73
N ALA H 191 7.07 32.88 -39.80
CA ALA H 191 6.53 33.20 -41.13
C ALA H 191 5.39 32.26 -41.52
N THR H 192 5.45 31.00 -41.10
CA THR H 192 4.35 30.08 -41.38
C THR H 192 3.05 30.61 -40.81
N TYR H 193 3.13 31.43 -39.76
CA TYR H 193 1.92 31.89 -39.09
C TYR H 193 1.83 33.42 -39.16
N GLY H 194 2.07 33.96 -40.35
CA GLY H 194 1.90 35.38 -40.59
C GLY H 194 2.87 36.27 -39.85
N GLY H 195 4.03 35.74 -39.48
CA GLY H 195 4.97 36.52 -38.69
C GLY H 195 4.46 36.89 -37.32
N ASP H 196 3.61 36.06 -36.70
CA ASP H 196 3.00 36.42 -35.43
C ASP H 196 3.24 35.30 -34.45
N PHE H 197 4.07 35.58 -33.43
CA PHE H 197 4.43 34.56 -32.47
C PHE H 197 3.22 34.09 -31.66
N ASN H 198 2.25 34.97 -31.41
CA ASN H 198 1.08 34.56 -30.64
C ASN H 198 0.22 33.57 -31.41
N LYS H 199 0.10 33.74 -32.72
CA LYS H 199 -0.58 32.72 -33.53
C LYS H 199 0.20 31.42 -33.53
N LEU H 200 1.53 31.50 -33.57
CA LEU H 200 2.33 30.28 -33.48
C LEU H 200 2.06 29.55 -32.17
N LYS H 201 2.02 30.28 -31.05
CA LYS H 201 1.71 29.64 -29.77
C LYS H 201 0.34 28.98 -29.80
N LYS H 202 -0.65 29.65 -30.39
CA LYS H 202 -1.99 29.06 -30.45
C LYS H 202 -1.97 27.74 -31.22
N THR H 203 -1.15 27.66 -32.26
CA THR H 203 -1.08 26.43 -33.04
C THR H 203 -0.57 25.26 -32.22
N PHE H 204 0.37 25.51 -31.30
CA PHE H 204 0.83 24.43 -30.42
C PHE H 204 -0.30 23.98 -29.50
N VAL H 205 -1.14 24.91 -29.05
CA VAL H 205 -2.29 24.52 -28.25
C VAL H 205 -3.23 23.65 -29.07
N GLU H 206 -3.52 24.04 -30.32
CA GLU H 206 -4.43 23.24 -31.13
CA GLU H 206 -4.43 23.25 -31.16
C GLU H 206 -3.83 21.89 -31.45
N PHE H 207 -2.51 21.85 -31.68
CA PHE H 207 -1.82 20.59 -31.88
C PHE H 207 -2.02 19.66 -30.69
N LEU H 208 -1.81 20.15 -29.47
CA LEU H 208 -1.97 19.28 -28.32
C LEU H 208 -3.41 18.83 -28.15
N HIS H 209 -4.38 19.61 -28.60
CA HIS H 209 -5.77 19.21 -28.47
C HIS H 209 -6.17 18.15 -29.49
N ASN H 210 -5.27 17.80 -30.42
CA ASN H 210 -5.54 16.64 -31.25
C ASN H 210 -5.24 15.34 -30.53
N LEU H 211 -4.58 15.38 -29.39
CA LEU H 211 -4.48 14.20 -28.55
C LEU H 211 -5.88 13.79 -28.11
N PRO H 212 -6.13 12.50 -27.97
CA PRO H 212 -7.40 12.08 -27.34
C PRO H 212 -7.32 12.29 -25.84
N PHE H 213 -8.50 12.29 -25.19
CA PHE H 213 -8.49 12.52 -23.75
C PHE H 213 -7.64 11.48 -23.01
N TYR H 214 -7.44 10.30 -23.57
CA TYR H 214 -6.55 9.31 -22.98
C TYR H 214 -5.09 9.49 -23.41
N GLY H 215 -4.79 10.50 -24.23
CA GLY H 215 -3.44 10.74 -24.70
C GLY H 215 -2.57 11.34 -23.60
N LEU H 216 -1.35 11.70 -23.98
CA LEU H 216 -0.42 12.29 -23.01
C LEU H 216 0.34 13.43 -23.66
N ALA H 217 0.38 14.57 -22.99
CA ALA H 217 1.25 15.66 -23.40
C ALA H 217 2.46 15.69 -22.48
N VAL H 218 3.64 15.73 -23.08
CA VAL H 218 4.92 15.74 -22.37
C VAL H 218 5.53 17.11 -22.64
N MET H 219 5.56 17.97 -21.62
CA MET H 219 5.80 19.40 -21.82
C MET H 219 7.07 19.82 -21.07
N CYS H 220 7.98 20.47 -21.78
CA CYS H 220 9.18 20.98 -21.13
C CYS H 220 8.87 22.32 -20.46
N VAL H 221 8.65 22.33 -19.15
CA VAL H 221 8.29 23.58 -18.47
C VAL H 221 9.47 24.49 -18.18
N ASP H 222 10.69 24.11 -18.56
CA ASP H 222 11.77 25.10 -18.45
C ASP H 222 11.57 26.22 -19.46
N ASP H 223 10.90 25.95 -20.56
CA ASP H 223 10.59 26.98 -21.55
C ASP H 223 9.43 27.86 -21.05
N PRO H 224 9.61 29.17 -20.91
CA PRO H 224 8.48 29.98 -20.41
C PRO H 224 7.28 29.96 -21.33
N VAL H 225 7.47 29.73 -22.63
CA VAL H 225 6.34 29.69 -23.54
C VAL H 225 5.53 28.43 -23.34
N VAL H 226 6.19 27.29 -23.16
CA VAL H 226 5.48 26.07 -22.84
C VAL H 226 4.74 26.22 -21.52
N ARG H 227 5.41 26.86 -20.55
CA ARG H 227 4.79 27.07 -19.25
C ARG H 227 3.53 27.94 -19.37
N GLU H 228 3.54 28.90 -20.29
CA GLU H 228 2.39 29.78 -20.50
C GLU H 228 1.17 29.02 -21.02
N ILE H 229 1.34 28.12 -21.99
CA ILE H 229 0.17 27.45 -22.57
C ILE H 229 -0.28 26.25 -21.74
N LEU H 230 0.53 25.82 -20.78
CA LEU H 230 0.22 24.63 -19.99
C LEU H 230 -1.20 24.60 -19.43
N PRO H 231 -1.72 25.66 -18.80
CA PRO H 231 -3.09 25.57 -18.27
C PRO H 231 -4.15 25.47 -19.33
N GLN H 232 -3.82 25.70 -20.59
CA GLN H 232 -4.81 25.56 -21.65
C GLN H 232 -4.91 24.13 -22.18
N ILE H 233 -3.97 23.26 -21.82
CA ILE H 233 -3.95 21.90 -22.35
C ILE H 233 -4.95 21.11 -21.51
N ALA H 234 -6.11 20.84 -22.06
CA ALA H 234 -7.07 20.04 -21.32
C ALA H 234 -6.85 18.56 -21.59
N ARG H 235 -5.61 18.10 -21.46
CA ARG H 235 -5.24 16.72 -21.70
C ARG H 235 -4.31 16.27 -20.58
N PRO H 236 -4.20 14.95 -20.33
CA PRO H 236 -3.24 14.49 -19.32
C PRO H 236 -1.84 14.97 -19.68
N THR H 237 -1.12 15.47 -18.68
CA THR H 237 0.17 16.15 -18.91
C THR H 237 1.20 15.67 -17.91
N VAL H 238 2.42 15.42 -18.39
CA VAL H 238 3.57 15.23 -17.52
C VAL H 238 4.61 16.27 -17.94
N THR H 239 5.11 17.06 -16.99
CA THR H 239 6.11 18.08 -17.29
C THR H 239 7.50 17.59 -16.92
N TYR H 240 8.52 18.17 -17.58
CA TYR H 240 9.90 17.80 -17.31
C TYR H 240 10.82 19.00 -17.49
N GLY H 241 12.01 18.89 -16.93
CA GLY H 241 13.02 19.92 -17.09
C GLY H 241 13.87 20.00 -15.84
N LEU H 242 14.68 21.05 -15.77
CA LEU H 242 15.42 21.32 -14.56
C LEU H 242 14.61 22.11 -13.54
N SER H 243 13.50 22.74 -13.96
CA SER H 243 12.67 23.51 -13.05
C SER H 243 12.32 22.70 -11.81
N GLU H 244 12.33 23.36 -10.65
CA GLU H 244 12.08 22.66 -9.39
C GLU H 244 10.67 22.09 -9.32
N ASP H 245 9.75 22.66 -10.08
CA ASP H 245 8.36 22.24 -10.05
C ASP H 245 8.00 21.28 -11.19
N ALA H 246 8.99 20.82 -11.95
CA ALA H 246 8.73 19.84 -13.00
C ALA H 246 8.42 18.47 -12.40
N ASP H 247 7.52 17.72 -13.07
CA ASP H 247 7.22 16.37 -12.61
C ASP H 247 8.44 15.47 -12.68
N VAL H 248 9.15 15.49 -13.80
CA VAL H 248 10.33 14.64 -14.03
C VAL H 248 11.53 15.57 -14.17
N ARG H 249 12.50 15.44 -13.26
CA ARG H 249 13.58 16.40 -13.15
C ARG H 249 14.94 15.72 -13.21
N ALA H 250 15.95 16.48 -13.62
CA ALA H 250 17.34 16.08 -13.61
C ALA H 250 18.08 16.84 -12.53
N ILE H 251 18.84 16.12 -11.69
CA ILE H 251 19.68 16.73 -10.66
C ILE H 251 21.07 16.09 -10.74
N ASN H 252 22.00 16.71 -10.02
CA ASN H 252 23.36 16.18 -9.85
C ASN H 252 24.01 15.88 -11.20
N ILE H 253 23.99 16.89 -12.06
CA ILE H 253 24.53 16.76 -13.41
C ILE H 253 26.05 16.84 -13.36
N ARG H 254 26.72 15.92 -14.07
CA ARG H 254 28.17 15.79 -14.06
C ARG H 254 28.66 15.36 -15.43
N GLN H 255 29.96 15.54 -15.64
CA GLN H 255 30.64 15.08 -16.84
C GLN H 255 31.82 14.21 -16.48
N GLU H 256 32.03 13.16 -17.29
CA GLU H 256 33.22 12.32 -17.28
C GLU H 256 33.54 12.08 -18.76
N GLY H 257 34.42 12.92 -19.32
CA GLY H 257 34.67 12.85 -20.74
C GLY H 257 33.59 13.56 -21.54
N MET H 258 33.28 13.01 -22.71
CA MET H 258 32.15 13.51 -23.50
C MET H 258 30.82 12.95 -23.01
N ARG H 259 30.82 12.29 -21.86
CA ARG H 259 29.62 11.67 -21.31
C ARG H 259 29.06 12.52 -20.18
N THR H 260 27.76 12.76 -20.21
CA THR H 260 27.05 13.53 -19.20
C THR H 260 26.24 12.58 -18.33
N TRP H 261 26.42 12.66 -17.01
CA TRP H 261 25.70 11.84 -16.06
C TRP H 261 24.68 12.70 -15.31
N PHE H 262 23.55 12.09 -14.95
CA PHE H 262 22.62 12.80 -14.07
C PHE H 262 21.64 11.82 -13.44
N THR H 263 20.98 12.30 -12.38
CA THR H 263 19.98 11.53 -11.65
C THR H 263 18.60 12.06 -12.02
N VAL H 264 17.69 11.17 -12.43
CA VAL H 264 16.34 11.57 -12.83
CA VAL H 264 16.33 11.58 -12.83
C VAL H 264 15.36 11.24 -11.72
N LEU H 265 14.57 12.23 -11.33
CA LEU H 265 13.53 12.06 -10.33
C LEU H 265 12.21 11.88 -11.06
N ARG H 266 11.45 10.86 -10.68
CA ARG H 266 10.15 10.61 -11.29
C ARG H 266 9.13 10.38 -10.20
N PRO H 267 7.89 10.83 -10.40
CA PRO H 267 6.85 10.61 -9.38
C PRO H 267 6.73 9.13 -9.05
N GLU H 268 6.69 8.84 -7.76
CA GLU H 268 6.49 7.47 -7.25
C GLU H 268 7.52 6.48 -7.77
N ARG H 269 8.72 6.94 -8.11
CA ARG H 269 9.83 6.05 -8.45
C ARG H 269 11.06 6.45 -7.67
N GLU H 270 11.96 5.48 -7.48
CA GLU H 270 13.25 5.80 -6.90
C GLU H 270 14.10 6.58 -7.90
N PRO H 271 15.03 7.40 -7.41
CA PRO H 271 15.92 8.12 -8.32
C PRO H 271 16.73 7.14 -9.16
N LEU H 272 16.94 7.48 -10.43
CA LEU H 272 17.60 6.61 -11.39
C LEU H 272 18.78 7.36 -11.99
N ASP H 273 19.98 6.76 -11.89
CA ASP H 273 21.16 7.36 -12.52
C ASP H 273 21.26 6.96 -13.99
N VAL H 274 21.42 7.95 -14.87
CA VAL H 274 21.56 7.70 -16.29
C VAL H 274 22.74 8.50 -16.81
N SER H 275 23.20 8.14 -18.01
CA SER H 275 24.22 8.91 -18.69
C SER H 275 23.87 8.98 -20.17
N VAL H 276 24.42 9.98 -20.84
CA VAL H 276 24.19 10.17 -22.26
C VAL H 276 25.53 10.60 -22.89
N ASN H 277 25.78 10.11 -24.11
CA ASN H 277 27.10 10.30 -24.72
CA ASN H 277 27.06 10.28 -24.77
C ASN H 277 27.16 11.57 -25.55
N MET H 278 26.51 12.62 -25.10
CA MET H 278 26.56 13.93 -25.74
C MET H 278 26.50 14.98 -24.64
N PRO H 279 27.18 16.10 -24.83
CA PRO H 279 27.19 17.13 -23.79
C PRO H 279 26.10 18.18 -23.99
N GLY H 280 25.88 18.97 -22.96
CA GLY H 280 25.02 20.13 -23.04
C GLY H 280 23.73 19.85 -22.31
N LEU H 281 23.19 20.90 -21.67
CA LEU H 281 21.92 20.73 -20.98
C LEU H 281 20.80 20.39 -21.96
N HIS H 282 20.92 20.82 -23.22
CA HIS H 282 19.86 20.49 -24.15
C HIS H 282 19.74 18.99 -24.33
N ASN H 283 20.83 18.26 -24.23
CA ASN H 283 20.74 16.81 -24.31
C ASN H 283 20.31 16.16 -23.00
N VAL H 284 20.50 16.81 -21.85
CA VAL H 284 19.83 16.33 -20.64
C VAL H 284 18.31 16.45 -20.82
N LEU H 285 17.86 17.56 -21.42
CA LEU H 285 16.43 17.74 -21.66
C LEU H 285 15.90 16.75 -22.70
N ASN H 286 16.63 16.53 -23.78
CA ASN H 286 16.23 15.52 -24.74
C ASN H 286 16.07 14.16 -24.07
N SER H 287 16.98 13.83 -23.14
CA SER H 287 16.90 12.56 -22.43
C SER H 287 15.72 12.54 -21.47
N LEU H 288 15.46 13.67 -20.77
CA LEU H 288 14.32 13.73 -19.87
C LEU H 288 13.01 13.46 -20.60
N ALA H 289 12.84 14.07 -21.79
CA ALA H 289 11.66 13.82 -22.60
C ALA H 289 11.53 12.34 -22.93
N THR H 290 12.64 11.73 -23.37
CA THR H 290 12.68 10.29 -23.65
C THR H 290 12.28 9.48 -22.43
N ILE H 291 12.80 9.85 -21.26
CA ILE H 291 12.51 9.12 -20.03
C ILE H 291 11.03 9.23 -19.67
N VAL H 292 10.44 10.41 -19.87
CA VAL H 292 9.00 10.54 -19.61
C VAL H 292 8.21 9.58 -20.50
N ILE H 293 8.55 9.56 -21.79
CA ILE H 293 7.83 8.71 -22.74
CA ILE H 293 7.79 8.71 -22.70
C ILE H 293 8.01 7.24 -22.39
N ALA H 294 9.26 6.85 -22.14
CA ALA H 294 9.53 5.45 -21.86
C ALA H 294 8.86 5.01 -20.56
N THR H 295 8.89 5.87 -19.54
CA THR H 295 8.26 5.55 -18.26
C THR H 295 6.77 5.33 -18.44
N ASP H 296 6.10 6.26 -19.14
CA ASP H 296 4.67 6.15 -19.32
C ASP H 296 4.32 4.91 -20.14
N GLU H 297 5.20 4.49 -21.05
CA GLU H 297 4.96 3.30 -21.83
C GLU H 297 5.29 2.02 -21.06
N GLY H 298 5.86 2.12 -19.86
CA GLY H 298 6.11 0.92 -19.07
C GLY H 298 7.46 0.28 -19.27
N ILE H 299 8.40 0.96 -19.89
CA ILE H 299 9.69 0.37 -20.22
C ILE H 299 10.58 0.33 -19.00
N SER H 300 11.35 -0.74 -18.87
CA SER H 300 12.14 -0.97 -17.66
C SER H 300 13.25 0.08 -17.54
N ASP H 301 13.74 0.24 -16.30
CA ASP H 301 14.89 1.10 -16.05
C ASP H 301 16.13 0.65 -16.84
N GLU H 302 16.33 -0.66 -16.96
CA GLU H 302 17.49 -1.18 -17.66
CA GLU H 302 17.51 -1.15 -17.66
CA GLU H 302 17.49 -1.18 -17.66
C GLU H 302 17.46 -0.79 -19.13
N ALA H 303 16.28 -0.87 -19.77
CA ALA H 303 16.20 -0.50 -21.18
C ALA H 303 16.38 1.00 -21.36
N ILE H 304 15.90 1.80 -20.40
CA ILE H 304 16.13 3.25 -20.43
C ILE H 304 17.62 3.56 -20.32
N VAL H 305 18.28 2.98 -19.32
CA VAL H 305 19.71 3.22 -19.12
C VAL H 305 20.49 2.78 -20.34
N GLN H 306 20.16 1.60 -20.89
CA GLN H 306 20.87 1.09 -22.05
C GLN H 306 20.60 1.94 -23.30
N GLY H 307 19.34 2.31 -23.53
CA GLY H 307 19.02 3.10 -24.71
C GLY H 307 19.72 4.46 -24.72
N LEU H 308 19.73 5.14 -23.58
CA LEU H 308 20.35 6.46 -23.49
C LEU H 308 21.86 6.35 -23.62
N SER H 309 22.45 5.39 -22.90
CA SER H 309 23.91 5.28 -22.82
C SER H 309 24.51 4.81 -24.13
N GLY H 310 23.76 4.05 -24.91
CA GLY H 310 24.29 3.51 -26.15
C GLY H 310 24.08 4.40 -27.34
N PHE H 311 23.44 5.54 -27.17
CA PHE H 311 23.20 6.42 -28.32
C PHE H 311 24.47 7.21 -28.60
N GLN H 312 24.99 7.09 -29.83
CA GLN H 312 26.25 7.73 -30.19
C GLN H 312 26.06 9.23 -30.42
N GLY H 313 25.37 9.59 -31.49
CA GLY H 313 25.12 10.99 -31.79
C GLY H 313 24.96 11.28 -33.28
#